data_6YVB
#
_entry.id   6YVB
#
_cell.length_a   103.268
_cell.length_b   109.481
_cell.length_c   212.042
_cell.angle_alpha   90.000
_cell.angle_beta   90.000
_cell.angle_gamma   90.000
#
_symmetry.space_group_name_H-M   'P 21 21 21'
#
loop_
_entity.id
_entity.type
_entity.pdbx_description
1 polymer PYRB
2 non-polymer 'PHOSPHORIC ACID MONO(FORMAMIDE)ESTER'
3 non-polymer GLYCEROL
4 non-polymer 'ACETATE ION'
5 water water
#
_entity_poly.entity_id   1
_entity_poly.type   'polypeptide(L)'
_entity_poly.pdbx_seq_one_letter_code
;MGSSHHHHHHSSGLEVLFQGPHMFELSDVIEGKQFDREMLSAIFDVAREMEKIEKSSSQSEILKGYLMATLFYEPSTRTR
LSFESAMKRLGGEVLTTENAREFSSAAKGETLEDTIRTVEGYSDIIVMRHFESGAARKAAATANIPVINAGDGPGEHPTQ
ALLDVYTIQSEIGKLDGISVALVGDLANGRTVRSLAYLLAKFKDVKIYFVSPEIVKMKDDIKDYLTSSGVEWEESSDLME
VASKCDVVYQTRIQRERFGERLDLYEAARGKFIVDKDLLGVMQKKAIIMHPLPRLDEITADVDADPRAAYFRQAKNGLFI
RMALLKLLLVGW
;
_entity_poly.pdbx_strand_id   A,B,C,D,E,F
#
# COMPACT_ATOMS: atom_id res chain seq x y z
N HIS A 22 14.87 -29.60 -36.70
CA HIS A 22 13.73 -30.41 -36.16
C HIS A 22 13.07 -29.72 -34.95
N MET A 23 11.88 -30.20 -34.58
CA MET A 23 11.10 -29.81 -33.38
C MET A 23 11.97 -29.99 -32.12
N PHE A 24 11.99 -28.98 -31.25
CA PHE A 24 12.58 -29.12 -29.89
C PHE A 24 11.88 -30.27 -29.17
N GLU A 25 12.64 -31.12 -28.48
CA GLU A 25 12.10 -32.31 -27.79
C GLU A 25 11.24 -31.88 -26.59
N LEU A 26 11.40 -30.66 -26.05
CA LEU A 26 10.56 -30.19 -24.92
C LEU A 26 9.41 -29.34 -25.47
N SER A 27 8.23 -29.52 -24.92
CA SER A 27 7.06 -28.71 -25.30
CA SER A 27 7.01 -28.75 -25.25
C SER A 27 6.97 -27.48 -24.39
N ASP A 28 7.64 -27.52 -23.23
CA ASP A 28 7.60 -26.48 -22.19
C ASP A 28 8.91 -26.56 -21.40
N VAL A 29 9.31 -25.48 -20.78
CA VAL A 29 10.51 -25.45 -19.90
C VAL A 29 10.01 -25.14 -18.49
N ILE A 30 9.96 -26.18 -17.68
CA ILE A 30 9.24 -26.14 -16.37
C ILE A 30 10.15 -26.52 -15.19
N GLU A 31 10.92 -27.61 -15.30
N GLU A 31 10.93 -27.61 -15.30
CA GLU A 31 11.63 -28.24 -14.14
CA GLU A 31 11.68 -28.16 -14.16
C GLU A 31 12.98 -28.81 -14.59
C GLU A 31 13.02 -28.70 -14.64
N GLY A 32 14.01 -28.68 -13.75
CA GLY A 32 15.34 -29.19 -14.06
C GLY A 32 15.34 -30.68 -14.45
N LYS A 33 14.43 -31.47 -13.90
CA LYS A 33 14.39 -32.92 -14.17
C LYS A 33 14.00 -33.19 -15.64
N GLN A 34 13.62 -32.19 -16.43
CA GLN A 34 13.34 -32.40 -17.88
C GLN A 34 14.64 -32.61 -18.64
N PHE A 35 15.79 -32.31 -18.06
CA PHE A 35 17.07 -32.14 -18.78
C PHE A 35 17.97 -33.33 -18.53
N ASP A 36 18.52 -33.88 -19.62
CA ASP A 36 19.70 -34.78 -19.54
C ASP A 36 20.96 -34.01 -19.92
N ARG A 37 22.14 -34.57 -19.67
CA ARG A 37 23.38 -33.84 -19.95
C ARG A 37 23.53 -33.55 -21.45
N GLU A 38 23.03 -34.42 -22.31
CA GLU A 38 23.15 -34.18 -23.77
C GLU A 38 22.33 -32.96 -24.15
N MET A 39 21.10 -32.87 -23.65
CA MET A 39 20.22 -31.72 -23.92
C MET A 39 20.85 -30.44 -23.36
N LEU A 40 21.46 -30.47 -22.16
CA LEU A 40 22.12 -29.27 -21.60
C LEU A 40 23.22 -28.81 -22.53
N SER A 41 24.08 -29.73 -22.99
CA SER A 41 25.23 -29.40 -23.84
C SER A 41 24.75 -28.77 -25.17
N ALA A 42 23.66 -29.29 -25.72
CA ALA A 42 23.07 -28.84 -27.01
C ALA A 42 22.47 -27.44 -26.81
N ILE A 43 21.78 -27.20 -25.69
CA ILE A 43 21.21 -25.85 -25.42
C ILE A 43 22.35 -24.84 -25.29
N PHE A 44 23.46 -25.21 -24.63
CA PHE A 44 24.60 -24.30 -24.41
C PHE A 44 25.22 -23.92 -25.76
N ASP A 45 25.28 -24.85 -26.70
CA ASP A 45 25.75 -24.57 -28.08
C ASP A 45 24.79 -23.59 -28.74
N VAL A 46 23.49 -23.75 -28.53
CA VAL A 46 22.53 -22.75 -29.11
C VAL A 46 22.77 -21.37 -28.44
N ALA A 47 23.01 -21.34 -27.13
CA ALA A 47 23.26 -20.09 -26.36
C ALA A 47 24.48 -19.34 -26.93
N ARG A 48 25.50 -20.07 -27.37
CA ARG A 48 26.70 -19.47 -28.01
C ARG A 48 26.29 -18.87 -29.37
N GLU A 49 25.37 -19.51 -30.09
N GLU A 49 25.40 -19.55 -30.11
CA GLU A 49 24.87 -18.95 -31.38
CA GLU A 49 24.84 -18.96 -31.37
C GLU A 49 24.01 -17.70 -31.11
C GLU A 49 24.15 -17.63 -31.00
N MET A 50 23.34 -17.65 -29.95
CA MET A 50 22.53 -16.47 -29.57
C MET A 50 23.44 -15.31 -29.18
N GLU A 51 24.59 -15.60 -28.56
CA GLU A 51 25.61 -14.57 -28.21
C GLU A 51 26.13 -13.91 -29.50
N LYS A 52 26.38 -14.65 -30.57
CA LYS A 52 26.83 -14.07 -31.87
C LYS A 52 25.74 -13.18 -32.44
N ILE A 53 24.48 -13.60 -32.35
CA ILE A 53 23.33 -12.78 -32.83
C ILE A 53 23.26 -11.49 -32.04
N GLU A 54 23.36 -11.57 -30.71
CA GLU A 54 23.27 -10.35 -29.87
C GLU A 54 24.38 -9.37 -30.24
N LYS A 55 25.58 -9.88 -30.51
CA LYS A 55 26.77 -9.04 -30.83
C LYS A 55 26.69 -8.42 -32.23
N SER A 56 25.96 -9.01 -33.17
CA SER A 56 25.84 -8.52 -34.56
C SER A 56 25.14 -7.15 -34.60
N SER A 57 25.36 -6.36 -35.65
CA SER A 57 24.74 -5.03 -35.81
C SER A 57 23.42 -5.15 -36.59
N SER A 58 23.12 -6.32 -37.15
CA SER A 58 21.84 -6.66 -37.83
C SER A 58 20.79 -7.14 -36.84
N GLN A 59 19.57 -6.57 -36.92
CA GLN A 59 18.35 -7.03 -36.19
C GLN A 59 18.01 -8.43 -36.69
N SER A 60 18.04 -9.43 -35.82
CA SER A 60 17.56 -10.80 -36.12
C SER A 60 16.06 -10.79 -36.43
N GLU A 61 15.61 -11.64 -37.35
CA GLU A 61 14.18 -11.81 -37.66
C GLU A 61 13.76 -13.23 -37.37
N ILE A 62 14.55 -13.97 -36.60
CA ILE A 62 14.23 -15.39 -36.33
C ILE A 62 12.81 -15.48 -35.74
N LEU A 63 12.43 -14.60 -34.81
CA LEU A 63 11.11 -14.71 -34.17
C LEU A 63 10.18 -13.56 -34.62
N LYS A 64 10.43 -12.99 -35.78
CA LYS A 64 9.51 -12.01 -36.39
C LYS A 64 8.12 -12.63 -36.53
N GLY A 65 7.12 -11.90 -36.11
CA GLY A 65 5.72 -12.37 -36.14
C GLY A 65 5.30 -13.14 -34.91
N TYR A 66 6.19 -13.53 -34.00
CA TYR A 66 5.76 -14.27 -32.77
C TYR A 66 5.55 -13.27 -31.64
N LEU A 67 4.62 -13.58 -30.74
CA LEU A 67 4.28 -12.76 -29.55
C LEU A 67 4.47 -13.59 -28.29
N MET A 68 5.20 -13.03 -27.31
N MET A 68 5.26 -13.06 -27.34
CA MET A 68 5.42 -13.61 -25.96
CA MET A 68 5.38 -13.61 -25.95
C MET A 68 4.57 -12.81 -24.98
C MET A 68 4.46 -12.79 -25.05
N ALA A 69 3.75 -13.49 -24.16
CA ALA A 69 2.99 -12.85 -23.09
C ALA A 69 3.78 -13.17 -21.82
N THR A 70 4.11 -12.14 -21.05
CA THR A 70 4.64 -12.38 -19.67
C THR A 70 3.50 -12.36 -18.66
N LEU A 71 3.65 -13.14 -17.60
CA LEU A 71 2.75 -13.11 -16.43
C LEU A 71 3.65 -13.11 -15.22
N PHE A 72 3.91 -11.95 -14.64
CA PHE A 72 4.75 -11.80 -13.43
C PHE A 72 3.84 -11.46 -12.25
N TYR A 73 3.67 -12.45 -11.37
CA TYR A 73 2.87 -12.34 -10.13
C TYR A 73 3.79 -11.92 -8.96
N GLU A 74 5.10 -11.99 -9.15
CA GLU A 74 6.10 -11.53 -8.16
C GLU A 74 7.08 -10.61 -8.83
N PRO A 75 7.76 -9.75 -8.06
CA PRO A 75 8.75 -8.84 -8.63
C PRO A 75 9.90 -9.60 -9.29
N SER A 76 10.48 -8.96 -10.31
CA SER A 76 11.65 -9.47 -11.04
C SER A 76 12.35 -8.32 -11.74
N THR A 77 13.69 -8.34 -11.73
CA THR A 77 14.50 -7.50 -12.61
C THR A 77 15.16 -8.35 -13.67
N ARG A 78 15.99 -9.29 -13.24
CA ARG A 78 16.80 -10.05 -14.20
C ARG A 78 15.86 -10.86 -15.07
N THR A 79 14.98 -11.67 -14.48
CA THR A 79 14.24 -12.70 -15.23
C THR A 79 13.31 -11.98 -16.22
N ARG A 80 12.61 -11.00 -15.74
CA ARG A 80 11.58 -10.26 -16.51
C ARG A 80 12.22 -9.56 -17.70
N LEU A 81 13.24 -8.75 -17.46
CA LEU A 81 13.88 -7.95 -18.53
C LEU A 81 14.70 -8.86 -19.45
N SER A 82 15.30 -9.93 -18.95
CA SER A 82 16.13 -10.79 -19.86
C SER A 82 15.19 -11.53 -20.83
N PHE A 83 14.05 -12.03 -20.37
CA PHE A 83 13.10 -12.71 -21.29
C PHE A 83 12.60 -11.72 -22.36
N GLU A 84 12.27 -10.51 -21.96
CA GLU A 84 11.71 -9.49 -22.89
CA GLU A 84 11.71 -9.51 -22.91
C GLU A 84 12.78 -9.07 -23.90
N SER A 85 13.99 -8.81 -23.42
CA SER A 85 15.15 -8.51 -24.27
C SER A 85 15.37 -9.67 -25.25
N ALA A 86 15.38 -10.89 -24.74
CA ALA A 86 15.65 -12.10 -25.56
C ALA A 86 14.68 -12.14 -26.73
N MET A 87 13.41 -11.99 -26.44
CA MET A 87 12.36 -12.05 -27.50
C MET A 87 12.62 -10.94 -28.52
N LYS A 88 12.91 -9.73 -28.06
CA LYS A 88 13.06 -8.55 -28.95
C LYS A 88 14.38 -8.59 -29.74
N ARG A 89 15.46 -9.12 -29.16
CA ARG A 89 16.77 -9.31 -29.86
C ARG A 89 16.53 -10.32 -30.99
N LEU A 90 15.54 -11.20 -30.88
CA LEU A 90 15.23 -12.19 -31.95
C LEU A 90 14.18 -11.64 -32.94
N GLY A 91 13.66 -10.42 -32.74
CA GLY A 91 12.69 -9.75 -33.64
C GLY A 91 11.25 -10.06 -33.31
N GLY A 92 10.98 -10.74 -32.19
CA GLY A 92 9.62 -11.00 -31.69
C GLY A 92 9.07 -9.83 -30.90
N GLU A 93 7.81 -9.89 -30.50
N GLU A 93 7.82 -9.95 -30.46
CA GLU A 93 7.22 -8.81 -29.66
CA GLU A 93 7.09 -8.90 -29.73
C GLU A 93 6.75 -9.41 -28.33
C GLU A 93 6.71 -9.44 -28.34
N VAL A 94 6.41 -8.54 -27.41
CA VAL A 94 6.08 -8.89 -26.02
C VAL A 94 4.86 -8.16 -25.55
N LEU A 95 3.97 -8.90 -24.93
CA LEU A 95 2.78 -8.34 -24.21
C LEU A 95 3.04 -8.54 -22.72
N THR A 96 3.27 -7.47 -21.97
CA THR A 96 3.71 -7.66 -20.56
C THR A 96 2.52 -7.55 -19.63
N THR A 97 2.53 -8.38 -18.59
CA THR A 97 1.68 -8.24 -17.40
C THR A 97 2.59 -8.37 -16.19
N GLU A 98 2.80 -7.31 -15.44
CA GLU A 98 3.48 -7.40 -14.13
C GLU A 98 2.46 -7.11 -13.05
N ASN A 99 2.76 -7.52 -11.82
CA ASN A 99 1.77 -7.54 -10.73
C ASN A 99 0.46 -7.90 -11.43
N ALA A 100 0.40 -9.14 -11.91
CA ALA A 100 -0.82 -9.86 -12.35
C ALA A 100 -1.77 -10.02 -11.16
N ARG A 101 -1.25 -9.92 -9.92
CA ARG A 101 -2.04 -9.89 -8.65
C ARG A 101 -2.87 -8.60 -8.54
N GLU A 102 -2.36 -7.48 -9.08
CA GLU A 102 -2.92 -6.09 -8.89
C GLU A 102 -3.58 -5.56 -10.19
N PHE A 103 -2.92 -5.63 -11.37
CA PHE A 103 -3.32 -4.94 -12.64
C PHE A 103 -3.96 -5.90 -13.67
N SER A 104 -3.89 -7.24 -13.47
CA SER A 104 -4.60 -8.32 -14.23
C SER A 104 -6.00 -8.55 -13.63
N SER A 105 -6.89 -9.26 -14.35
CA SER A 105 -8.23 -9.70 -13.86
C SER A 105 -8.09 -10.92 -12.92
N ALA A 106 -6.84 -11.36 -12.65
CA ALA A 106 -6.43 -12.19 -11.49
C ALA A 106 -6.59 -11.40 -10.17
N ALA A 107 -6.64 -10.06 -10.23
CA ALA A 107 -7.04 -9.15 -9.12
C ALA A 107 -8.55 -9.26 -8.78
N LYS A 108 -9.37 -10.03 -9.52
CA LYS A 108 -10.83 -10.26 -9.24
C LYS A 108 -11.13 -11.77 -9.04
N GLY A 109 -10.11 -12.62 -8.81
CA GLY A 109 -10.21 -14.03 -8.37
C GLY A 109 -10.11 -15.07 -9.50
N GLU A 110 -9.75 -14.65 -10.72
CA GLU A 110 -9.70 -15.54 -11.92
C GLU A 110 -8.71 -16.68 -11.68
N THR A 111 -9.06 -17.93 -11.99
CA THR A 111 -8.17 -19.08 -11.79
C THR A 111 -7.00 -19.01 -12.76
N LEU A 112 -5.87 -19.60 -12.40
CA LEU A 112 -4.72 -19.68 -13.34
C LEU A 112 -5.17 -20.27 -14.70
N GLU A 113 -5.91 -21.40 -14.69
CA GLU A 113 -6.30 -22.12 -15.91
C GLU A 113 -7.10 -21.17 -16.81
N ASP A 114 -7.94 -20.30 -16.22
CA ASP A 114 -8.71 -19.31 -17.01
C ASP A 114 -7.78 -18.23 -17.57
N THR A 115 -6.83 -17.73 -16.76
CA THR A 115 -5.86 -16.72 -17.23
C THR A 115 -5.13 -17.33 -18.43
N ILE A 116 -4.65 -18.57 -18.30
CA ILE A 116 -3.80 -19.18 -19.36
C ILE A 116 -4.63 -19.36 -20.65
N ARG A 117 -5.87 -19.85 -20.55
CA ARG A 117 -6.72 -20.09 -21.74
C ARG A 117 -7.08 -18.75 -22.36
N THR A 118 -7.16 -17.68 -21.57
CA THR A 118 -7.44 -16.35 -22.12
C THR A 118 -6.18 -15.86 -22.86
N VAL A 119 -5.04 -15.85 -22.17
CA VAL A 119 -3.82 -15.19 -22.67
C VAL A 119 -3.31 -15.92 -23.91
N GLU A 120 -3.45 -17.23 -23.99
CA GLU A 120 -2.98 -17.98 -25.17
C GLU A 120 -3.75 -17.55 -26.44
N GLY A 121 -4.94 -16.96 -26.34
CA GLY A 121 -5.64 -16.42 -27.54
C GLY A 121 -4.90 -15.25 -28.16
N TYR A 122 -4.07 -14.58 -27.38
CA TYR A 122 -3.39 -13.34 -27.81
C TYR A 122 -1.89 -13.52 -28.09
N SER A 123 -1.34 -14.73 -27.91
CA SER A 123 0.13 -14.90 -27.89
C SER A 123 0.53 -16.28 -28.40
N ASP A 124 1.84 -16.50 -28.53
CA ASP A 124 2.42 -17.71 -29.15
C ASP A 124 3.26 -18.44 -28.11
N ILE A 125 3.59 -17.77 -27.01
CA ILE A 125 4.41 -18.40 -25.92
C ILE A 125 4.18 -17.61 -24.64
N ILE A 126 4.06 -18.31 -23.54
CA ILE A 126 3.78 -17.66 -22.23
C ILE A 126 5.00 -17.88 -21.34
N VAL A 127 5.45 -16.80 -20.72
CA VAL A 127 6.54 -16.81 -19.71
C VAL A 127 5.92 -16.40 -18.37
N MET A 128 5.98 -17.23 -17.35
CA MET A 128 5.21 -16.97 -16.10
C MET A 128 6.10 -17.13 -14.88
N ARG A 129 6.12 -16.11 -14.01
CA ARG A 129 6.62 -16.22 -12.63
C ARG A 129 5.40 -16.12 -11.71
N HIS A 130 4.98 -17.26 -11.20
CA HIS A 130 3.83 -17.34 -10.26
C HIS A 130 4.34 -17.15 -8.83
N PHE A 131 3.42 -17.14 -7.85
CA PHE A 131 3.73 -17.05 -6.40
C PHE A 131 3.62 -18.43 -5.77
N GLU A 132 3.10 -19.41 -6.48
CA GLU A 132 2.88 -20.75 -5.90
C GLU A 132 3.59 -21.84 -6.69
N SER A 133 4.32 -22.67 -5.97
CA SER A 133 4.95 -23.88 -6.55
C SER A 133 3.87 -24.77 -7.18
N GLY A 134 4.07 -25.26 -8.39
CA GLY A 134 3.06 -26.09 -9.08
C GLY A 134 2.28 -25.32 -10.15
N ALA A 135 2.34 -23.98 -10.16
CA ALA A 135 1.59 -23.16 -11.14
C ALA A 135 2.11 -23.43 -12.55
N ALA A 136 3.43 -23.44 -12.76
CA ALA A 136 3.99 -23.54 -14.11
C ALA A 136 3.56 -24.85 -14.77
N ARG A 137 3.58 -25.98 -14.07
N ARG A 137 3.64 -25.97 -14.03
CA ARG A 137 3.18 -27.27 -14.69
CA ARG A 137 3.17 -27.33 -14.42
C ARG A 137 1.65 -27.25 -14.95
C ARG A 137 1.70 -27.21 -14.92
N LYS A 138 0.86 -26.57 -14.12
CA LYS A 138 -0.61 -26.44 -14.38
C LYS A 138 -0.79 -25.64 -15.67
N ALA A 139 -0.04 -24.54 -15.82
CA ALA A 139 -0.14 -23.67 -17.00
C ALA A 139 0.26 -24.46 -18.27
N ALA A 140 1.38 -25.19 -18.25
CA ALA A 140 1.85 -26.03 -19.35
C ALA A 140 0.75 -27.04 -19.75
N ALA A 141 0.14 -27.71 -18.77
CA ALA A 141 -0.89 -28.75 -19.00
C ALA A 141 -2.12 -28.08 -19.66
N THR A 142 -2.46 -26.88 -19.24
CA THR A 142 -3.64 -26.14 -19.76
C THR A 142 -3.39 -25.59 -21.17
N ALA A 143 -2.23 -24.97 -21.41
CA ALA A 143 -1.94 -24.19 -22.64
C ALA A 143 -1.71 -25.13 -23.83
N ASN A 144 -2.14 -24.72 -25.02
CA ASN A 144 -1.82 -25.37 -26.32
C ASN A 144 -0.69 -24.60 -27.02
N ILE A 145 -0.01 -23.76 -26.26
CA ILE A 145 1.24 -23.10 -26.70
C ILE A 145 2.28 -23.37 -25.63
N PRO A 146 3.56 -23.20 -25.95
CA PRO A 146 4.61 -23.42 -24.96
C PRO A 146 4.57 -22.44 -23.79
N VAL A 147 4.95 -22.96 -22.64
CA VAL A 147 5.07 -22.20 -21.38
C VAL A 147 6.54 -22.30 -20.91
N ILE A 148 7.11 -21.18 -20.51
CA ILE A 148 8.42 -21.19 -19.80
C ILE A 148 8.15 -20.70 -18.39
N ASN A 149 8.57 -21.50 -17.45
CA ASN A 149 8.61 -21.19 -15.99
C ASN A 149 9.70 -20.16 -15.71
N ALA A 150 9.35 -18.96 -15.28
CA ALA A 150 10.31 -17.87 -14.94
C ALA A 150 10.54 -17.80 -13.41
N GLY A 151 10.11 -18.81 -12.67
CA GLY A 151 10.20 -18.82 -11.19
C GLY A 151 8.87 -19.20 -10.59
N ASP A 152 8.75 -20.43 -10.12
CA ASP A 152 7.47 -21.02 -9.69
C ASP A 152 7.26 -20.72 -8.20
N GLY A 153 7.15 -19.44 -7.88
CA GLY A 153 7.22 -18.95 -6.49
C GLY A 153 8.49 -19.48 -5.83
N PRO A 154 8.38 -20.22 -4.71
CA PRO A 154 9.56 -20.77 -4.06
C PRO A 154 10.01 -22.09 -4.67
N GLY A 155 9.41 -22.50 -5.78
CA GLY A 155 9.75 -23.77 -6.42
C GLY A 155 10.71 -23.58 -7.59
N GLU A 156 10.53 -24.40 -8.61
CA GLU A 156 11.48 -24.51 -9.75
C GLU A 156 11.69 -23.15 -10.39
N HIS A 157 12.94 -22.88 -10.73
CA HIS A 157 13.41 -21.68 -11.48
C HIS A 157 14.40 -22.21 -12.51
N PRO A 158 13.93 -23.01 -13.49
CA PRO A 158 14.83 -23.80 -14.34
C PRO A 158 15.76 -22.95 -15.20
N THR A 159 15.33 -21.76 -15.67
CA THR A 159 16.20 -20.94 -16.54
C THR A 159 17.33 -20.38 -15.68
N GLN A 160 17.14 -20.13 -14.38
CA GLN A 160 18.26 -19.74 -13.50
C GLN A 160 19.26 -20.88 -13.42
N ALA A 161 18.80 -22.10 -13.23
CA ALA A 161 19.69 -23.27 -13.10
C ALA A 161 20.44 -23.46 -14.43
N LEU A 162 19.75 -23.34 -15.57
CA LEU A 162 20.42 -23.40 -16.91
C LEU A 162 21.47 -22.30 -17.07
N LEU A 163 21.17 -21.03 -16.76
CA LEU A 163 22.16 -19.98 -17.02
C LEU A 163 23.32 -20.17 -16.04
N ASP A 164 23.05 -20.75 -14.87
CA ASP A 164 24.11 -20.98 -13.87
C ASP A 164 25.11 -21.99 -14.46
N VAL A 165 24.62 -23.11 -14.95
CA VAL A 165 25.50 -24.19 -15.46
C VAL A 165 26.18 -23.69 -16.73
N TYR A 166 25.45 -23.01 -17.60
CA TYR A 166 26.04 -22.38 -18.79
C TYR A 166 27.19 -21.46 -18.41
N THR A 167 27.04 -20.61 -17.38
CA THR A 167 28.06 -19.64 -16.97
C THR A 167 29.33 -20.40 -16.54
N ILE A 168 29.17 -21.48 -15.81
CA ILE A 168 30.32 -22.30 -15.37
C ILE A 168 30.99 -22.84 -16.63
N GLN A 169 30.25 -23.45 -17.56
CA GLN A 169 30.88 -24.03 -18.79
C GLN A 169 31.66 -22.93 -19.52
N SER A 170 31.07 -21.75 -19.62
N SER A 170 31.05 -21.76 -19.70
CA SER A 170 31.58 -20.59 -20.38
CA SER A 170 31.64 -20.62 -20.42
C SER A 170 32.86 -20.03 -19.75
C SER A 170 32.94 -20.21 -19.73
N GLU A 171 32.88 -19.90 -18.43
CA GLU A 171 33.97 -19.25 -17.66
C GLU A 171 35.12 -20.22 -17.39
N ILE A 172 34.81 -21.44 -17.01
CA ILE A 172 35.79 -22.49 -16.62
C ILE A 172 36.22 -23.27 -17.88
N GLY A 173 35.33 -23.49 -18.86
CA GLY A 173 35.63 -24.14 -20.16
C GLY A 173 35.17 -25.58 -20.18
N LYS A 174 34.72 -26.14 -19.06
CA LYS A 174 34.15 -27.49 -19.04
C LYS A 174 33.34 -27.66 -17.75
N LEU A 175 32.56 -28.70 -17.73
CA LEU A 175 31.70 -29.03 -16.56
C LEU A 175 32.15 -30.35 -15.92
N ASP A 176 32.68 -31.27 -16.72
CA ASP A 176 33.26 -32.50 -16.15
C ASP A 176 34.53 -32.11 -15.37
N GLY A 177 34.74 -32.71 -14.20
CA GLY A 177 36.00 -32.57 -13.47
C GLY A 177 36.06 -31.29 -12.65
N ILE A 178 34.98 -30.55 -12.47
CA ILE A 178 35.08 -29.27 -11.73
C ILE A 178 34.78 -29.44 -10.24
N SER A 179 35.14 -28.40 -9.51
CA SER A 179 34.97 -28.25 -8.05
C SER A 179 34.14 -26.98 -7.85
N VAL A 180 32.99 -27.11 -7.21
CA VAL A 180 32.07 -25.98 -6.99
C VAL A 180 31.74 -25.90 -5.50
N ALA A 181 31.90 -24.72 -4.92
CA ALA A 181 31.41 -24.40 -3.57
C ALA A 181 30.01 -23.78 -3.73
N LEU A 182 29.05 -24.38 -3.04
CA LEU A 182 27.71 -23.80 -2.91
C LEU A 182 27.68 -23.19 -1.51
N VAL A 183 27.47 -21.88 -1.39
CA VAL A 183 27.61 -21.15 -0.11
C VAL A 183 26.30 -20.44 0.25
N GLY A 184 25.95 -20.52 1.52
CA GLY A 184 24.87 -19.70 2.08
C GLY A 184 23.79 -20.54 2.68
N ASP A 185 22.55 -20.18 2.44
CA ASP A 185 21.40 -20.92 2.99
C ASP A 185 21.20 -22.17 2.13
N LEU A 186 21.81 -23.27 2.50
CA LEU A 186 21.72 -24.52 1.69
C LEU A 186 20.43 -25.26 2.04
N ALA A 187 20.02 -25.24 3.32
CA ALA A 187 18.82 -25.94 3.80
C ALA A 187 17.61 -25.53 2.96
N ASN A 188 17.50 -24.23 2.71
N ASN A 188 17.35 -24.24 2.75
CA ASN A 188 16.29 -23.55 2.21
CA ASN A 188 16.15 -23.81 1.98
C ASN A 188 16.57 -23.00 0.80
C ASN A 188 16.58 -22.98 0.76
N GLY A 189 17.77 -23.25 0.25
CA GLY A 189 18.26 -22.59 -0.97
C GLY A 189 17.76 -23.25 -2.27
N ARG A 190 16.68 -22.73 -2.85
CA ARG A 190 16.09 -23.32 -4.08
C ARG A 190 17.13 -23.26 -5.19
N THR A 191 17.82 -22.14 -5.32
CA THR A 191 18.75 -21.92 -6.43
C THR A 191 19.99 -22.82 -6.25
N VAL A 192 20.59 -22.94 -5.06
CA VAL A 192 21.78 -23.83 -4.91
C VAL A 192 21.37 -25.30 -5.05
N ARG A 193 20.22 -25.71 -4.55
CA ARG A 193 19.73 -27.09 -4.71
C ARG A 193 19.51 -27.41 -6.20
N SER A 194 18.91 -26.47 -6.92
CA SER A 194 18.66 -26.64 -8.39
C SER A 194 19.97 -26.69 -9.15
N LEU A 195 20.97 -25.92 -8.72
CA LEU A 195 22.29 -25.94 -9.40
C LEU A 195 22.97 -27.28 -9.09
N ALA A 196 22.94 -27.76 -7.85
CA ALA A 196 23.46 -29.10 -7.49
C ALA A 196 22.80 -30.18 -8.35
N TYR A 197 21.49 -30.10 -8.55
CA TYR A 197 20.73 -31.10 -9.33
C TYR A 197 21.33 -31.21 -10.74
N LEU A 198 21.53 -30.08 -11.42
CA LEU A 198 22.01 -30.11 -12.83
C LEU A 198 23.51 -30.44 -12.88
N LEU A 199 24.32 -29.98 -11.93
CA LEU A 199 25.80 -30.22 -12.03
C LEU A 199 26.07 -31.72 -11.88
N ALA A 200 25.24 -32.44 -11.15
CA ALA A 200 25.47 -33.87 -10.89
C ALA A 200 25.23 -34.71 -12.16
N LYS A 201 24.69 -34.13 -13.23
CA LYS A 201 24.58 -34.83 -14.54
C LYS A 201 25.94 -34.96 -15.22
N PHE A 202 26.95 -34.21 -14.75
CA PHE A 202 28.30 -34.22 -15.34
C PHE A 202 29.15 -35.22 -14.52
N LYS A 203 30.34 -35.50 -15.03
CA LYS A 203 31.28 -36.54 -14.52
C LYS A 203 32.39 -35.94 -13.66
N ASP A 204 32.76 -36.63 -12.59
CA ASP A 204 33.95 -36.31 -11.78
C ASP A 204 33.75 -34.92 -11.16
N VAL A 205 32.52 -34.58 -10.80
CA VAL A 205 32.20 -33.28 -10.19
C VAL A 205 32.39 -33.38 -8.69
N LYS A 206 32.92 -32.34 -8.07
CA LYS A 206 33.03 -32.30 -6.60
C LYS A 206 32.29 -31.05 -6.09
N ILE A 207 31.45 -31.24 -5.07
CA ILE A 207 30.64 -30.14 -4.51
C ILE A 207 31.03 -29.92 -3.06
N TYR A 208 31.31 -28.67 -2.70
CA TYR A 208 31.56 -28.28 -1.30
C TYR A 208 30.33 -27.55 -0.83
N PHE A 209 29.71 -28.04 0.24
CA PHE A 209 28.58 -27.34 0.88
C PHE A 209 29.13 -26.43 1.99
N VAL A 210 29.14 -25.12 1.78
CA VAL A 210 29.71 -24.16 2.77
C VAL A 210 28.58 -23.38 3.40
N SER A 211 28.39 -23.56 4.70
CA SER A 211 27.30 -22.86 5.39
C SER A 211 27.48 -22.99 6.90
N PRO A 212 26.74 -22.20 7.65
CA PRO A 212 26.51 -22.51 9.04
C PRO A 212 25.88 -23.89 9.14
N GLU A 213 26.30 -24.64 10.15
CA GLU A 213 25.77 -26.00 10.35
C GLU A 213 24.24 -25.95 10.40
N ILE A 214 23.58 -24.98 11.05
N ILE A 214 23.62 -24.93 10.99
CA ILE A 214 22.10 -25.07 11.23
CA ILE A 214 22.15 -24.92 11.25
C ILE A 214 21.39 -24.97 9.87
C ILE A 214 21.35 -24.71 9.94
N VAL A 215 22.00 -24.34 8.84
CA VAL A 215 21.34 -24.24 7.50
C VAL A 215 22.08 -25.12 6.49
N LYS A 216 22.58 -26.27 6.93
CA LYS A 216 23.30 -27.23 6.06
C LYS A 216 22.35 -27.82 5.00
N MET A 217 22.94 -28.32 3.93
CA MET A 217 22.17 -28.96 2.82
C MET A 217 21.36 -30.12 3.38
N LYS A 218 20.12 -30.26 2.95
CA LYS A 218 19.22 -31.36 3.36
C LYS A 218 19.67 -32.70 2.77
N ASP A 219 19.19 -33.76 3.41
CA ASP A 219 19.60 -35.15 3.12
C ASP A 219 19.21 -35.60 1.70
N ASP A 220 18.12 -35.09 1.15
CA ASP A 220 17.67 -35.50 -0.20
C ASP A 220 18.75 -35.18 -1.24
N ILE A 221 19.26 -33.97 -1.26
CA ILE A 221 20.34 -33.54 -2.18
C ILE A 221 21.61 -34.35 -1.88
N LYS A 222 21.91 -34.59 -0.61
CA LYS A 222 23.11 -35.38 -0.27
C LYS A 222 23.02 -36.78 -0.91
N ASP A 223 21.91 -37.47 -0.72
CA ASP A 223 21.75 -38.85 -1.26
C ASP A 223 21.77 -38.78 -2.79
N TYR A 224 21.18 -37.71 -3.34
CA TYR A 224 21.14 -37.52 -4.81
C TYR A 224 22.58 -37.45 -5.33
N LEU A 225 23.43 -36.63 -4.72
CA LEU A 225 24.82 -36.48 -5.19
C LEU A 225 25.55 -37.83 -5.04
N THR A 226 25.39 -38.48 -3.89
CA THR A 226 26.04 -39.80 -3.62
C THR A 226 25.66 -40.76 -4.75
N SER A 227 24.37 -40.93 -5.01
N SER A 227 24.37 -40.91 -5.02
CA SER A 227 23.86 -41.85 -6.07
CA SER A 227 23.84 -41.85 -6.04
C SER A 227 24.40 -41.44 -7.43
C SER A 227 24.25 -41.42 -7.45
N SER A 228 24.56 -40.14 -7.67
CA SER A 228 25.01 -39.59 -8.98
C SER A 228 26.51 -39.78 -9.19
N GLY A 229 27.22 -40.27 -8.17
CA GLY A 229 28.69 -40.42 -8.18
C GLY A 229 29.42 -39.09 -8.08
N VAL A 230 28.80 -38.12 -7.40
CA VAL A 230 29.39 -36.78 -7.15
C VAL A 230 29.96 -36.83 -5.73
N GLU A 231 31.22 -36.45 -5.60
N GLU A 231 31.23 -36.47 -5.58
CA GLU A 231 31.92 -36.31 -4.30
CA GLU A 231 31.90 -36.40 -4.25
C GLU A 231 31.38 -35.04 -3.63
C GLU A 231 31.50 -35.07 -3.61
N TRP A 232 31.11 -35.09 -2.34
CA TRP A 232 30.72 -33.85 -1.66
C TRP A 232 31.33 -33.84 -0.28
N GLU A 233 31.46 -32.64 0.26
CA GLU A 233 32.06 -32.35 1.57
C GLU A 233 31.27 -31.20 2.14
N GLU A 234 31.03 -31.20 3.43
CA GLU A 234 30.39 -30.05 4.13
C GLU A 234 31.44 -29.30 4.93
N SER A 235 31.30 -27.98 5.08
CA SER A 235 32.32 -27.14 5.73
C SER A 235 31.66 -25.85 6.17
N SER A 236 32.16 -25.28 7.29
N SER A 236 32.14 -25.26 7.28
CA SER A 236 31.80 -23.92 7.77
CA SER A 236 31.76 -23.88 7.71
C SER A 236 32.98 -22.98 7.57
C SER A 236 32.99 -22.97 7.55
N ASP A 237 33.99 -23.42 6.81
CA ASP A 237 35.28 -22.70 6.58
C ASP A 237 35.43 -22.29 5.11
N LEU A 238 34.86 -21.14 4.76
CA LEU A 238 34.81 -20.69 3.34
C LEU A 238 36.24 -20.37 2.86
N MET A 239 37.11 -19.79 3.69
CA MET A 239 38.53 -19.58 3.27
C MET A 239 39.24 -20.89 2.86
N GLU A 240 39.16 -21.98 3.62
N GLU A 240 39.08 -21.95 3.65
CA GLU A 240 39.86 -23.22 3.18
CA GLU A 240 39.70 -23.29 3.41
C GLU A 240 39.17 -23.79 1.93
C GLU A 240 39.15 -23.93 2.10
N VAL A 241 37.84 -23.85 1.89
CA VAL A 241 37.18 -24.43 0.69
C VAL A 241 37.54 -23.61 -0.57
N ALA A 242 37.52 -22.30 -0.50
CA ALA A 242 37.53 -21.44 -1.70
C ALA A 242 38.83 -21.63 -2.47
N SER A 243 39.93 -21.93 -1.76
CA SER A 243 41.25 -22.14 -2.37
C SER A 243 41.23 -23.37 -3.27
N LYS A 244 40.28 -24.26 -3.11
CA LYS A 244 40.28 -25.55 -3.83
C LYS A 244 39.21 -25.58 -4.94
N CYS A 245 38.52 -24.47 -5.24
CA CYS A 245 37.33 -24.51 -6.11
C CYS A 245 37.56 -23.74 -7.40
N ASP A 246 36.99 -24.25 -8.49
CA ASP A 246 36.83 -23.48 -9.75
C ASP A 246 35.79 -22.36 -9.55
N VAL A 247 34.74 -22.66 -8.81
CA VAL A 247 33.55 -21.77 -8.70
C VAL A 247 33.20 -21.59 -7.23
N VAL A 248 33.01 -20.35 -6.81
CA VAL A 248 32.34 -20.06 -5.52
C VAL A 248 30.99 -19.43 -5.88
N TYR A 249 29.92 -20.17 -5.62
CA TYR A 249 28.52 -19.76 -5.95
C TYR A 249 27.94 -19.27 -4.64
N GLN A 250 27.81 -17.95 -4.51
CA GLN A 250 27.42 -17.25 -3.26
C GLN A 250 25.91 -17.03 -3.29
N THR A 251 25.27 -17.12 -2.14
CA THR A 251 23.86 -16.71 -1.94
C THR A 251 23.74 -16.07 -0.55
N ARG A 252 22.67 -15.34 -0.31
N ARG A 252 22.62 -15.40 -0.36
CA ARG A 252 22.51 -14.66 0.99
CA ARG A 252 22.15 -14.75 0.90
C ARG A 252 21.82 -15.59 1.99
C ARG A 252 21.93 -15.83 1.98
N ILE A 253 22.28 -15.53 3.22
CA ILE A 253 21.66 -16.21 4.38
C ILE A 253 20.75 -15.16 5.01
N GLN A 254 19.44 -15.26 4.83
CA GLN A 254 18.44 -14.31 5.40
C GLN A 254 18.47 -14.56 6.92
N ARG A 255 18.44 -13.49 7.71
CA ARG A 255 18.47 -13.53 9.19
C ARG A 255 17.37 -14.48 9.69
N GLU A 256 16.22 -14.46 8.99
CA GLU A 256 15.01 -15.27 9.32
C GLU A 256 15.40 -16.74 9.41
N ARG A 257 16.38 -17.20 8.62
CA ARG A 257 16.73 -18.65 8.55
C ARG A 257 17.30 -19.16 9.89
N PHE A 258 17.77 -18.27 10.75
CA PHE A 258 18.34 -18.63 12.07
C PHE A 258 17.21 -18.70 13.12
N GLY A 259 16.01 -18.22 12.79
CA GLY A 259 14.85 -18.26 13.69
C GLY A 259 15.25 -17.60 15.00
N GLU A 260 15.00 -18.28 16.12
CA GLU A 260 15.29 -17.73 17.48
C GLU A 260 16.77 -17.94 17.84
N ARG A 261 17.57 -18.62 17.00
CA ARG A 261 19.03 -18.81 17.30
C ARG A 261 19.83 -17.57 16.89
N LEU A 262 19.68 -16.42 17.59
CA LEU A 262 20.49 -15.19 17.28
C LEU A 262 21.95 -15.49 17.62
N ASP A 263 22.23 -16.38 18.57
CA ASP A 263 23.62 -16.82 18.86
C ASP A 263 24.25 -17.44 17.60
N LEU A 264 23.51 -18.27 16.84
CA LEU A 264 24.09 -18.90 15.62
C LEU A 264 24.22 -17.85 14.51
N TYR A 265 23.28 -16.92 14.44
CA TYR A 265 23.39 -15.73 13.57
C TYR A 265 24.70 -14.98 13.89
N GLU A 266 24.95 -14.68 15.17
CA GLU A 266 26.14 -13.89 15.59
C GLU A 266 27.40 -14.68 15.24
N ALA A 267 27.42 -16.01 15.49
CA ALA A 267 28.60 -16.87 15.25
C ALA A 267 28.88 -16.93 13.75
N ALA A 268 27.89 -16.75 12.87
CA ALA A 268 28.11 -16.79 11.41
C ALA A 268 28.54 -15.44 10.85
N ARG A 269 28.44 -14.37 11.64
CA ARG A 269 28.60 -12.97 11.18
C ARG A 269 30.04 -12.80 10.67
N GLY A 270 30.21 -12.31 9.44
CA GLY A 270 31.53 -12.12 8.83
C GLY A 270 32.20 -13.39 8.31
N LYS A 271 31.59 -14.57 8.42
CA LYS A 271 32.28 -15.85 8.14
C LYS A 271 31.89 -16.42 6.77
N PHE A 272 30.85 -15.89 6.14
CA PHE A 272 30.37 -16.43 4.84
C PHE A 272 30.28 -15.32 3.80
N ILE A 273 31.26 -14.42 3.81
CA ILE A 273 31.34 -13.20 2.95
C ILE A 273 32.38 -13.44 1.87
N VAL A 274 32.05 -13.05 0.64
CA VAL A 274 33.08 -12.99 -0.44
C VAL A 274 33.67 -11.59 -0.41
N ASP A 275 34.95 -11.48 -0.01
CA ASP A 275 35.63 -10.15 0.10
C ASP A 275 37.01 -10.29 -0.52
N LYS A 276 37.80 -9.23 -0.57
CA LYS A 276 39.15 -9.24 -1.18
C LYS A 276 40.03 -10.32 -0.53
N ASP A 277 39.90 -10.60 0.75
CA ASP A 277 40.74 -11.61 1.45
C ASP A 277 40.37 -12.99 0.93
N LEU A 278 39.08 -13.23 0.65
CA LEU A 278 38.70 -14.54 0.07
C LEU A 278 39.29 -14.68 -1.32
N LEU A 279 39.17 -13.65 -2.14
CA LEU A 279 39.69 -13.72 -3.53
C LEU A 279 41.21 -13.99 -3.47
N GLY A 280 41.90 -13.50 -2.43
CA GLY A 280 43.36 -13.60 -2.25
C GLY A 280 43.81 -15.05 -2.17
N VAL A 281 42.97 -15.96 -1.70
CA VAL A 281 43.32 -17.41 -1.54
C VAL A 281 42.82 -18.20 -2.74
N MET A 282 42.11 -17.59 -3.69
CA MET A 282 41.49 -18.35 -4.81
C MET A 282 42.45 -18.48 -5.98
N GLN A 283 42.26 -19.53 -6.75
CA GLN A 283 43.05 -19.76 -7.99
C GLN A 283 42.75 -18.61 -8.97
N LYS A 284 43.69 -18.31 -9.86
N LYS A 284 43.72 -18.37 -9.84
CA LYS A 284 43.54 -17.17 -10.81
CA LYS A 284 43.70 -17.33 -10.91
C LYS A 284 42.42 -17.46 -11.82
C LYS A 284 42.45 -17.48 -11.78
N LYS A 285 42.14 -18.72 -12.15
CA LYS A 285 41.06 -19.06 -13.12
C LYS A 285 39.79 -19.54 -12.39
N ALA A 286 39.58 -19.18 -11.13
CA ALA A 286 38.31 -19.45 -10.43
C ALA A 286 37.32 -18.29 -10.65
N ILE A 287 36.03 -18.47 -10.32
CA ILE A 287 35.05 -17.37 -10.47
C ILE A 287 34.19 -17.28 -9.23
N ILE A 288 33.62 -16.10 -9.02
CA ILE A 288 32.55 -15.83 -8.03
C ILE A 288 31.28 -15.72 -8.86
N MET A 289 30.24 -16.43 -8.44
CA MET A 289 28.91 -16.35 -9.05
C MET A 289 27.91 -15.98 -7.96
N HIS A 290 26.78 -15.41 -8.36
CA HIS A 290 25.69 -15.05 -7.43
C HIS A 290 24.47 -14.87 -8.30
N PRO A 291 23.31 -15.48 -8.00
CA PRO A 291 22.15 -15.32 -8.87
C PRO A 291 21.63 -13.89 -8.94
N LEU A 292 21.88 -13.09 -7.88
CA LEU A 292 21.46 -11.70 -7.68
C LEU A 292 19.97 -11.65 -7.38
N PRO A 293 19.49 -10.61 -6.65
CA PRO A 293 20.33 -9.52 -6.16
C PRO A 293 21.19 -9.88 -4.95
N ARG A 294 22.32 -9.21 -4.80
CA ARG A 294 23.17 -9.37 -3.60
C ARG A 294 22.96 -8.18 -2.65
N LEU A 295 23.26 -8.39 -1.36
CA LEU A 295 23.46 -7.29 -0.40
C LEU A 295 24.94 -7.28 -0.03
N ASP A 296 25.30 -7.42 1.24
CA ASP A 296 26.71 -7.31 1.71
C ASP A 296 27.46 -8.63 1.64
N GLU A 297 26.86 -9.76 1.21
CA GLU A 297 27.55 -11.07 1.18
C GLU A 297 28.63 -11.11 0.09
N ILE A 298 28.67 -10.13 -0.81
CA ILE A 298 29.83 -9.93 -1.72
C ILE A 298 30.17 -8.45 -1.66
N THR A 299 31.37 -8.12 -1.20
CA THR A 299 31.76 -6.70 -0.98
C THR A 299 31.92 -6.05 -2.35
N ALA A 300 31.63 -4.76 -2.41
CA ALA A 300 31.70 -3.98 -3.67
C ALA A 300 33.10 -4.07 -4.24
N ASP A 301 34.16 -4.15 -3.42
CA ASP A 301 35.53 -4.07 -3.98
C ASP A 301 35.88 -5.39 -4.71
N VAL A 302 35.09 -6.46 -4.54
CA VAL A 302 35.31 -7.70 -5.32
C VAL A 302 35.01 -7.46 -6.81
N ASP A 303 34.11 -6.52 -7.14
CA ASP A 303 33.54 -6.35 -8.51
C ASP A 303 34.65 -6.10 -9.53
N ALA A 304 35.70 -5.39 -9.14
CA ALA A 304 36.82 -4.99 -10.03
C ALA A 304 37.69 -6.20 -10.39
N ASP A 305 37.61 -7.27 -9.62
CA ASP A 305 38.41 -8.51 -9.92
C ASP A 305 37.82 -9.20 -11.15
N PRO A 306 38.63 -9.59 -12.15
CA PRO A 306 38.12 -10.31 -13.31
C PRO A 306 37.40 -11.61 -12.94
N ARG A 307 37.61 -12.15 -11.74
CA ARG A 307 36.96 -13.41 -11.30
C ARG A 307 35.49 -13.16 -10.91
N ALA A 308 35.07 -11.93 -10.73
CA ALA A 308 33.69 -11.57 -10.35
C ALA A 308 32.78 -11.72 -11.57
N ALA A 309 32.10 -12.84 -11.63
CA ALA A 309 31.39 -13.30 -12.85
C ALA A 309 29.89 -13.04 -12.77
N TYR A 310 29.37 -12.43 -11.71
CA TYR A 310 27.90 -12.37 -11.50
C TYR A 310 27.21 -11.43 -12.50
N PHE A 311 27.84 -10.37 -13.01
CA PHE A 311 27.19 -9.54 -14.06
C PHE A 311 27.29 -10.25 -15.43
N ARG A 312 28.35 -10.97 -15.68
CA ARG A 312 28.47 -11.80 -16.92
C ARG A 312 27.41 -12.90 -16.85
N GLN A 313 27.18 -13.48 -15.67
CA GLN A 313 26.22 -14.57 -15.41
C GLN A 313 24.82 -14.02 -15.78
N ALA A 314 24.45 -12.81 -15.32
CA ALA A 314 23.14 -12.22 -15.66
C ALA A 314 23.02 -12.07 -17.18
N LYS A 315 24.05 -11.59 -17.82
CA LYS A 315 24.02 -11.44 -19.28
C LYS A 315 23.89 -12.80 -19.98
N ASN A 316 24.50 -13.86 -19.46
CA ASN A 316 24.34 -15.23 -20.00
C ASN A 316 22.88 -15.65 -19.94
N GLY A 317 22.09 -15.15 -18.97
CA GLY A 317 20.63 -15.41 -18.92
C GLY A 317 19.96 -14.99 -20.22
N LEU A 318 20.40 -13.89 -20.78
CA LEU A 318 19.82 -13.37 -22.04
C LEU A 318 20.04 -14.42 -23.13
N PHE A 319 21.25 -14.95 -23.24
CA PHE A 319 21.58 -15.90 -24.35
C PHE A 319 20.87 -17.23 -24.13
N ILE A 320 20.75 -17.67 -22.87
CA ILE A 320 20.01 -18.92 -22.56
C ILE A 320 18.53 -18.74 -22.94
N ARG A 321 17.97 -17.58 -22.59
CA ARG A 321 16.53 -17.34 -22.75
C ARG A 321 16.25 -17.12 -24.25
N MET A 322 17.14 -16.46 -24.95
CA MET A 322 17.05 -16.42 -26.45
C MET A 322 16.99 -17.85 -26.99
N ALA A 323 17.92 -18.70 -26.58
CA ALA A 323 17.99 -20.11 -27.05
C ALA A 323 16.69 -20.85 -26.78
N LEU A 324 16.10 -20.75 -25.57
CA LEU A 324 14.84 -21.44 -25.26
C LEU A 324 13.66 -20.90 -26.09
N LEU A 325 13.55 -19.59 -26.28
CA LEU A 325 12.42 -19.04 -27.05
C LEU A 325 12.54 -19.54 -28.49
N LYS A 326 13.74 -19.48 -29.01
CA LYS A 326 14.05 -19.92 -30.40
C LYS A 326 13.65 -21.39 -30.51
N LEU A 327 14.12 -22.21 -29.61
CA LEU A 327 13.95 -23.67 -29.72
C LEU A 327 12.49 -24.02 -29.59
N LEU A 328 11.76 -23.38 -28.67
CA LEU A 328 10.35 -23.76 -28.45
C LEU A 328 9.51 -23.28 -29.64
N LEU A 329 9.86 -22.19 -30.28
CA LEU A 329 8.96 -21.61 -31.31
C LEU A 329 9.33 -22.10 -32.70
N VAL A 330 10.60 -22.14 -33.07
CA VAL A 330 10.99 -22.51 -34.48
C VAL A 330 11.88 -23.76 -34.51
N GLY A 331 12.29 -24.30 -33.37
CA GLY A 331 13.06 -25.56 -33.35
C GLY A 331 14.55 -25.37 -33.56
N TRP A 332 15.28 -26.46 -33.63
CA TRP A 332 16.76 -26.51 -33.84
C TRP A 332 17.10 -25.96 -35.23
N PRO B 21 -12.33 1.78 -50.86
CA PRO B 21 -11.37 2.56 -50.07
C PRO B 21 -12.02 3.87 -49.58
N HIS B 22 -12.16 4.07 -48.26
CA HIS B 22 -12.76 5.29 -47.68
C HIS B 22 -12.71 5.32 -46.14
N MET B 23 -12.89 6.50 -45.57
CA MET B 23 -12.76 6.78 -44.13
C MET B 23 -13.87 6.08 -43.35
N PHE B 24 -13.55 5.56 -42.16
CA PHE B 24 -14.52 4.98 -41.21
C PHE B 24 -15.47 6.10 -40.77
N GLU B 25 -16.77 5.84 -40.63
CA GLU B 25 -17.79 6.88 -40.34
C GLU B 25 -17.71 7.26 -38.87
N LEU B 26 -17.10 6.43 -38.02
CA LEU B 26 -16.87 6.77 -36.59
C LEU B 26 -15.45 7.34 -36.47
N SER B 27 -15.33 8.39 -35.66
CA SER B 27 -14.02 9.05 -35.37
CA SER B 27 -14.04 9.08 -35.36
C SER B 27 -13.46 8.48 -34.07
N ASP B 28 -14.30 7.83 -33.27
CA ASP B 28 -14.04 7.28 -31.93
C ASP B 28 -14.99 6.09 -31.71
N VAL B 29 -14.67 5.18 -30.81
CA VAL B 29 -15.59 4.08 -30.42
C VAL B 29 -15.87 4.20 -28.92
N ILE B 30 -17.05 4.70 -28.56
CA ILE B 30 -17.39 5.19 -27.19
C ILE B 30 -18.63 4.51 -26.68
N GLU B 31 -19.66 4.37 -27.54
CA GLU B 31 -21.00 3.94 -27.04
C GLU B 31 -21.71 3.08 -28.09
N GLY B 32 -22.54 2.18 -27.58
CA GLY B 32 -23.34 1.26 -28.41
C GLY B 32 -24.19 2.00 -29.43
N LYS B 33 -24.75 3.16 -29.08
CA LYS B 33 -25.73 3.90 -29.94
C LYS B 33 -25.02 4.49 -31.16
N GLN B 34 -23.69 4.46 -31.23
CA GLN B 34 -23.00 4.88 -32.46
C GLN B 34 -23.20 3.87 -33.58
N PHE B 35 -23.69 2.67 -33.27
CA PHE B 35 -23.75 1.55 -34.24
C PHE B 35 -25.19 1.27 -34.70
N ASP B 36 -25.35 1.14 -36.01
CA ASP B 36 -26.58 0.56 -36.60
C ASP B 36 -26.27 -0.82 -37.17
N ARG B 37 -27.33 -1.51 -37.57
CA ARG B 37 -27.28 -2.89 -38.11
C ARG B 37 -26.23 -3.01 -39.21
N GLU B 38 -26.20 -2.09 -40.18
CA GLU B 38 -25.32 -2.20 -41.36
C GLU B 38 -23.84 -2.08 -40.93
N MET B 39 -23.57 -1.17 -40.00
CA MET B 39 -22.21 -0.90 -39.47
C MET B 39 -21.71 -2.17 -38.77
N LEU B 40 -22.54 -2.72 -37.86
CA LEU B 40 -22.25 -3.97 -37.11
C LEU B 40 -21.88 -5.08 -38.13
N SER B 41 -22.77 -5.39 -39.08
CA SER B 41 -22.52 -6.39 -40.13
C SER B 41 -21.21 -6.13 -40.85
N ALA B 42 -20.91 -4.89 -41.22
CA ALA B 42 -19.67 -4.59 -41.99
C ALA B 42 -18.42 -4.81 -41.10
N ILE B 43 -18.50 -4.39 -39.84
CA ILE B 43 -17.37 -4.55 -38.86
C ILE B 43 -17.11 -6.06 -38.68
N PHE B 44 -18.16 -6.86 -38.48
CA PHE B 44 -18.08 -8.36 -38.36
C PHE B 44 -17.40 -8.97 -39.57
N ASP B 45 -17.64 -8.47 -40.80
CA ASP B 45 -16.93 -8.95 -41.99
C ASP B 45 -15.43 -8.62 -41.88
N VAL B 46 -15.11 -7.43 -41.42
CA VAL B 46 -13.68 -7.04 -41.27
C VAL B 46 -13.01 -7.94 -40.21
N ALA B 47 -13.71 -8.25 -39.13
CA ALA B 47 -13.19 -9.16 -38.08
C ALA B 47 -12.88 -10.52 -38.69
N ARG B 48 -13.68 -11.02 -39.64
CA ARG B 48 -13.34 -12.31 -40.34
C ARG B 48 -12.03 -12.18 -41.16
N GLU B 49 -11.80 -11.05 -41.86
N GLU B 49 -11.84 -11.06 -41.88
CA GLU B 49 -10.52 -10.78 -42.58
CA GLU B 49 -10.56 -10.72 -42.57
C GLU B 49 -9.37 -10.64 -41.59
C GLU B 49 -9.44 -10.77 -41.54
N MET B 50 -9.63 -10.10 -40.39
CA MET B 50 -8.57 -10.03 -39.31
C MET B 50 -8.23 -11.41 -38.76
N GLU B 51 -9.20 -12.31 -38.66
CA GLU B 51 -9.01 -13.73 -38.25
C GLU B 51 -8.08 -14.41 -39.26
N LYS B 52 -8.23 -14.12 -40.54
CA LYS B 52 -7.37 -14.71 -41.60
C LYS B 52 -5.95 -14.16 -41.46
N ILE B 53 -5.80 -12.88 -41.13
CA ILE B 53 -4.47 -12.24 -40.91
C ILE B 53 -3.81 -12.90 -39.68
N GLU B 54 -4.54 -13.00 -38.58
CA GLU B 54 -4.02 -13.57 -37.30
C GLU B 54 -3.56 -15.02 -37.52
N LYS B 55 -4.23 -15.80 -38.38
CA LYS B 55 -3.89 -17.23 -38.63
C LYS B 55 -2.71 -17.35 -39.62
N SER B 56 -2.37 -16.30 -40.34
CA SER B 56 -1.34 -16.34 -41.41
C SER B 56 0.05 -16.48 -40.79
N SER B 57 0.98 -17.07 -41.53
CA SER B 57 2.38 -17.24 -41.07
C SER B 57 3.10 -15.89 -41.11
N SER B 58 2.79 -14.99 -42.06
CA SER B 58 3.57 -13.74 -42.29
C SER B 58 2.99 -12.56 -41.49
N GLN B 59 3.90 -11.72 -40.95
CA GLN B 59 3.63 -10.53 -40.11
C GLN B 59 2.95 -9.44 -40.93
N SER B 60 1.71 -9.09 -40.60
CA SER B 60 0.95 -7.98 -41.24
C SER B 60 1.67 -6.64 -41.01
N GLU B 61 1.63 -5.75 -42.00
CA GLU B 61 2.19 -4.39 -41.90
C GLU B 61 1.09 -3.34 -42.04
N ILE B 62 -0.17 -3.73 -41.89
CA ILE B 62 -1.27 -2.77 -42.15
C ILE B 62 -1.08 -1.52 -41.28
N LEU B 63 -0.72 -1.68 -39.99
CA LEU B 63 -0.58 -0.54 -39.07
C LEU B 63 0.89 -0.32 -38.73
N LYS B 64 1.80 -0.72 -39.61
CA LYS B 64 3.23 -0.33 -39.47
C LYS B 64 3.33 1.20 -39.40
N GLY B 65 4.11 1.74 -38.46
CA GLY B 65 4.27 3.19 -38.29
C GLY B 65 3.25 3.85 -37.37
N TYR B 66 2.18 3.16 -36.96
CA TYR B 66 1.15 3.71 -36.05
C TYR B 66 1.46 3.30 -34.60
N LEU B 67 1.21 4.19 -33.68
CA LEU B 67 1.40 3.92 -32.24
C LEU B 67 0.08 4.09 -31.51
N MET B 68 -0.25 3.11 -30.66
N MET B 68 -0.28 3.08 -30.70
CA MET B 68 -1.42 3.11 -29.75
CA MET B 68 -1.43 3.11 -29.75
C MET B 68 -0.91 3.39 -28.35
C MET B 68 -0.86 3.45 -28.37
N ALA B 69 -1.52 4.36 -27.64
CA ALA B 69 -1.28 4.59 -26.21
C ALA B 69 -2.44 4.00 -25.43
N THR B 70 -2.16 3.14 -24.47
CA THR B 70 -3.21 2.63 -23.57
C THR B 70 -3.24 3.47 -22.32
N LEU B 71 -4.39 3.64 -21.70
CA LEU B 71 -4.53 4.30 -20.39
C LEU B 71 -5.50 3.47 -19.60
N PHE B 72 -4.97 2.55 -18.79
CA PHE B 72 -5.77 1.67 -17.91
C PHE B 72 -5.74 2.27 -16.51
N TYR B 73 -6.87 2.85 -16.11
CA TYR B 73 -7.14 3.34 -14.73
C TYR B 73 -7.79 2.23 -13.86
N GLU B 74 -8.27 1.13 -14.44
CA GLU B 74 -8.73 -0.06 -13.66
C GLU B 74 -8.01 -1.28 -14.20
N PRO B 75 -7.96 -2.37 -13.43
CA PRO B 75 -7.34 -3.60 -13.89
C PRO B 75 -8.04 -4.17 -15.13
N SER B 76 -7.29 -4.94 -15.91
CA SER B 76 -7.79 -5.63 -17.12
C SER B 76 -6.79 -6.70 -17.52
N THR B 77 -7.31 -7.84 -17.95
CA THR B 77 -6.55 -8.92 -18.65
C THR B 77 -7.01 -8.98 -20.10
N ARG B 78 -8.27 -9.35 -20.32
CA ARG B 78 -8.78 -9.57 -21.70
C ARG B 78 -8.66 -8.26 -22.49
N THR B 79 -9.27 -7.17 -22.00
CA THR B 79 -9.34 -5.94 -22.83
C THR B 79 -7.93 -5.36 -23.08
N ARG B 80 -7.11 -5.19 -22.03
CA ARG B 80 -5.76 -4.59 -22.17
C ARG B 80 -4.94 -5.45 -23.14
N LEU B 81 -4.87 -6.76 -22.91
CA LEU B 81 -3.94 -7.60 -23.72
C LEU B 81 -4.51 -7.79 -25.12
N SER B 82 -5.85 -7.90 -25.34
CA SER B 82 -6.39 -8.08 -26.71
C SER B 82 -6.08 -6.84 -27.54
N PHE B 83 -6.19 -5.63 -26.99
CA PHE B 83 -5.93 -4.40 -27.76
C PHE B 83 -4.47 -4.35 -28.15
N GLU B 84 -3.58 -4.69 -27.22
CA GLU B 84 -2.12 -4.65 -27.47
CA GLU B 84 -2.12 -4.64 -27.48
C GLU B 84 -1.74 -5.70 -28.53
N SER B 85 -2.24 -6.91 -28.37
CA SER B 85 -2.00 -8.03 -29.32
C SER B 85 -2.56 -7.60 -30.68
N ALA B 86 -3.73 -6.96 -30.69
CA ALA B 86 -4.40 -6.59 -31.97
C ALA B 86 -3.47 -5.62 -32.70
N MET B 87 -2.99 -4.61 -32.00
CA MET B 87 -2.12 -3.57 -32.59
C MET B 87 -0.84 -4.22 -33.11
N LYS B 88 -0.22 -5.12 -32.33
CA LYS B 88 1.06 -5.75 -32.70
C LYS B 88 0.86 -6.76 -33.84
N ARG B 89 -0.22 -7.52 -33.84
CA ARG B 89 -0.53 -8.47 -34.94
C ARG B 89 -0.71 -7.69 -36.26
N LEU B 90 -1.11 -6.43 -36.22
CA LEU B 90 -1.23 -5.59 -37.43
C LEU B 90 0.06 -4.82 -37.71
N GLY B 91 1.13 -5.04 -36.93
CA GLY B 91 2.45 -4.43 -37.18
C GLY B 91 2.63 -3.05 -36.57
N GLY B 92 1.71 -2.61 -35.72
CA GLY B 92 1.76 -1.31 -35.04
C GLY B 92 2.50 -1.47 -33.74
N GLU B 93 2.77 -0.37 -33.04
N GLU B 93 2.72 -0.37 -33.03
CA GLU B 93 3.46 -0.40 -31.72
CA GLU B 93 3.40 -0.39 -31.72
C GLU B 93 2.53 0.14 -30.63
C GLU B 93 2.49 0.15 -30.62
N VAL B 94 2.87 -0.10 -29.38
CA VAL B 94 2.02 0.26 -28.23
C VAL B 94 2.87 0.93 -27.15
N LEU B 95 2.34 1.99 -26.57
CA LEU B 95 2.88 2.69 -25.39
C LEU B 95 1.90 2.41 -24.26
N THR B 96 2.25 1.59 -23.28
CA THR B 96 1.27 1.22 -22.23
C THR B 96 1.38 2.15 -21.03
N THR B 97 0.24 2.42 -20.40
CA THR B 97 0.11 3.02 -19.05
C THR B 97 -0.98 2.20 -18.32
N GLU B 98 -0.62 1.33 -17.39
CA GLU B 98 -1.58 0.69 -16.46
C GLU B 98 -1.44 1.37 -15.10
N ASN B 99 -2.48 1.34 -14.30
CA ASN B 99 -2.45 2.04 -13.02
C ASN B 99 -1.93 3.43 -13.41
N ALA B 100 -2.66 4.09 -14.31
CA ALA B 100 -2.53 5.53 -14.62
C ALA B 100 -2.80 6.32 -13.33
N ARG B 101 -3.44 5.69 -12.31
CA ARG B 101 -3.65 6.28 -10.96
C ARG B 101 -2.39 6.21 -10.06
N GLU B 102 -1.47 5.24 -10.28
CA GLU B 102 -0.21 5.10 -9.48
C GLU B 102 1.01 5.59 -10.29
N PHE B 103 1.20 5.15 -11.56
CA PHE B 103 2.46 5.22 -12.36
C PHE B 103 2.47 6.40 -13.37
N SER B 104 1.30 7.00 -13.68
CA SER B 104 1.12 8.23 -14.53
C SER B 104 1.13 9.49 -13.63
N SER B 105 1.32 10.66 -14.25
CA SER B 105 1.24 12.00 -13.60
C SER B 105 -0.23 12.35 -13.30
N ALA B 106 -1.17 11.40 -13.53
CA ALA B 106 -2.55 11.39 -12.97
C ALA B 106 -2.53 11.12 -11.45
N ALA B 107 -1.45 10.52 -10.91
CA ALA B 107 -1.16 10.40 -9.47
C ALA B 107 -0.80 11.77 -8.83
N LYS B 108 -0.50 12.84 -9.61
CA LYS B 108 -0.15 14.22 -9.09
C LYS B 108 -1.31 15.19 -9.30
N GLY B 109 -2.53 14.71 -9.60
CA GLY B 109 -3.81 15.44 -9.65
C GLY B 109 -4.18 15.92 -11.05
N GLU B 110 -3.46 15.47 -12.07
CA GLU B 110 -3.62 15.92 -13.48
C GLU B 110 -5.02 15.54 -13.97
N THR B 111 -5.73 16.45 -14.63
CA THR B 111 -7.08 16.19 -15.22
C THR B 111 -6.97 15.27 -16.43
N LEU B 112 -8.07 14.57 -16.72
CA LEU B 112 -8.19 13.68 -17.90
C LEU B 112 -7.83 14.46 -19.15
N GLU B 113 -8.41 15.65 -19.31
CA GLU B 113 -8.25 16.45 -20.54
C GLU B 113 -6.76 16.78 -20.76
N ASP B 114 -6.02 17.03 -19.70
CA ASP B 114 -4.55 17.31 -19.76
C ASP B 114 -3.81 16.03 -20.18
N THR B 115 -4.14 14.90 -19.56
CA THR B 115 -3.54 13.58 -19.88
C THR B 115 -3.77 13.32 -21.36
N ILE B 116 -5.01 13.47 -21.81
CA ILE B 116 -5.32 13.20 -23.22
C ILE B 116 -4.52 14.13 -24.14
N ARG B 117 -4.49 15.44 -23.89
CA ARG B 117 -3.78 16.38 -24.82
C ARG B 117 -2.25 16.11 -24.81
N THR B 118 -1.74 15.58 -23.71
CA THR B 118 -0.31 15.22 -23.56
C THR B 118 -0.04 13.96 -24.39
N VAL B 119 -0.82 12.91 -24.13
CA VAL B 119 -0.55 11.55 -24.69
C VAL B 119 -0.81 11.56 -26.19
N GLU B 120 -1.76 12.36 -26.69
CA GLU B 120 -1.95 12.40 -28.17
C GLU B 120 -0.74 13.02 -28.88
N GLY B 121 0.15 13.74 -28.19
CA GLY B 121 1.43 14.19 -28.79
C GLY B 121 2.35 13.05 -29.22
N TYR B 122 2.21 11.89 -28.58
CA TYR B 122 3.14 10.76 -28.67
C TYR B 122 2.54 9.59 -29.46
N SER B 123 1.28 9.66 -29.88
CA SER B 123 0.55 8.46 -30.31
C SER B 123 -0.46 8.81 -31.41
N ASP B 124 -1.04 7.80 -32.01
CA ASP B 124 -1.99 7.98 -33.13
C ASP B 124 -3.40 7.57 -32.72
N ILE B 125 -3.54 6.81 -31.65
CA ILE B 125 -4.86 6.32 -31.20
C ILE B 125 -4.71 6.06 -29.71
N ILE B 126 -5.75 6.35 -28.97
CA ILE B 126 -5.80 6.15 -27.51
C ILE B 126 -6.86 5.14 -27.17
N VAL B 127 -6.47 4.17 -26.35
CA VAL B 127 -7.37 3.15 -25.78
C VAL B 127 -7.41 3.37 -24.27
N MET B 128 -8.59 3.67 -23.73
CA MET B 128 -8.73 4.08 -22.32
C MET B 128 -9.78 3.28 -21.56
N ARG B 129 -9.39 2.73 -20.41
CA ARG B 129 -10.33 2.21 -19.40
C ARG B 129 -10.25 3.16 -18.21
N HIS B 130 -11.26 4.01 -18.04
CA HIS B 130 -11.31 4.98 -16.94
C HIS B 130 -12.09 4.40 -15.76
N PHE B 131 -12.11 5.10 -14.61
CA PHE B 131 -12.90 4.67 -13.42
C PHE B 131 -14.26 5.38 -13.35
N GLU B 132 -14.52 6.38 -14.19
CA GLU B 132 -15.69 7.30 -14.06
C GLU B 132 -16.49 7.26 -15.36
N SER B 133 -17.80 6.99 -15.29
CA SER B 133 -18.73 7.07 -16.45
C SER B 133 -18.64 8.47 -17.06
N GLY B 134 -18.55 8.58 -18.40
CA GLY B 134 -18.45 9.85 -19.13
C GLY B 134 -17.02 10.23 -19.49
N ALA B 135 -16.04 9.56 -18.90
CA ALA B 135 -14.60 9.84 -19.14
C ALA B 135 -14.31 9.64 -20.64
N ALA B 136 -14.72 8.50 -21.22
CA ALA B 136 -14.36 8.18 -22.62
C ALA B 136 -14.88 9.26 -23.55
N ARG B 137 -16.12 9.73 -23.36
CA ARG B 137 -16.71 10.77 -24.25
C ARG B 137 -15.93 12.09 -24.08
N LYS B 138 -15.50 12.43 -22.88
CA LYS B 138 -14.75 13.71 -22.63
C LYS B 138 -13.39 13.58 -23.35
N ALA B 139 -12.79 12.40 -23.26
CA ALA B 139 -11.51 12.10 -23.93
C ALA B 139 -11.66 12.28 -25.44
N ALA B 140 -12.69 11.67 -26.05
CA ALA B 140 -12.97 11.77 -27.50
C ALA B 140 -13.18 13.25 -27.91
N ALA B 141 -13.93 14.01 -27.13
CA ALA B 141 -14.20 15.45 -27.44
C ALA B 141 -12.87 16.24 -27.36
N THR B 142 -12.01 15.93 -26.39
CA THR B 142 -10.72 16.65 -26.20
C THR B 142 -9.72 16.28 -27.28
N ALA B 143 -9.57 15.00 -27.61
CA ALA B 143 -8.51 14.51 -28.51
C ALA B 143 -8.78 14.87 -29.97
N ASN B 144 -7.72 15.14 -30.73
CA ASN B 144 -7.73 15.26 -32.20
C ASN B 144 -7.26 13.97 -32.85
N ILE B 145 -7.18 12.87 -32.10
CA ILE B 145 -6.92 11.50 -32.65
C ILE B 145 -8.03 10.61 -32.16
N PRO B 146 -8.25 9.45 -32.77
CA PRO B 146 -9.27 8.52 -32.28
C PRO B 146 -9.04 8.04 -30.85
N VAL B 147 -10.15 7.89 -30.10
CA VAL B 147 -10.27 7.29 -28.76
C VAL B 147 -11.14 6.05 -28.85
N ILE B 148 -10.69 4.97 -28.20
CA ILE B 148 -11.55 3.79 -27.98
C ILE B 148 -11.80 3.66 -26.49
N ASN B 149 -13.06 3.52 -26.14
CA ASN B 149 -13.51 3.26 -24.75
C ASN B 149 -13.26 1.79 -24.45
N ALA B 150 -12.35 1.45 -23.52
CA ALA B 150 -12.04 0.05 -23.16
C ALA B 150 -12.81 -0.31 -21.89
N GLY B 151 -13.83 0.48 -21.54
CA GLY B 151 -14.59 0.29 -20.30
C GLY B 151 -14.57 1.57 -19.50
N ASP B 152 -15.74 2.11 -19.19
CA ASP B 152 -15.90 3.53 -18.77
C ASP B 152 -16.42 3.52 -17.35
N GLY B 153 -15.64 2.96 -16.41
CA GLY B 153 -16.08 2.68 -15.04
C GLY B 153 -17.42 1.96 -15.03
N PRO B 154 -18.44 2.48 -14.31
CA PRO B 154 -19.77 1.87 -14.27
C PRO B 154 -20.57 2.05 -15.57
N GLY B 155 -19.97 2.76 -16.53
CA GLY B 155 -20.53 3.08 -17.86
C GLY B 155 -20.39 1.94 -18.86
N GLU B 156 -20.34 2.33 -20.13
CA GLU B 156 -20.34 1.47 -21.33
C GLU B 156 -18.97 0.81 -21.56
N HIS B 157 -19.04 -0.42 -22.05
CA HIS B 157 -17.88 -1.23 -22.52
C HIS B 157 -18.21 -1.67 -23.93
N PRO B 158 -18.14 -0.78 -24.94
CA PRO B 158 -18.71 -1.05 -26.27
C PRO B 158 -17.99 -2.11 -27.11
N THR B 159 -16.68 -2.31 -26.97
CA THR B 159 -16.01 -3.41 -27.70
C THR B 159 -16.40 -4.74 -27.07
N GLN B 160 -16.70 -4.81 -25.77
CA GLN B 160 -17.27 -6.04 -25.19
C GLN B 160 -18.59 -6.34 -25.90
N ALA B 161 -19.45 -5.34 -26.07
CA ALA B 161 -20.78 -5.57 -26.71
C ALA B 161 -20.56 -6.02 -28.15
N LEU B 162 -19.62 -5.40 -28.87
CA LEU B 162 -19.34 -5.75 -30.28
C LEU B 162 -18.84 -7.20 -30.37
N LEU B 163 -17.89 -7.60 -29.53
CA LEU B 163 -17.34 -8.97 -29.65
C LEU B 163 -18.41 -9.98 -29.20
N ASP B 164 -19.30 -9.63 -28.27
CA ASP B 164 -20.40 -10.52 -27.81
C ASP B 164 -21.34 -10.82 -29.00
N VAL B 165 -21.77 -9.77 -29.71
CA VAL B 165 -22.69 -9.93 -30.88
C VAL B 165 -21.96 -10.71 -31.96
N TYR B 166 -20.74 -10.34 -32.28
CA TYR B 166 -19.88 -11.05 -33.24
C TYR B 166 -19.80 -12.54 -32.85
N THR B 167 -19.61 -12.84 -31.57
CA THR B 167 -19.45 -14.26 -31.14
C THR B 167 -20.75 -15.03 -31.44
N ILE B 168 -21.90 -14.42 -31.15
CA ILE B 168 -23.23 -15.03 -31.44
C ILE B 168 -23.26 -15.32 -32.94
N GLN B 169 -22.92 -14.33 -33.79
CA GLN B 169 -22.99 -14.50 -35.26
C GLN B 169 -22.09 -15.66 -35.69
N SER B 170 -20.89 -15.71 -35.11
N SER B 170 -20.84 -15.67 -35.22
CA SER B 170 -19.79 -16.64 -35.45
CA SER B 170 -19.85 -16.74 -35.54
C SER B 170 -20.13 -18.07 -35.02
C SER B 170 -20.43 -18.09 -35.14
N GLU B 171 -20.81 -18.21 -33.87
CA GLU B 171 -21.11 -19.52 -33.26
C GLU B 171 -22.43 -20.08 -33.81
N ILE B 172 -23.46 -19.23 -33.97
CA ILE B 172 -24.86 -19.63 -34.32
C ILE B 172 -25.05 -19.49 -35.83
N GLY B 173 -24.25 -18.64 -36.47
CA GLY B 173 -24.32 -18.38 -37.92
C GLY B 173 -25.37 -17.35 -38.26
N LYS B 174 -26.07 -16.75 -37.28
CA LYS B 174 -27.12 -15.73 -37.58
C LYS B 174 -27.35 -14.81 -36.38
N LEU B 175 -27.88 -13.62 -36.64
CA LEU B 175 -28.37 -12.71 -35.57
C LEU B 175 -29.90 -12.54 -35.67
N ASP B 176 -30.46 -12.60 -36.88
CA ASP B 176 -31.94 -12.58 -37.06
C ASP B 176 -32.52 -13.91 -36.59
N GLY B 177 -33.60 -13.89 -35.80
CA GLY B 177 -34.37 -15.11 -35.47
C GLY B 177 -33.69 -15.96 -34.39
N ILE B 178 -33.17 -15.34 -33.34
CA ILE B 178 -32.47 -16.08 -32.24
C ILE B 178 -33.17 -15.77 -30.94
N SER B 179 -33.00 -16.69 -30.00
CA SER B 179 -33.37 -16.56 -28.59
C SER B 179 -32.09 -16.46 -27.77
N VAL B 180 -31.95 -15.39 -27.00
CA VAL B 180 -30.77 -15.14 -26.11
C VAL B 180 -31.25 -15.02 -24.67
N ALA B 181 -30.67 -15.82 -23.79
CA ALA B 181 -30.89 -15.72 -22.34
C ALA B 181 -29.76 -14.86 -21.75
N LEU B 182 -30.13 -13.81 -21.05
CA LEU B 182 -29.20 -12.94 -20.30
C LEU B 182 -29.35 -13.32 -18.85
N VAL B 183 -28.29 -13.83 -18.23
CA VAL B 183 -28.40 -14.41 -16.88
C VAL B 183 -27.50 -13.64 -15.93
N GLY B 184 -27.99 -13.44 -14.71
CA GLY B 184 -27.19 -13.06 -13.52
C GLY B 184 -27.68 -11.74 -12.96
N ASP B 185 -26.78 -10.79 -12.73
CA ASP B 185 -27.12 -9.44 -12.19
C ASP B 185 -27.53 -8.51 -13.35
N LEU B 186 -28.80 -8.56 -13.75
CA LEU B 186 -29.29 -7.78 -14.92
C LEU B 186 -29.51 -6.30 -14.51
N ALA B 187 -29.93 -6.05 -13.28
CA ALA B 187 -30.20 -4.67 -12.79
C ALA B 187 -28.97 -3.81 -13.02
N ASN B 188 -27.79 -4.31 -12.60
CA ASN B 188 -26.51 -3.54 -12.52
C ASN B 188 -25.49 -4.05 -13.54
N GLY B 189 -25.90 -4.91 -14.46
CA GLY B 189 -25.00 -5.62 -15.39
C GLY B 189 -24.78 -4.85 -16.67
N ARG B 190 -23.64 -4.19 -16.81
CA ARG B 190 -23.39 -3.33 -17.99
C ARG B 190 -23.28 -4.16 -19.26
N THR B 191 -22.73 -5.39 -19.20
CA THR B 191 -22.53 -6.17 -20.45
C THR B 191 -23.89 -6.68 -20.91
N VAL B 192 -24.75 -7.14 -20.00
CA VAL B 192 -26.09 -7.68 -20.41
C VAL B 192 -26.93 -6.54 -20.98
N ARG B 193 -26.89 -5.35 -20.36
CA ARG B 193 -27.63 -4.16 -20.85
C ARG B 193 -27.15 -3.80 -22.24
N SER B 194 -25.83 -3.81 -22.46
CA SER B 194 -25.26 -3.37 -23.75
C SER B 194 -25.51 -4.42 -24.83
N LEU B 195 -25.50 -5.69 -24.46
CA LEU B 195 -25.74 -6.76 -25.43
C LEU B 195 -27.22 -6.65 -25.85
N ALA B 196 -28.14 -6.52 -24.89
CA ALA B 196 -29.59 -6.33 -25.23
C ALA B 196 -29.74 -5.14 -26.18
N TYR B 197 -29.02 -4.04 -25.95
CA TYR B 197 -29.13 -2.79 -26.76
C TYR B 197 -28.82 -3.14 -28.21
N LEU B 198 -27.71 -3.84 -28.45
CA LEU B 198 -27.24 -4.09 -29.83
C LEU B 198 -28.10 -5.18 -30.50
N LEU B 199 -28.55 -6.18 -29.73
CA LEU B 199 -29.33 -7.34 -30.30
C LEU B 199 -30.68 -6.82 -30.82
N ALA B 200 -31.17 -5.76 -30.21
CA ALA B 200 -32.44 -5.10 -30.61
C ALA B 200 -32.33 -4.50 -32.01
N LYS B 201 -31.16 -4.51 -32.65
CA LYS B 201 -31.01 -3.92 -34.01
C LYS B 201 -31.26 -4.96 -35.09
N PHE B 202 -31.42 -6.23 -34.71
CA PHE B 202 -31.66 -7.34 -35.67
C PHE B 202 -33.16 -7.72 -35.61
N LYS B 203 -33.60 -8.59 -36.51
CA LYS B 203 -35.04 -8.98 -36.62
C LYS B 203 -35.35 -10.24 -35.82
N ASP B 204 -36.54 -10.31 -35.23
CA ASP B 204 -37.13 -11.60 -34.78
C ASP B 204 -36.27 -12.15 -33.64
N VAL B 205 -35.77 -11.23 -32.82
CA VAL B 205 -34.96 -11.59 -31.64
C VAL B 205 -35.89 -11.76 -30.47
N LYS B 206 -35.71 -12.82 -29.70
CA LYS B 206 -36.34 -12.98 -28.37
C LYS B 206 -35.26 -12.93 -27.31
N ILE B 207 -35.49 -12.19 -26.24
CA ILE B 207 -34.53 -12.10 -25.11
C ILE B 207 -35.21 -12.59 -23.84
N TYR B 208 -34.59 -13.53 -23.16
CA TYR B 208 -35.02 -13.99 -21.82
C TYR B 208 -34.12 -13.33 -20.76
N PHE B 209 -34.76 -12.66 -19.80
CA PHE B 209 -34.08 -12.10 -18.62
C PHE B 209 -34.17 -13.12 -17.49
N VAL B 210 -33.05 -13.76 -17.16
CA VAL B 210 -33.07 -14.84 -16.14
C VAL B 210 -32.28 -14.32 -14.93
N SER B 211 -32.94 -14.16 -13.80
CA SER B 211 -32.35 -13.53 -12.60
C SER B 211 -33.26 -13.76 -11.40
N PRO B 212 -32.70 -13.72 -10.18
CA PRO B 212 -33.49 -13.42 -8.99
C PRO B 212 -34.26 -12.12 -9.23
N GLU B 213 -35.45 -12.00 -8.64
CA GLU B 213 -36.29 -10.78 -8.76
C GLU B 213 -35.47 -9.56 -8.36
N ILE B 214 -34.66 -9.66 -7.29
CA ILE B 214 -33.93 -8.54 -6.64
C ILE B 214 -32.95 -7.89 -7.62
N VAL B 215 -32.50 -8.58 -8.67
CA VAL B 215 -31.55 -8.03 -9.68
C VAL B 215 -32.15 -8.18 -11.08
N LYS B 216 -33.47 -8.03 -11.20
CA LYS B 216 -34.11 -8.10 -12.53
C LYS B 216 -33.66 -6.88 -13.35
N MET B 217 -33.79 -6.98 -14.68
CA MET B 217 -33.44 -5.94 -15.68
C MET B 217 -34.29 -4.70 -15.38
N LYS B 218 -33.72 -3.52 -15.60
CA LYS B 218 -34.34 -2.20 -15.27
C LYS B 218 -35.35 -1.86 -16.36
N ASP B 219 -36.36 -1.04 -16.03
CA ASP B 219 -37.49 -0.74 -16.96
C ASP B 219 -36.94 -0.10 -18.21
N ASP B 220 -35.81 0.58 -18.12
CA ASP B 220 -35.31 1.38 -19.26
C ASP B 220 -34.99 0.46 -20.44
N ILE B 221 -34.32 -0.69 -20.18
CA ILE B 221 -34.01 -1.70 -21.24
C ILE B 221 -35.29 -2.42 -21.68
N LYS B 222 -36.15 -2.80 -20.73
CA LYS B 222 -37.45 -3.46 -21.03
C LYS B 222 -38.25 -2.60 -22.03
N ASP B 223 -38.43 -1.31 -21.73
CA ASP B 223 -39.25 -0.39 -22.56
C ASP B 223 -38.52 -0.18 -23.87
N TYR B 224 -37.18 -0.27 -23.88
CA TYR B 224 -36.42 -0.04 -25.14
C TYR B 224 -36.65 -1.21 -26.10
N LEU B 225 -36.70 -2.42 -25.56
CA LEU B 225 -36.85 -3.65 -26.40
C LEU B 225 -38.27 -3.65 -27.00
N THR B 226 -39.29 -3.48 -26.16
CA THR B 226 -40.72 -3.32 -26.55
C THR B 226 -40.79 -2.33 -27.72
N SER B 227 -40.36 -1.08 -27.52
CA SER B 227 -40.37 -0.01 -28.58
C SER B 227 -39.51 -0.40 -29.80
N SER B 228 -38.60 -1.37 -29.70
CA SER B 228 -37.85 -1.90 -30.87
C SER B 228 -38.56 -3.13 -31.47
N GLY B 229 -39.64 -3.60 -30.86
CA GLY B 229 -40.35 -4.83 -31.29
C GLY B 229 -39.46 -6.05 -31.10
N VAL B 230 -38.83 -6.11 -29.94
CA VAL B 230 -38.10 -7.31 -29.47
C VAL B 230 -38.98 -7.94 -28.40
N GLU B 231 -39.30 -9.22 -28.59
CA GLU B 231 -40.06 -10.00 -27.59
C GLU B 231 -39.10 -10.25 -26.42
N TRP B 232 -39.56 -10.06 -25.20
CA TRP B 232 -38.75 -10.44 -24.04
C TRP B 232 -39.65 -11.09 -23.00
N GLU B 233 -39.05 -11.93 -22.15
CA GLU B 233 -39.71 -12.62 -21.04
C GLU B 233 -38.78 -12.60 -19.84
N GLU B 234 -39.33 -12.44 -18.64
CA GLU B 234 -38.57 -12.51 -17.38
C GLU B 234 -38.77 -13.90 -16.80
N SER B 235 -37.72 -14.54 -16.30
CA SER B 235 -37.82 -15.83 -15.58
C SER B 235 -36.84 -15.88 -14.39
N SER B 236 -37.13 -16.76 -13.44
CA SER B 236 -36.24 -17.16 -12.33
C SER B 236 -35.86 -18.64 -12.48
N ASP B 237 -36.14 -19.22 -13.67
CA ASP B 237 -36.06 -20.68 -13.98
C ASP B 237 -35.09 -20.92 -15.16
N LEU B 238 -33.80 -20.89 -14.86
CA LEU B 238 -32.74 -21.06 -15.88
C LEU B 238 -32.90 -22.40 -16.61
N MET B 239 -33.23 -23.50 -15.94
CA MET B 239 -33.36 -24.84 -16.59
C MET B 239 -34.39 -24.74 -17.73
N GLU B 240 -35.55 -24.17 -17.43
CA GLU B 240 -36.66 -24.03 -18.42
C GLU B 240 -36.18 -23.17 -19.59
N VAL B 241 -35.66 -21.97 -19.30
CA VAL B 241 -35.28 -21.01 -20.36
C VAL B 241 -34.16 -21.61 -21.23
N ALA B 242 -33.18 -22.26 -20.60
CA ALA B 242 -31.96 -22.75 -21.27
C ALA B 242 -32.33 -23.72 -22.38
N SER B 243 -33.36 -24.55 -22.16
CA SER B 243 -33.83 -25.59 -23.12
C SER B 243 -34.32 -24.98 -24.43
N LYS B 244 -34.60 -23.68 -24.52
CA LYS B 244 -35.19 -23.10 -25.77
C LYS B 244 -34.45 -21.83 -26.19
N CYS B 245 -33.17 -21.69 -25.82
CA CYS B 245 -32.33 -20.55 -26.25
C CYS B 245 -31.23 -21.02 -27.19
N ASP B 246 -30.83 -20.14 -28.08
CA ASP B 246 -29.64 -20.36 -28.92
C ASP B 246 -28.39 -20.03 -28.10
N VAL B 247 -28.55 -19.08 -27.17
CA VAL B 247 -27.41 -18.49 -26.41
C VAL B 247 -27.79 -18.34 -24.96
N VAL B 248 -26.95 -18.86 -24.07
CA VAL B 248 -27.03 -18.53 -22.63
C VAL B 248 -25.79 -17.67 -22.33
N TYR B 249 -26.02 -16.39 -22.04
CA TYR B 249 -25.00 -15.38 -21.65
C TYR B 249 -25.05 -15.23 -20.13
N GLN B 250 -24.01 -15.77 -19.48
CA GLN B 250 -23.89 -15.87 -18.00
C GLN B 250 -23.04 -14.71 -17.48
N THR B 251 -23.42 -14.19 -16.32
CA THR B 251 -22.69 -13.15 -15.55
C THR B 251 -22.86 -13.47 -14.06
N ARG B 252 -21.98 -12.87 -13.25
CA ARG B 252 -21.93 -13.14 -11.79
C ARG B 252 -23.08 -12.35 -11.15
N ILE B 253 -23.67 -12.92 -10.13
CA ILE B 253 -24.46 -12.15 -9.11
C ILE B 253 -23.59 -12.06 -7.85
N GLN B 254 -23.13 -10.85 -7.50
CA GLN B 254 -22.34 -10.59 -6.27
C GLN B 254 -23.25 -10.71 -5.04
N ARG B 255 -22.80 -11.43 -4.02
CA ARG B 255 -23.50 -11.66 -2.73
C ARG B 255 -24.03 -10.32 -2.17
N GLU B 256 -23.28 -9.23 -2.38
N GLU B 256 -23.21 -9.26 -2.33
CA GLU B 256 -23.55 -7.89 -1.81
CA GLU B 256 -23.49 -7.85 -1.90
C GLU B 256 -24.83 -7.30 -2.43
C GLU B 256 -24.90 -7.44 -2.32
N ARG B 257 -25.35 -7.88 -3.51
CA ARG B 257 -26.57 -7.35 -4.14
C ARG B 257 -27.81 -7.75 -3.34
N PHE B 258 -27.70 -8.76 -2.48
CA PHE B 258 -28.82 -9.20 -1.61
C PHE B 258 -28.89 -8.33 -0.35
N GLY B 259 -27.92 -7.42 -0.13
CA GLY B 259 -27.84 -6.65 1.14
C GLY B 259 -28.13 -7.53 2.34
N GLU B 260 -29.12 -7.17 3.17
CA GLU B 260 -29.42 -7.95 4.42
C GLU B 260 -30.40 -9.11 4.11
N ARG B 261 -30.91 -9.22 2.89
CA ARG B 261 -31.88 -10.28 2.50
C ARG B 261 -31.13 -11.58 2.19
N LEU B 262 -30.56 -12.21 3.22
CA LEU B 262 -29.82 -13.49 3.10
C LEU B 262 -30.79 -14.65 2.91
N ASP B 263 -32.07 -14.44 3.21
CA ASP B 263 -33.14 -15.41 2.87
C ASP B 263 -33.21 -15.50 1.34
N LEU B 264 -33.20 -14.36 0.66
CA LEU B 264 -33.30 -14.27 -0.81
C LEU B 264 -32.02 -14.83 -1.44
N TYR B 265 -30.88 -14.72 -0.76
CA TYR B 265 -29.58 -15.24 -1.27
C TYR B 265 -29.62 -16.78 -1.29
N GLU B 266 -30.03 -17.36 -0.15
CA GLU B 266 -30.25 -18.82 0.03
C GLU B 266 -31.19 -19.35 -1.06
N ALA B 267 -32.30 -18.66 -1.36
CA ALA B 267 -33.31 -19.11 -2.34
C ALA B 267 -32.70 -19.14 -3.75
N ALA B 268 -31.73 -18.25 -4.03
CA ALA B 268 -31.07 -18.15 -5.35
C ALA B 268 -29.88 -19.11 -5.40
N ARG B 269 -29.42 -19.62 -4.25
CA ARG B 269 -28.22 -20.50 -4.17
C ARG B 269 -28.41 -21.67 -5.14
N GLY B 270 -27.52 -21.85 -6.11
CA GLY B 270 -27.50 -23.03 -6.99
C GLY B 270 -28.54 -22.97 -8.10
N LYS B 271 -29.27 -21.86 -8.26
CA LYS B 271 -30.39 -21.76 -9.22
C LYS B 271 -29.98 -20.99 -10.47
N PHE B 272 -28.84 -20.27 -10.46
CA PHE B 272 -28.39 -19.48 -11.65
C PHE B 272 -26.95 -19.87 -12.02
N ILE B 273 -26.63 -21.16 -11.94
CA ILE B 273 -25.29 -21.74 -12.22
C ILE B 273 -25.38 -22.45 -13.57
N VAL B 274 -24.36 -22.31 -14.40
CA VAL B 274 -24.20 -23.15 -15.61
C VAL B 274 -23.33 -24.33 -15.18
N ASP B 275 -23.94 -25.52 -15.12
CA ASP B 275 -23.28 -26.80 -14.72
C ASP B 275 -23.61 -27.86 -15.78
N LYS B 276 -23.12 -29.10 -15.59
CA LYS B 276 -23.32 -30.15 -16.60
C LYS B 276 -24.82 -30.41 -16.77
N ASP B 277 -25.60 -30.33 -15.70
CA ASP B 277 -27.07 -30.60 -15.78
C ASP B 277 -27.74 -29.54 -16.69
N LEU B 278 -27.29 -28.30 -16.64
CA LEU B 278 -27.94 -27.28 -17.49
C LEU B 278 -27.58 -27.58 -18.95
N LEU B 279 -26.34 -27.97 -19.22
CA LEU B 279 -25.94 -28.33 -20.62
C LEU B 279 -26.80 -29.51 -21.09
N GLY B 280 -27.16 -30.41 -20.17
CA GLY B 280 -27.99 -31.58 -20.47
C GLY B 280 -29.31 -31.21 -21.14
N VAL B 281 -29.93 -30.07 -20.80
CA VAL B 281 -31.28 -29.68 -21.33
C VAL B 281 -31.15 -28.72 -22.50
N MET B 282 -29.93 -28.30 -22.83
CA MET B 282 -29.72 -27.28 -23.89
C MET B 282 -29.66 -27.99 -25.24
N GLN B 283 -30.05 -27.29 -26.29
CA GLN B 283 -29.99 -27.77 -27.68
C GLN B 283 -28.53 -28.02 -28.12
N LYS B 284 -28.33 -28.87 -29.13
N LYS B 284 -28.38 -28.90 -29.12
CA LYS B 284 -26.96 -29.27 -29.56
CA LYS B 284 -27.12 -29.32 -29.77
C LYS B 284 -26.29 -28.09 -30.27
C LYS B 284 -26.33 -28.08 -30.22
N LYS B 285 -27.06 -27.14 -30.80
CA LYS B 285 -26.49 -25.96 -31.51
C LYS B 285 -26.48 -24.69 -30.63
N ALA B 286 -26.86 -24.78 -29.36
CA ALA B 286 -26.85 -23.62 -28.44
C ALA B 286 -25.43 -23.47 -27.87
N ILE B 287 -25.16 -22.32 -27.27
CA ILE B 287 -23.79 -22.02 -26.72
C ILE B 287 -23.91 -21.38 -25.36
N ILE B 288 -22.83 -21.47 -24.59
CA ILE B 288 -22.64 -20.76 -23.30
C ILE B 288 -21.62 -19.66 -23.55
N MET B 289 -21.98 -18.43 -23.17
CA MET B 289 -21.10 -17.26 -23.24
C MET B 289 -20.96 -16.66 -21.81
N HIS B 290 -19.90 -15.89 -21.61
CA HIS B 290 -19.48 -15.22 -20.36
C HIS B 290 -18.41 -14.21 -20.75
N PRO B 291 -18.59 -12.92 -20.42
CA PRO B 291 -17.62 -11.92 -20.85
C PRO B 291 -16.25 -12.13 -20.15
N LEU B 292 -16.28 -12.79 -18.98
CA LEU B 292 -15.16 -13.20 -18.07
C LEU B 292 -14.66 -11.97 -17.31
N PRO B 293 -13.96 -12.12 -16.16
CA PRO B 293 -13.67 -13.40 -15.54
C PRO B 293 -14.88 -14.05 -14.90
N ARG B 294 -14.84 -15.37 -14.75
CA ARG B 294 -15.90 -16.11 -14.08
C ARG B 294 -15.37 -16.62 -12.74
N LEU B 295 -16.26 -16.86 -11.80
CA LEU B 295 -15.94 -17.63 -10.57
C LEU B 295 -16.70 -18.95 -10.66
N ASP B 296 -17.57 -19.28 -9.70
CA ASP B 296 -18.21 -20.61 -9.65
C ASP B 296 -19.54 -20.63 -10.43
N GLU B 297 -19.94 -19.53 -11.10
CA GLU B 297 -21.23 -19.44 -11.83
C GLU B 297 -21.18 -20.25 -13.15
N ILE B 298 -20.00 -20.72 -13.57
CA ILE B 298 -19.85 -21.77 -14.62
C ILE B 298 -18.88 -22.82 -14.09
N THR B 299 -19.34 -24.04 -13.89
CA THR B 299 -18.50 -25.12 -13.32
C THR B 299 -17.41 -25.49 -14.35
N ALA B 300 -16.23 -25.85 -13.85
CA ALA B 300 -15.07 -26.18 -14.70
C ALA B 300 -15.42 -27.36 -15.63
N ASP B 301 -16.33 -28.26 -15.27
CA ASP B 301 -16.58 -29.46 -16.12
C ASP B 301 -17.41 -29.07 -17.36
N VAL B 302 -17.98 -27.87 -17.43
CA VAL B 302 -18.69 -27.35 -18.63
C VAL B 302 -17.66 -27.03 -19.72
N ASP B 303 -16.42 -26.65 -19.35
CA ASP B 303 -15.41 -26.16 -20.33
C ASP B 303 -15.14 -27.19 -21.44
N ALA B 304 -15.30 -28.47 -21.16
CA ALA B 304 -15.00 -29.59 -22.09
C ALA B 304 -16.11 -29.74 -23.13
N ASP B 305 -17.27 -29.17 -22.87
CA ASP B 305 -18.39 -29.24 -23.85
C ASP B 305 -18.05 -28.32 -25.00
N PRO B 306 -18.19 -28.77 -26.27
CA PRO B 306 -17.95 -27.93 -27.42
C PRO B 306 -18.80 -26.65 -27.43
N ARG B 307 -19.94 -26.67 -26.74
CA ARG B 307 -20.86 -25.50 -26.73
C ARG B 307 -20.38 -24.41 -25.75
N ALA B 308 -19.33 -24.66 -24.95
CA ALA B 308 -18.75 -23.65 -24.03
C ALA B 308 -17.91 -22.68 -24.88
N ALA B 309 -18.41 -21.48 -25.15
CA ALA B 309 -17.84 -20.59 -26.18
C ALA B 309 -17.03 -19.45 -25.55
N TYR B 310 -16.93 -19.38 -24.23
CA TYR B 310 -16.40 -18.17 -23.55
C TYR B 310 -14.92 -17.97 -23.88
N PHE B 311 -14.13 -19.03 -24.10
CA PHE B 311 -12.72 -18.80 -24.50
C PHE B 311 -12.64 -18.37 -25.97
N ARG B 312 -13.45 -18.95 -26.84
CA ARG B 312 -13.56 -18.53 -28.27
C ARG B 312 -14.02 -17.04 -28.32
N GLN B 313 -14.94 -16.68 -27.43
CA GLN B 313 -15.50 -15.31 -27.30
C GLN B 313 -14.35 -14.35 -26.99
N ALA B 314 -13.48 -14.68 -26.03
CA ALA B 314 -12.35 -13.82 -25.68
C ALA B 314 -11.44 -13.71 -26.90
N LYS B 315 -11.15 -14.81 -27.58
CA LYS B 315 -10.32 -14.70 -28.80
C LYS B 315 -11.00 -13.82 -29.86
N ASN B 316 -12.32 -13.87 -29.98
CA ASN B 316 -12.98 -13.03 -31.02
C ASN B 316 -12.74 -11.55 -30.70
N GLY B 317 -12.55 -11.20 -29.44
CA GLY B 317 -12.16 -9.85 -28.97
C GLY B 317 -10.92 -9.37 -29.68
N LEU B 318 -9.98 -10.28 -29.92
CA LEU B 318 -8.76 -9.93 -30.67
C LEU B 318 -9.10 -9.45 -32.09
N PHE B 319 -9.94 -10.22 -32.79
CA PHE B 319 -10.31 -9.96 -34.20
C PHE B 319 -11.15 -8.68 -34.29
N ILE B 320 -12.10 -8.48 -33.37
CA ILE B 320 -12.97 -7.27 -33.34
C ILE B 320 -12.09 -6.04 -33.08
N ARG B 321 -11.09 -6.16 -32.20
CA ARG B 321 -10.29 -4.97 -31.83
C ARG B 321 -9.28 -4.71 -32.94
N MET B 322 -8.81 -5.74 -33.63
CA MET B 322 -7.97 -5.56 -34.82
C MET B 322 -8.78 -4.76 -35.88
N ALA B 323 -10.02 -5.15 -36.10
CA ALA B 323 -10.90 -4.51 -37.13
C ALA B 323 -11.10 -3.03 -36.77
N LEU B 324 -11.39 -2.71 -35.51
CA LEU B 324 -11.63 -1.30 -35.06
C LEU B 324 -10.35 -0.48 -35.18
N LEU B 325 -9.20 -1.05 -34.82
CA LEU B 325 -7.92 -0.31 -34.93
C LEU B 325 -7.68 -0.02 -36.40
N LYS B 326 -7.85 -1.02 -37.25
CA LYS B 326 -7.57 -0.90 -38.69
C LYS B 326 -8.51 0.17 -39.29
N LEU B 327 -9.78 0.05 -38.98
CA LEU B 327 -10.82 0.99 -39.51
C LEU B 327 -10.56 2.43 -39.04
N LEU B 328 -10.29 2.63 -37.75
CA LEU B 328 -10.12 4.00 -37.21
C LEU B 328 -8.87 4.64 -37.81
N LEU B 329 -7.84 3.88 -38.13
CA LEU B 329 -6.53 4.46 -38.51
C LEU B 329 -6.36 4.48 -40.03
N VAL B 330 -6.78 3.46 -40.77
CA VAL B 330 -6.53 3.45 -42.24
C VAL B 330 -7.85 3.34 -43.04
N GLY B 331 -9.01 3.27 -42.38
CA GLY B 331 -10.34 3.16 -43.03
C GLY B 331 -10.67 1.80 -43.63
N TRP B 332 -11.81 1.73 -44.33
CA TRP B 332 -12.31 0.54 -45.05
C TRP B 332 -11.30 0.18 -46.15
N HIS C 9 22.59 26.92 -43.86
CA HIS C 9 21.75 25.92 -43.11
C HIS C 9 21.84 26.14 -41.57
N HIS C 10 22.48 27.22 -41.06
CA HIS C 10 22.58 27.58 -39.61
C HIS C 10 21.28 28.31 -39.17
N SER C 11 20.55 27.82 -38.16
CA SER C 11 19.32 28.47 -37.63
C SER C 11 19.56 29.97 -37.35
N SER C 12 20.83 30.41 -37.21
CA SER C 12 21.28 31.81 -36.97
C SER C 12 21.37 32.64 -38.27
N GLY C 13 20.98 32.11 -39.44
CA GLY C 13 20.85 32.86 -40.70
C GLY C 13 21.98 32.57 -41.70
N LEU C 14 23.17 32.16 -41.23
CA LEU C 14 24.39 31.95 -42.06
C LEU C 14 24.38 30.55 -42.71
N GLU C 15 25.14 30.38 -43.81
CA GLU C 15 25.30 29.09 -44.53
C GLU C 15 26.27 28.17 -43.76
N VAL C 16 26.04 26.86 -43.81
CA VAL C 16 26.92 25.84 -43.17
C VAL C 16 28.09 25.56 -44.11
N LEU C 17 29.32 25.85 -43.68
CA LEU C 17 30.52 25.77 -44.56
C LEU C 17 31.09 24.36 -44.58
N PHE C 18 30.86 23.57 -43.50
CA PHE C 18 31.47 22.22 -43.35
C PHE C 18 30.42 21.12 -43.11
N GLN C 19 30.51 20.04 -43.88
CA GLN C 19 29.70 18.80 -43.66
C GLN C 19 30.61 17.73 -43.03
N GLY C 20 30.34 17.36 -41.79
CA GLY C 20 31.05 16.27 -41.11
C GLY C 20 30.71 16.36 -39.63
N PRO C 21 31.21 15.45 -38.80
CA PRO C 21 30.91 15.46 -37.37
C PRO C 21 31.31 16.78 -36.69
N HIS C 22 30.59 17.08 -35.64
CA HIS C 22 30.80 18.22 -34.73
C HIS C 22 32.00 17.87 -33.84
N MET C 23 32.37 18.79 -32.98
CA MET C 23 33.59 18.70 -32.15
C MET C 23 33.26 18.37 -30.70
N PHE C 24 31.99 18.14 -30.34
CA PHE C 24 31.63 17.96 -28.89
C PHE C 24 31.70 16.48 -28.53
N GLU C 25 31.79 16.22 -27.22
N GLU C 25 31.79 16.19 -27.24
CA GLU C 25 31.69 14.89 -26.55
CA GLU C 25 31.68 14.79 -26.73
C GLU C 25 30.23 14.69 -26.15
C GLU C 25 30.28 14.63 -26.14
N LEU C 26 29.56 13.59 -26.54
CA LEU C 26 28.16 13.30 -26.01
C LEU C 26 27.93 11.78 -25.88
N SER C 27 28.13 11.28 -24.68
CA SER C 27 28.04 9.83 -24.41
CA SER C 27 28.12 9.84 -24.34
C SER C 27 26.97 9.54 -23.36
N ASP C 28 26.46 10.57 -22.70
CA ASP C 28 25.36 10.45 -21.72
C ASP C 28 24.65 11.81 -21.70
N VAL C 29 23.45 11.87 -21.15
CA VAL C 29 22.77 13.18 -20.95
C VAL C 29 22.38 13.22 -19.46
N ILE C 30 23.15 13.97 -18.69
CA ILE C 30 23.12 13.93 -17.20
C ILE C 30 22.84 15.30 -16.62
N GLU C 31 23.48 16.35 -17.15
CA GLU C 31 23.39 17.64 -16.44
C GLU C 31 23.48 18.78 -17.43
N GLY C 32 22.84 19.89 -17.07
CA GLY C 32 22.78 21.09 -17.93
C GLY C 32 24.15 21.59 -18.38
N LYS C 33 25.19 21.53 -17.53
CA LYS C 33 26.44 22.19 -17.92
C LYS C 33 27.15 21.44 -19.04
N GLN C 34 26.72 20.22 -19.39
CA GLN C 34 27.22 19.55 -20.61
C GLN C 34 26.92 20.37 -21.87
N PHE C 35 25.83 21.12 -21.87
CA PHE C 35 25.21 21.70 -23.09
C PHE C 35 25.79 23.09 -23.39
N ASP C 36 26.95 23.09 -24.01
CA ASP C 36 27.55 24.31 -24.62
C ASP C 36 26.72 24.71 -25.85
N ARG C 37 27.06 25.85 -26.46
CA ARG C 37 26.26 26.40 -27.58
C ARG C 37 26.36 25.47 -28.78
N GLU C 38 27.54 24.89 -29.06
CA GLU C 38 27.70 24.00 -30.23
C GLU C 38 26.71 22.84 -30.10
N MET C 39 26.62 22.27 -28.90
N MET C 39 26.61 22.26 -28.90
CA MET C 39 25.75 21.10 -28.63
CA MET C 39 25.74 21.10 -28.62
C MET C 39 24.28 21.51 -28.70
C MET C 39 24.28 21.49 -28.67
N LEU C 40 23.91 22.64 -28.10
CA LEU C 40 22.52 23.11 -28.18
C LEU C 40 22.17 23.31 -29.66
N SER C 41 23.04 23.93 -30.47
N SER C 41 23.05 23.94 -30.45
CA SER C 41 22.73 24.17 -31.90
CA SER C 41 22.78 24.18 -31.89
C SER C 41 22.54 22.83 -32.62
C SER C 41 22.54 22.84 -32.59
N ALA C 42 23.42 21.86 -32.37
CA ALA C 42 23.29 20.53 -32.98
C ALA C 42 21.98 19.84 -32.56
N ILE C 43 21.66 19.80 -31.27
CA ILE C 43 20.46 19.09 -30.75
C ILE C 43 19.21 19.74 -31.35
N PHE C 44 19.17 21.06 -31.42
CA PHE C 44 17.99 21.79 -31.94
C PHE C 44 17.81 21.53 -33.44
N ASP C 45 18.91 21.49 -34.20
N ASP C 45 18.91 21.51 -34.20
CA ASP C 45 18.90 21.16 -35.66
CA ASP C 45 18.94 21.17 -35.65
C ASP C 45 18.42 19.73 -35.86
C ASP C 45 18.44 19.74 -35.85
N VAL C 46 18.91 18.79 -35.06
CA VAL C 46 18.45 17.38 -35.19
C VAL C 46 16.97 17.30 -34.80
N ALA C 47 16.54 18.04 -33.78
CA ALA C 47 15.12 18.04 -33.34
C ALA C 47 14.24 18.51 -34.51
N ARG C 48 14.68 19.51 -35.28
CA ARG C 48 13.89 20.00 -36.44
C ARG C 48 13.84 18.89 -37.51
N GLU C 49 14.90 18.09 -37.72
CA GLU C 49 14.87 16.93 -38.64
C GLU C 49 13.91 15.86 -38.11
N MET C 50 13.85 15.67 -36.79
CA MET C 50 12.98 14.64 -36.19
C MET C 50 11.51 15.05 -36.36
N GLU C 51 11.18 16.34 -36.30
CA GLU C 51 9.81 16.83 -36.55
C GLU C 51 9.36 16.40 -37.96
N LYS C 52 10.26 16.32 -38.92
CA LYS C 52 9.91 15.91 -40.29
C LYS C 52 9.71 14.39 -40.34
N ILE C 53 10.56 13.64 -39.64
CA ILE C 53 10.40 12.16 -39.59
C ILE C 53 9.04 11.89 -38.95
N GLU C 54 8.69 12.61 -37.88
CA GLU C 54 7.52 12.26 -37.05
C GLU C 54 6.26 12.55 -37.87
N LYS C 55 6.35 13.53 -38.78
CA LYS C 55 5.21 14.01 -39.62
C LYS C 55 4.98 13.00 -40.75
N SER C 56 6.07 12.39 -41.21
CA SER C 56 6.12 11.51 -42.42
C SER C 56 5.32 10.24 -42.15
N SER C 57 4.88 9.57 -43.22
CA SER C 57 4.00 8.37 -43.13
C SER C 57 4.88 7.12 -42.99
N SER C 58 6.06 7.11 -43.61
CA SER C 58 6.94 5.91 -43.60
C SER C 58 7.63 5.77 -42.24
N GLN C 59 7.75 4.53 -41.74
CA GLN C 59 8.35 4.18 -40.42
C GLN C 59 9.88 4.40 -40.54
N SER C 60 10.46 5.28 -39.74
CA SER C 60 11.94 5.42 -39.62
C SER C 60 12.56 4.11 -39.09
N GLU C 61 13.77 3.80 -39.55
CA GLU C 61 14.53 2.62 -39.11
C GLU C 61 15.89 3.08 -38.60
N ILE C 62 16.04 4.38 -38.29
CA ILE C 62 17.35 4.92 -37.84
C ILE C 62 17.84 4.09 -36.63
N LEU C 63 16.93 3.72 -35.72
CA LEU C 63 17.37 3.01 -34.48
C LEU C 63 16.90 1.56 -34.50
N LYS C 64 16.62 1.00 -35.68
CA LYS C 64 16.30 -0.45 -35.76
C LYS C 64 17.46 -1.22 -35.14
N GLY C 65 17.12 -2.21 -34.33
CA GLY C 65 18.10 -3.08 -33.66
C GLY C 65 18.58 -2.51 -32.35
N TYR C 66 18.19 -1.29 -31.95
CA TYR C 66 18.57 -0.74 -30.63
C TYR C 66 17.44 -0.96 -29.62
N LEU C 67 17.82 -1.22 -28.37
CA LEU C 67 16.88 -1.45 -27.26
C LEU C 67 17.12 -0.44 -26.16
N MET C 68 16.07 0.25 -25.73
CA MET C 68 16.12 1.18 -24.57
C MET C 68 15.60 0.42 -23.35
N ALA C 69 16.23 0.53 -22.19
CA ALA C 69 15.64 0.12 -20.90
C ALA C 69 15.26 1.39 -20.15
N THR C 70 14.01 1.50 -19.71
CA THR C 70 13.59 2.58 -18.80
C THR C 70 13.63 2.09 -17.35
N LEU C 71 13.99 2.98 -16.45
CA LEU C 71 13.93 2.76 -14.99
C LEU C 71 13.27 3.95 -14.35
N PHE C 72 11.96 3.88 -14.14
CA PHE C 72 11.20 4.98 -13.52
C PHE C 72 10.92 4.59 -12.07
N TYR C 73 11.65 5.23 -11.16
CA TYR C 73 11.46 5.07 -9.70
C TYR C 73 10.46 6.10 -9.14
N GLU C 74 10.04 7.07 -9.95
CA GLU C 74 8.98 8.08 -9.63
C GLU C 74 7.99 8.10 -10.78
N PRO C 75 6.72 8.49 -10.51
CA PRO C 75 5.70 8.60 -11.54
C PRO C 75 6.11 9.58 -12.64
N SER C 76 5.65 9.30 -13.86
CA SER C 76 5.88 10.14 -15.06
C SER C 76 4.79 9.85 -16.10
N THR C 77 4.29 10.91 -16.76
CA THR C 77 3.52 10.79 -18.02
C THR C 77 4.34 11.31 -19.19
N ARG C 78 4.74 12.59 -19.17
CA ARG C 78 5.37 13.19 -20.36
C ARG C 78 6.73 12.52 -20.62
N THR C 79 7.59 12.43 -19.59
CA THR C 79 8.98 12.01 -19.80
C THR C 79 9.00 10.52 -20.21
N ARG C 80 8.32 9.64 -19.50
CA ARG C 80 8.30 8.18 -19.77
C ARG C 80 7.74 7.94 -21.18
N LEU C 81 6.59 8.52 -21.52
CA LEU C 81 5.93 8.17 -22.80
C LEU C 81 6.68 8.82 -23.95
N SER C 82 7.17 10.04 -23.80
CA SER C 82 7.89 10.75 -24.88
CA SER C 82 7.92 10.77 -24.84
C SER C 82 9.19 9.99 -25.20
N PHE C 83 9.93 9.51 -24.22
CA PHE C 83 11.16 8.69 -24.50
C PHE C 83 10.80 7.39 -25.26
N GLU C 84 9.75 6.72 -24.83
CA GLU C 84 9.33 5.42 -25.42
CA GLU C 84 9.34 5.42 -25.43
C GLU C 84 8.82 5.66 -26.85
N SER C 85 7.98 6.67 -27.02
CA SER C 85 7.46 7.08 -28.35
C SER C 85 8.64 7.46 -29.23
N ALA C 86 9.61 8.23 -28.69
CA ALA C 86 10.77 8.68 -29.45
C ALA C 86 11.54 7.46 -29.99
N MET C 87 11.78 6.50 -29.14
CA MET C 87 12.54 5.30 -29.53
C MET C 87 11.77 4.52 -30.59
N LYS C 88 10.46 4.36 -30.43
CA LYS C 88 9.65 3.51 -31.34
C LYS C 88 9.41 4.22 -32.69
N ARG C 89 9.33 5.54 -32.67
CA ARG C 89 9.16 6.37 -33.90
C ARG C 89 10.43 6.24 -34.72
N LEU C 90 11.57 5.90 -34.11
CA LEU C 90 12.85 5.76 -34.84
C LEU C 90 13.14 4.28 -35.13
N GLY C 91 12.16 3.42 -34.86
CA GLY C 91 12.21 1.98 -35.17
C GLY C 91 12.95 1.17 -34.11
N GLY C 92 13.20 1.75 -32.95
CA GLY C 92 13.86 1.02 -31.85
C GLY C 92 12.85 0.31 -30.96
N GLU C 93 13.33 -0.44 -29.97
CA GLU C 93 12.43 -1.14 -29.05
C GLU C 93 12.71 -0.67 -27.61
N VAL C 94 11.78 -0.98 -26.73
CA VAL C 94 11.81 -0.49 -25.35
C VAL C 94 11.49 -1.64 -24.41
N LEU C 95 12.27 -1.75 -23.34
CA LEU C 95 12.00 -2.66 -22.19
C LEU C 95 11.60 -1.77 -21.02
N THR C 96 10.36 -1.78 -20.57
CA THR C 96 10.00 -0.78 -19.53
C THR C 96 10.12 -1.35 -18.11
N THR C 97 10.50 -0.51 -17.17
CA THR C 97 10.38 -0.75 -15.72
C THR C 97 9.83 0.55 -15.11
N GLU C 98 8.56 0.57 -14.75
CA GLU C 98 7.98 1.66 -13.93
C GLU C 98 7.87 1.10 -12.53
N ASN C 99 7.70 1.94 -11.54
CA ASN C 99 7.56 1.39 -10.18
C ASN C 99 8.74 0.42 -10.02
N ALA C 100 9.95 0.93 -10.25
CA ALA C 100 11.24 0.21 -10.10
C ALA C 100 11.51 0.03 -8.60
N ARG C 101 10.72 0.71 -7.75
CA ARG C 101 10.69 0.52 -6.27
C ARG C 101 9.83 -0.70 -5.86
N GLU C 102 8.74 -1.03 -6.59
CA GLU C 102 7.77 -2.13 -6.26
C GLU C 102 7.90 -3.35 -7.20
N PHE C 103 8.05 -3.17 -8.52
CA PHE C 103 7.94 -4.23 -9.59
C PHE C 103 9.33 -4.78 -10.03
N SER C 104 10.40 -4.02 -9.81
CA SER C 104 11.83 -4.44 -9.96
C SER C 104 12.37 -5.09 -8.64
N SER C 105 13.50 -5.81 -8.76
CA SER C 105 14.29 -6.40 -7.65
C SER C 105 14.96 -5.32 -6.75
N ALA C 106 14.80 -4.03 -7.04
CA ALA C 106 15.20 -2.92 -6.12
C ALA C 106 14.16 -2.80 -4.99
N ALA C 107 12.99 -3.44 -5.13
CA ALA C 107 12.03 -3.78 -4.05
C ALA C 107 12.69 -4.69 -2.98
N LYS C 108 13.76 -5.42 -3.34
CA LYS C 108 14.48 -6.40 -2.46
C LYS C 108 15.87 -5.89 -2.02
N GLY C 109 16.19 -4.58 -2.15
CA GLY C 109 17.36 -3.86 -1.57
C GLY C 109 18.54 -3.62 -2.55
N GLU C 110 18.41 -3.95 -3.83
CA GLU C 110 19.56 -3.91 -4.78
C GLU C 110 20.14 -2.48 -4.89
N THR C 111 21.47 -2.29 -4.89
CA THR C 111 22.11 -0.98 -5.18
C THR C 111 21.81 -0.54 -6.63
N LEU C 112 21.80 0.75 -6.85
CA LEU C 112 21.64 1.32 -8.22
C LEU C 112 22.74 0.77 -9.13
N GLU C 113 23.99 0.71 -8.65
CA GLU C 113 25.14 0.25 -9.46
C GLU C 113 24.87 -1.19 -9.92
N ASP C 114 24.30 -2.05 -9.06
CA ASP C 114 23.97 -3.44 -9.44
C ASP C 114 22.84 -3.44 -10.48
N THR C 115 21.79 -2.65 -10.29
CA THR C 115 20.68 -2.52 -11.26
C THR C 115 21.28 -2.14 -12.63
N ILE C 116 22.16 -1.16 -12.67
CA ILE C 116 22.71 -0.60 -13.96
C ILE C 116 23.55 -1.70 -14.65
N ARG C 117 24.46 -2.36 -13.91
CA ARG C 117 25.35 -3.40 -14.49
C ARG C 117 24.56 -4.65 -14.89
N THR C 118 23.40 -4.89 -14.29
CA THR C 118 22.43 -5.93 -14.73
C THR C 118 21.76 -5.51 -16.05
N VAL C 119 21.06 -4.39 -16.01
CA VAL C 119 20.16 -3.95 -17.11
C VAL C 119 20.95 -3.66 -18.38
N GLU C 120 22.21 -3.21 -18.26
CA GLU C 120 23.03 -2.89 -19.47
C GLU C 120 23.31 -4.15 -20.28
N GLY C 121 23.24 -5.33 -19.66
CA GLY C 121 23.39 -6.61 -20.39
C GLY C 121 22.22 -6.86 -21.36
N TYR C 122 21.09 -6.20 -21.16
CA TYR C 122 19.82 -6.44 -21.92
C TYR C 122 19.53 -5.34 -22.90
N SER C 123 20.32 -4.26 -22.87
CA SER C 123 19.92 -3.00 -23.52
C SER C 123 21.11 -2.28 -24.10
N ASP C 124 20.82 -1.27 -24.91
CA ASP C 124 21.82 -0.41 -25.57
C ASP C 124 21.82 1.00 -24.99
N ILE C 125 20.74 1.43 -24.31
CA ILE C 125 20.67 2.77 -23.68
C ILE C 125 19.73 2.66 -22.48
N ILE C 126 20.02 3.39 -21.42
CA ILE C 126 19.16 3.40 -20.21
C ILE C 126 18.62 4.80 -20.01
N VAL C 127 17.32 4.89 -19.80
CA VAL C 127 16.66 6.16 -19.46
C VAL C 127 16.17 6.00 -18.01
N MET C 128 16.59 6.86 -17.09
CA MET C 128 16.32 6.65 -15.65
C MET C 128 15.77 7.93 -15.02
N ARG C 129 14.67 7.80 -14.28
CA ARG C 129 14.16 8.85 -13.37
C ARG C 129 14.27 8.23 -11.98
N HIS C 130 15.28 8.65 -11.24
CA HIS C 130 15.53 8.10 -9.88
C HIS C 130 14.81 8.98 -8.87
N PHE C 131 14.88 8.63 -7.58
CA PHE C 131 14.27 9.43 -6.49
C PHE C 131 15.36 10.23 -5.75
N GLU C 132 16.64 9.97 -5.99
CA GLU C 132 17.76 10.65 -5.30
C GLU C 132 18.67 11.41 -6.28
N SER C 133 18.94 12.67 -5.98
CA SER C 133 19.87 13.53 -6.72
C SER C 133 21.23 12.85 -6.74
N GLY C 134 21.88 12.79 -7.90
CA GLY C 134 23.22 12.20 -8.05
C GLY C 134 23.17 10.78 -8.61
N ALA C 135 21.99 10.19 -8.71
CA ALA C 135 21.82 8.82 -9.21
C ALA C 135 22.23 8.77 -10.70
N ALA C 136 21.80 9.75 -11.50
CA ALA C 136 22.05 9.71 -12.96
C ALA C 136 23.57 9.70 -13.21
N ARG C 137 24.33 10.55 -12.52
N ARG C 137 24.31 10.57 -12.51
CA ARG C 137 25.81 10.59 -12.70
CA ARG C 137 25.79 10.66 -12.57
C ARG C 137 26.42 9.26 -12.23
C ARG C 137 26.40 9.29 -12.21
N LYS C 138 25.93 8.67 -11.13
CA LYS C 138 26.47 7.37 -10.67
C LYS C 138 26.18 6.29 -11.74
N ALA C 139 24.96 6.28 -12.29
CA ALA C 139 24.56 5.31 -13.34
C ALA C 139 25.46 5.50 -14.57
N ALA C 140 25.68 6.73 -15.02
CA ALA C 140 26.57 7.01 -16.20
C ALA C 140 28.00 6.52 -15.92
N ALA C 141 28.54 6.76 -14.73
CA ALA C 141 29.92 6.37 -14.40
C ALA C 141 29.98 4.83 -14.36
N THR C 142 28.90 4.15 -13.97
CA THR C 142 28.93 2.68 -13.83
C THR C 142 28.79 2.04 -15.21
N ALA C 143 27.87 2.51 -16.02
CA ALA C 143 27.44 1.86 -17.26
C ALA C 143 28.48 2.05 -18.37
N ASN C 144 28.60 1.04 -19.23
CA ASN C 144 29.38 1.14 -20.49
CA ASN C 144 29.36 1.06 -20.45
C ASN C 144 28.45 1.41 -21.68
N ILE C 145 27.23 1.79 -21.43
CA ILE C 145 26.26 2.20 -22.50
C ILE C 145 25.78 3.59 -22.07
N PRO C 146 25.23 4.39 -23.00
CA PRO C 146 24.68 5.69 -22.65
C PRO C 146 23.54 5.61 -21.62
N VAL C 147 23.56 6.60 -20.74
CA VAL C 147 22.50 6.82 -19.74
C VAL C 147 21.88 8.19 -19.99
N ILE C 148 20.56 8.27 -19.95
CA ILE C 148 19.86 9.59 -19.96
C ILE C 148 19.16 9.75 -18.62
N ASN C 149 19.37 10.89 -18.02
CA ASN C 149 18.69 11.39 -16.80
C ASN C 149 17.30 11.89 -17.20
N ALA C 150 16.24 11.19 -16.81
CA ALA C 150 14.83 11.58 -17.03
C ALA C 150 14.23 12.30 -15.80
N GLY C 151 15.06 12.80 -14.90
CA GLY C 151 14.63 13.46 -13.65
C GLY C 151 15.30 12.82 -12.46
N ASP C 152 16.19 13.53 -11.81
CA ASP C 152 17.15 12.95 -10.86
C ASP C 152 16.66 13.25 -9.44
N GLY C 153 15.44 12.80 -9.14
CA GLY C 153 14.72 13.18 -7.91
C GLY C 153 14.62 14.69 -7.79
N PRO C 154 15.11 15.30 -6.70
CA PRO C 154 15.07 16.77 -6.59
C PRO C 154 16.20 17.51 -7.32
N GLY C 155 17.08 16.76 -8.00
CA GLY C 155 18.15 17.31 -8.83
C GLY C 155 17.67 17.64 -10.23
N GLU C 156 18.56 17.51 -11.21
CA GLU C 156 18.35 18.09 -12.55
C GLU C 156 17.42 17.20 -13.36
N HIS C 157 16.78 17.86 -14.29
CA HIS C 157 15.89 17.26 -15.32
C HIS C 157 16.34 17.87 -16.64
N PRO C 158 17.51 17.46 -17.20
CA PRO C 158 18.16 18.20 -18.28
C PRO C 158 17.38 18.16 -19.60
N THR C 159 16.66 17.08 -19.89
CA THR C 159 15.86 17.01 -21.14
C THR C 159 14.68 17.99 -21.06
N GLN C 160 14.10 18.22 -19.88
CA GLN C 160 13.08 19.29 -19.73
C GLN C 160 13.71 20.66 -20.05
N ALA C 161 14.92 20.96 -19.54
CA ALA C 161 15.62 22.23 -19.80
C ALA C 161 15.82 22.38 -21.31
N LEU C 162 16.31 21.30 -21.96
CA LEU C 162 16.47 21.27 -23.43
C LEU C 162 15.16 21.59 -24.17
N LEU C 163 14.08 20.89 -23.84
CA LEU C 163 12.83 21.08 -24.63
C LEU C 163 12.24 22.47 -24.32
N ASP C 164 12.47 23.01 -23.12
CA ASP C 164 11.98 24.35 -22.71
C ASP C 164 12.67 25.41 -23.60
N VAL C 165 13.99 25.33 -23.72
CA VAL C 165 14.76 26.28 -24.53
C VAL C 165 14.36 26.12 -25.99
N TYR C 166 14.29 24.88 -26.49
CA TYR C 166 13.87 24.61 -27.89
C TYR C 166 12.46 25.18 -28.15
N THR C 167 11.55 24.99 -27.22
CA THR C 167 10.16 25.52 -27.31
C THR C 167 10.21 27.05 -27.49
N ILE C 168 10.99 27.75 -26.66
CA ILE C 168 11.16 29.24 -26.72
C ILE C 168 11.64 29.61 -28.12
N GLN C 169 12.73 29.00 -28.61
CA GLN C 169 13.29 29.28 -29.95
C GLN C 169 12.22 29.04 -31.03
N SER C 170 11.51 27.93 -30.97
CA SER C 170 10.46 27.54 -31.92
C SER C 170 9.30 28.56 -31.88
N GLU C 171 8.81 28.95 -30.70
CA GLU C 171 7.59 29.78 -30.54
C GLU C 171 7.90 31.25 -30.80
N ILE C 172 9.04 31.73 -30.35
CA ILE C 172 9.36 33.18 -30.33
C ILE C 172 10.23 33.49 -31.54
N GLY C 173 11.01 32.52 -32.03
CA GLY C 173 11.91 32.64 -33.18
C GLY C 173 13.31 33.12 -32.81
N LYS C 174 13.66 33.28 -31.54
CA LYS C 174 15.00 33.72 -31.11
C LYS C 174 15.21 33.28 -29.65
N LEU C 175 16.44 33.31 -29.19
CA LEU C 175 16.84 33.18 -27.77
C LEU C 175 17.61 34.43 -27.34
N ASP C 176 18.51 34.96 -28.18
CA ASP C 176 19.18 36.26 -27.90
C ASP C 176 18.10 37.35 -27.85
N GLY C 177 18.14 38.23 -26.85
CA GLY C 177 17.27 39.42 -26.76
C GLY C 177 15.88 39.12 -26.24
N ILE C 178 15.62 37.97 -25.64
CA ILE C 178 14.23 37.69 -25.14
C ILE C 178 14.10 38.08 -23.66
N SER C 179 12.87 38.21 -23.23
CA SER C 179 12.45 38.49 -21.85
C SER C 179 11.60 37.31 -21.40
N VAL C 180 11.96 36.69 -20.29
CA VAL C 180 11.28 35.50 -19.75
C VAL C 180 10.92 35.76 -18.31
N ALA C 181 9.67 35.51 -17.92
CA ALA C 181 9.21 35.48 -16.53
C ALA C 181 9.25 34.02 -16.08
N LEU C 182 10.01 33.74 -15.02
CA LEU C 182 9.93 32.46 -14.32
C LEU C 182 9.03 32.68 -13.11
N VAL C 183 7.93 31.94 -13.05
CA VAL C 183 6.87 32.15 -12.04
C VAL C 183 6.67 30.90 -11.16
N GLY C 184 6.44 31.13 -9.88
CA GLY C 184 6.03 30.07 -8.98
C GLY C 184 7.04 29.83 -7.88
N ASP C 185 7.27 28.56 -7.53
CA ASP C 185 8.21 28.19 -6.47
C ASP C 185 9.62 28.23 -7.07
N LEU C 186 10.27 29.38 -7.03
CA LEU C 186 11.62 29.58 -7.63
C LEU C 186 12.68 29.02 -6.68
N ALA C 187 12.44 29.17 -5.40
CA ALA C 187 13.42 28.76 -4.38
C ALA C 187 13.71 27.26 -4.58
N ASN C 188 12.67 26.47 -4.86
CA ASN C 188 12.76 24.99 -4.89
C ASN C 188 12.42 24.49 -6.28
N GLY C 189 12.42 25.37 -7.29
CA GLY C 189 11.99 25.07 -8.67
C GLY C 189 13.14 24.53 -9.51
N ARG C 190 13.25 23.22 -9.55
CA ARG C 190 14.22 22.46 -10.37
C ARG C 190 14.18 23.02 -11.81
N THR C 191 13.00 23.14 -12.42
CA THR C 191 12.94 23.40 -13.89
C THR C 191 13.23 24.87 -14.14
N VAL C 192 12.80 25.79 -13.28
CA VAL C 192 13.08 27.23 -13.52
C VAL C 192 14.59 27.49 -13.35
N ARG C 193 15.24 26.84 -12.38
CA ARG C 193 16.70 27.01 -12.13
C ARG C 193 17.46 26.55 -13.37
N SER C 194 17.14 25.36 -13.90
CA SER C 194 17.82 24.79 -15.08
C SER C 194 17.53 25.65 -16.30
N LEU C 195 16.31 26.18 -16.43
CA LEU C 195 16.02 27.03 -17.60
C LEU C 195 16.86 28.31 -17.53
N ALA C 196 16.91 28.97 -16.36
CA ALA C 196 17.71 30.19 -16.15
C ALA C 196 19.17 29.89 -16.54
N TYR C 197 19.69 28.74 -16.11
CA TYR C 197 21.09 28.34 -16.38
C TYR C 197 21.34 28.30 -17.91
N LEU C 198 20.47 27.66 -18.70
CA LEU C 198 20.70 27.54 -20.17
C LEU C 198 20.47 28.90 -20.85
N LEU C 199 19.50 29.69 -20.39
CA LEU C 199 19.25 31.00 -21.08
C LEU C 199 20.44 31.95 -20.92
N ALA C 200 21.16 31.86 -19.82
CA ALA C 200 22.37 32.68 -19.55
C ALA C 200 23.47 32.44 -20.61
N LYS C 201 23.42 31.36 -21.39
CA LYS C 201 24.38 31.08 -22.49
C LYS C 201 24.13 31.95 -23.71
N PHE C 202 22.99 32.64 -23.77
CA PHE C 202 22.63 33.57 -24.88
C PHE C 202 22.83 35.04 -24.45
N LYS C 203 22.66 35.95 -25.41
CA LYS C 203 22.99 37.39 -25.29
C LYS C 203 21.71 38.22 -25.10
N ASP C 204 21.77 39.22 -24.22
CA ASP C 204 20.73 40.27 -24.05
C ASP C 204 19.46 39.60 -23.52
N VAL C 205 19.61 38.55 -22.72
CA VAL C 205 18.42 37.89 -22.10
C VAL C 205 18.03 38.71 -20.87
N LYS C 206 16.74 38.92 -20.66
CA LYS C 206 16.25 39.45 -19.39
C LYS C 206 15.37 38.39 -18.71
N ILE C 207 15.61 38.17 -17.42
CA ILE C 207 14.78 37.22 -16.64
C ILE C 207 14.06 37.98 -15.52
N TYR C 208 12.75 37.77 -15.41
CA TYR C 208 11.92 38.21 -14.26
C TYR C 208 11.63 37.03 -13.33
N PHE C 209 12.04 37.14 -12.08
CA PHE C 209 11.67 36.18 -11.01
C PHE C 209 10.37 36.66 -10.38
N VAL C 210 9.27 35.98 -10.67
CA VAL C 210 7.92 36.36 -10.16
C VAL C 210 7.47 35.34 -9.11
N SER C 211 7.32 35.76 -7.86
CA SER C 211 6.98 34.83 -6.77
C SER C 211 6.65 35.61 -5.53
N PRO C 212 6.00 34.94 -4.56
CA PRO C 212 6.03 35.33 -3.18
C PRO C 212 7.49 35.45 -2.74
N GLU C 213 7.77 36.39 -1.84
CA GLU C 213 9.14 36.58 -1.29
C GLU C 213 9.58 35.25 -0.66
N ILE C 214 8.65 34.50 -0.04
CA ILE C 214 8.98 33.28 0.75
C ILE C 214 9.60 32.19 -0.14
N VAL C 215 9.31 32.19 -1.44
CA VAL C 215 9.84 31.18 -2.40
C VAL C 215 10.58 31.87 -3.56
N LYS C 216 11.24 32.99 -3.29
CA LYS C 216 12.07 33.75 -4.26
C LYS C 216 13.29 32.89 -4.69
N MET C 217 13.84 33.17 -5.86
CA MET C 217 15.00 32.45 -6.41
C MET C 217 16.17 32.61 -5.44
N LYS C 218 16.88 31.51 -5.23
CA LYS C 218 18.12 31.42 -4.41
C LYS C 218 19.23 32.29 -5.01
N ASP C 219 20.15 32.70 -4.14
CA ASP C 219 21.27 33.63 -4.48
C ASP C 219 22.24 32.97 -5.47
N ASP C 220 22.40 31.66 -5.45
CA ASP C 220 23.32 30.96 -6.38
C ASP C 220 22.93 31.28 -7.85
N ILE C 221 21.64 31.26 -8.19
CA ILE C 221 21.17 31.52 -9.58
C ILE C 221 21.22 33.02 -9.84
N LYS C 222 20.93 33.85 -8.84
CA LYS C 222 21.01 35.33 -9.04
C LYS C 222 22.46 35.70 -9.37
N ASP C 223 23.38 35.16 -8.59
CA ASP C 223 24.84 35.49 -8.67
C ASP C 223 25.34 35.00 -10.04
N TYR C 224 24.96 33.78 -10.45
CA TYR C 224 25.30 33.22 -11.78
C TYR C 224 24.82 34.16 -12.88
N LEU C 225 23.56 34.62 -12.82
CA LEU C 225 23.03 35.50 -13.90
C LEU C 225 23.82 36.82 -13.89
N THR C 226 24.12 37.37 -12.70
CA THR C 226 24.86 38.65 -12.59
C THR C 226 26.24 38.46 -13.24
N SER C 227 26.97 37.43 -12.85
CA SER C 227 28.29 37.07 -13.40
C SER C 227 28.28 36.91 -14.92
N SER C 228 27.17 36.41 -15.48
N SER C 228 27.18 36.40 -15.48
CA SER C 228 27.04 36.10 -16.93
CA SER C 228 27.04 36.08 -16.91
C SER C 228 26.48 37.30 -17.67
C SER C 228 26.47 37.30 -17.66
N GLY C 229 26.28 38.42 -16.97
CA GLY C 229 25.78 39.66 -17.57
C GLY C 229 24.34 39.55 -18.03
N VAL C 230 23.54 38.69 -17.39
CA VAL C 230 22.09 38.57 -17.68
C VAL C 230 21.33 39.52 -16.73
N GLU C 231 20.57 40.45 -17.29
CA GLU C 231 19.72 41.36 -16.50
C GLU C 231 18.61 40.55 -15.83
N TRP C 232 18.38 40.74 -14.53
CA TRP C 232 17.21 40.13 -13.87
C TRP C 232 16.57 41.10 -12.89
N GLU C 233 15.31 40.84 -12.57
CA GLU C 233 14.49 41.67 -11.66
C GLU C 233 13.58 40.70 -10.88
N GLU C 234 13.38 40.95 -9.59
CA GLU C 234 12.42 40.21 -8.74
C GLU C 234 11.12 41.00 -8.74
N SER C 235 9.98 40.33 -8.66
CA SER C 235 8.67 40.97 -8.56
C SER C 235 7.72 40.02 -7.84
N SER C 236 6.75 40.55 -7.10
CA SER C 236 5.53 39.80 -6.70
C SER C 236 4.34 40.26 -7.55
N ASP C 237 4.58 40.98 -8.65
CA ASP C 237 3.49 41.60 -9.47
C ASP C 237 3.43 40.94 -10.86
N LEU C 238 2.75 39.80 -10.98
CA LEU C 238 2.73 39.03 -12.26
C LEU C 238 2.06 39.84 -13.39
N MET C 239 1.07 40.68 -13.07
CA MET C 239 0.33 41.50 -14.08
C MET C 239 1.27 42.51 -14.73
N GLU C 240 2.08 43.21 -13.94
CA GLU C 240 3.10 44.18 -14.44
C GLU C 240 4.09 43.42 -15.32
N VAL C 241 4.70 42.36 -14.79
CA VAL C 241 5.79 41.64 -15.54
C VAL C 241 5.27 40.99 -16.84
N ALA C 242 4.10 40.34 -16.82
CA ALA C 242 3.60 39.56 -17.98
C ALA C 242 3.50 40.47 -19.22
N SER C 243 3.08 41.75 -19.06
CA SER C 243 2.92 42.71 -20.20
C SER C 243 4.23 42.97 -20.96
N LYS C 244 5.40 42.76 -20.35
CA LYS C 244 6.65 43.09 -21.07
C LYS C 244 7.52 41.84 -21.26
N CYS C 245 6.93 40.65 -21.30
CA CYS C 245 7.67 39.36 -21.46
C CYS C 245 7.29 38.68 -22.77
N ASP C 246 8.27 38.04 -23.39
CA ASP C 246 8.06 37.09 -24.51
C ASP C 246 7.45 35.79 -23.97
N VAL C 247 7.81 35.40 -22.74
CA VAL C 247 7.53 34.06 -22.16
C VAL C 247 7.15 34.25 -20.70
N VAL C 248 6.02 33.67 -20.35
CA VAL C 248 5.57 33.43 -18.96
C VAL C 248 5.64 31.93 -18.76
N TYR C 249 6.64 31.52 -18.01
CA TYR C 249 6.90 30.12 -17.68
C TYR C 249 6.37 29.87 -16.29
N GLN C 250 5.25 29.16 -16.20
CA GLN C 250 4.48 28.95 -14.96
C GLN C 250 4.82 27.63 -14.29
N THR C 251 4.82 27.65 -12.96
CA THR C 251 5.00 26.47 -12.07
C THR C 251 4.10 26.64 -10.84
N ARG C 252 3.83 25.53 -10.14
N ARG C 252 3.87 25.53 -10.13
CA ARG C 252 2.95 25.52 -8.95
CA ARG C 252 3.00 25.51 -8.93
C ARG C 252 3.72 26.01 -7.71
C ARG C 252 3.75 26.08 -7.72
N ILE C 253 3.01 26.65 -6.77
CA ILE C 253 3.50 26.94 -5.41
C ILE C 253 2.72 26.03 -4.45
N GLN C 254 3.40 25.11 -3.77
CA GLN C 254 2.72 24.21 -2.79
C GLN C 254 2.44 25.01 -1.50
N ARG C 255 1.24 24.89 -0.99
CA ARG C 255 0.79 25.55 0.28
C ARG C 255 1.80 25.25 1.40
N GLU C 256 2.35 24.03 1.40
N GLU C 256 2.35 24.03 1.43
CA GLU C 256 3.33 23.57 2.40
CA GLU C 256 3.37 23.58 2.42
C GLU C 256 4.48 24.59 2.55
C GLU C 256 4.43 24.68 2.58
N ARG C 257 4.87 25.29 1.48
CA ARG C 257 6.06 26.21 1.49
C ARG C 257 5.86 27.41 2.41
N PHE C 258 4.61 27.76 2.75
CA PHE C 258 4.29 28.87 3.68
C PHE C 258 4.43 28.42 5.14
N GLY C 259 4.47 27.11 5.40
CA GLY C 259 4.71 26.65 6.78
C GLY C 259 3.59 27.16 7.68
N GLU C 260 3.92 27.86 8.77
CA GLU C 260 2.86 28.34 9.70
C GLU C 260 2.37 29.70 9.22
N ARG C 261 3.01 30.28 8.19
CA ARG C 261 2.72 31.68 7.76
C ARG C 261 1.50 31.66 6.85
N LEU C 262 0.30 31.40 7.39
CA LEU C 262 -0.95 31.43 6.58
C LEU C 262 -1.31 32.89 6.22
N ASP C 263 -0.82 33.88 6.95
CA ASP C 263 -0.95 35.30 6.57
C ASP C 263 -0.29 35.48 5.20
N LEU C 264 0.89 34.89 5.01
CA LEU C 264 1.66 35.02 3.76
C LEU C 264 0.95 34.25 2.65
N TYR C 265 0.38 33.08 2.97
CA TYR C 265 -0.43 32.26 2.04
C TYR C 265 -1.60 33.11 1.54
N GLU C 266 -2.34 33.70 2.47
CA GLU C 266 -3.55 34.52 2.13
C GLU C 266 -3.12 35.64 1.19
N ALA C 267 -2.02 36.32 1.49
CA ALA C 267 -1.53 37.49 0.73
C ALA C 267 -1.14 37.08 -0.70
N ALA C 268 -0.65 35.84 -0.90
CA ALA C 268 -0.27 35.35 -2.24
C ALA C 268 -1.51 34.88 -3.00
N ARG C 269 -2.64 34.67 -2.30
CA ARG C 269 -3.84 33.98 -2.88
C ARG C 269 -4.24 34.67 -4.19
N GLY C 270 -4.34 33.88 -5.27
CA GLY C 270 -4.78 34.32 -6.60
C GLY C 270 -3.91 35.41 -7.21
N LYS C 271 -2.67 35.59 -6.73
N LYS C 271 -2.67 35.56 -6.75
CA LYS C 271 -1.74 36.64 -7.23
CA LYS C 271 -1.74 36.61 -7.23
C LYS C 271 -0.78 36.03 -8.29
C LYS C 271 -0.69 36.02 -8.19
N PHE C 272 -0.66 34.70 -8.36
CA PHE C 272 0.37 34.03 -9.21
C PHE C 272 -0.30 33.01 -10.11
N ILE C 273 -1.45 33.41 -10.65
CA ILE C 273 -2.33 32.55 -11.47
C ILE C 273 -2.24 33.11 -12.88
N VAL C 274 -2.05 32.24 -13.88
CA VAL C 274 -2.28 32.60 -15.32
C VAL C 274 -3.76 32.37 -15.59
N ASP C 275 -4.52 33.44 -15.83
CA ASP C 275 -5.96 33.33 -16.19
C ASP C 275 -6.22 34.24 -17.38
N LYS C 276 -7.47 34.39 -17.79
CA LYS C 276 -7.81 35.19 -18.99
C LYS C 276 -7.47 36.66 -18.72
N ASP C 277 -7.60 37.13 -17.47
CA ASP C 277 -7.19 38.52 -17.13
C ASP C 277 -5.70 38.67 -17.44
N LEU C 278 -4.84 37.73 -17.04
CA LEU C 278 -3.38 37.91 -17.30
C LEU C 278 -3.12 37.92 -18.81
N LEU C 279 -3.75 37.00 -19.54
CA LEU C 279 -3.55 36.95 -21.00
C LEU C 279 -3.92 38.32 -21.58
N GLY C 280 -4.90 38.97 -20.96
CA GLY C 280 -5.43 40.26 -21.44
C GLY C 280 -4.35 41.32 -21.56
N VAL C 281 -3.37 41.33 -20.65
CA VAL C 281 -2.32 42.39 -20.59
C VAL C 281 -1.06 41.93 -21.33
N MET C 282 -1.04 40.70 -21.84
CA MET C 282 0.17 40.12 -22.48
C MET C 282 0.18 40.51 -23.95
N GLN C 283 1.38 40.59 -24.53
CA GLN C 283 1.59 40.89 -25.97
C GLN C 283 1.06 39.74 -26.79
N LYS C 284 0.74 40.00 -28.06
CA LYS C 284 0.10 39.03 -28.98
C LYS C 284 1.04 37.88 -29.30
N LYS C 285 2.35 38.15 -29.35
CA LYS C 285 3.39 37.16 -29.76
C LYS C 285 4.07 36.58 -28.52
N ALA C 286 3.50 36.78 -27.34
CA ALA C 286 4.01 36.18 -26.08
C ALA C 286 3.41 34.77 -25.89
N ILE C 287 3.97 33.96 -24.97
CA ILE C 287 3.50 32.57 -24.79
C ILE C 287 3.44 32.26 -23.30
N ILE C 288 2.59 31.29 -22.98
CA ILE C 288 2.51 30.63 -21.65
C ILE C 288 3.15 29.27 -21.81
N MET C 289 4.09 28.97 -20.94
CA MET C 289 4.74 27.65 -20.86
C MET C 289 4.50 27.16 -19.44
N HIS C 290 4.55 25.83 -19.32
CA HIS C 290 4.40 25.06 -18.09
C HIS C 290 5.02 23.71 -18.38
N PRO C 291 5.94 23.20 -17.55
CA PRO C 291 6.48 21.85 -17.77
C PRO C 291 5.43 20.73 -17.62
N LEU C 292 4.36 21.00 -16.86
CA LEU C 292 3.24 20.08 -16.58
C LEU C 292 3.71 18.99 -15.62
N PRO C 293 2.81 18.37 -14.82
CA PRO C 293 1.38 18.72 -14.82
C PRO C 293 1.06 20.06 -14.14
N ARG C 294 -0.05 20.67 -14.55
CA ARG C 294 -0.64 21.81 -13.81
C ARG C 294 -1.84 21.36 -12.99
N LEU C 295 -2.19 22.20 -12.02
CA LEU C 295 -3.49 22.10 -11.35
C LEU C 295 -4.20 23.42 -11.71
N ASP C 296 -4.45 24.28 -10.70
CA ASP C 296 -5.28 25.50 -10.87
C ASP C 296 -4.45 26.70 -11.33
N GLU C 297 -3.11 26.61 -11.36
CA GLU C 297 -2.23 27.78 -11.51
C GLU C 297 -2.27 28.27 -12.94
N ILE C 298 -2.86 27.51 -13.88
CA ILE C 298 -3.27 28.00 -15.23
C ILE C 298 -4.73 27.59 -15.43
N THR C 299 -5.63 28.54 -15.69
CA THR C 299 -7.08 28.26 -15.74
C THR C 299 -7.38 27.56 -17.07
N ALA C 300 -8.33 26.63 -17.06
CA ALA C 300 -8.69 25.85 -18.27
C ALA C 300 -9.02 26.79 -19.42
N ASP C 301 -9.60 27.97 -19.18
CA ASP C 301 -10.05 28.84 -20.32
C ASP C 301 -8.86 29.46 -21.03
N VAL C 302 -7.65 29.44 -20.46
CA VAL C 302 -6.42 29.93 -21.18
C VAL C 302 -6.09 28.99 -22.34
N ASP C 303 -6.47 27.71 -22.26
CA ASP C 303 -5.98 26.69 -23.24
C ASP C 303 -6.38 27.03 -24.69
N ALA C 304 -7.52 27.68 -24.91
CA ALA C 304 -8.02 28.06 -26.26
C ALA C 304 -7.18 29.19 -26.91
N ASP C 305 -6.56 30.04 -26.11
CA ASP C 305 -5.68 31.12 -26.63
C ASP C 305 -4.53 30.48 -27.41
N PRO C 306 -4.19 30.93 -28.64
CA PRO C 306 -3.07 30.35 -29.38
C PRO C 306 -1.69 30.48 -28.70
N ARG C 307 -1.60 31.34 -27.69
CA ARG C 307 -0.36 31.67 -26.96
C ARG C 307 -0.11 30.61 -25.86
N ALA C 308 -1.12 29.81 -25.56
CA ALA C 308 -1.05 28.70 -24.60
C ALA C 308 -0.21 27.59 -25.25
N ALA C 309 1.07 27.52 -24.93
CA ALA C 309 2.07 26.73 -25.69
C ALA C 309 2.47 25.47 -24.92
N TYR C 310 1.86 25.15 -23.78
CA TYR C 310 2.35 24.07 -22.86
C TYR C 310 2.09 22.70 -23.48
N PHE C 311 1.07 22.53 -24.33
CA PHE C 311 0.87 21.21 -25.01
C PHE C 311 1.80 21.12 -26.21
N ARG C 312 2.06 22.23 -26.90
CA ARG C 312 3.09 22.28 -27.97
C ARG C 312 4.50 22.02 -27.34
N GLN C 313 4.78 22.56 -26.15
CA GLN C 313 6.06 22.36 -25.40
C GLN C 313 6.25 20.84 -25.17
N ALA C 314 5.21 20.16 -24.70
CA ALA C 314 5.25 18.72 -24.35
C ALA C 314 5.56 17.95 -25.62
N LYS C 315 4.92 18.31 -26.74
CA LYS C 315 5.19 17.63 -28.00
C LYS C 315 6.65 17.82 -28.42
N ASN C 316 7.18 19.01 -28.24
CA ASN C 316 8.59 19.31 -28.63
C ASN C 316 9.53 18.36 -27.86
N GLY C 317 9.12 17.95 -26.66
CA GLY C 317 9.84 16.93 -25.87
C GLY C 317 10.09 15.67 -26.70
N LEU C 318 9.11 15.27 -27.50
CA LEU C 318 9.27 14.09 -28.39
C LEU C 318 10.43 14.32 -29.36
N PHE C 319 10.47 15.48 -30.01
CA PHE C 319 11.47 15.75 -31.08
C PHE C 319 12.84 15.87 -30.44
N ILE C 320 12.94 16.53 -29.28
CA ILE C 320 14.23 16.65 -28.56
C ILE C 320 14.76 15.26 -28.19
N ARG C 321 13.88 14.41 -27.67
CA ARG C 321 14.25 13.08 -27.14
C ARG C 321 14.61 12.15 -28.30
N MET C 322 13.93 12.29 -29.43
CA MET C 322 14.32 11.59 -30.67
C MET C 322 15.74 12.04 -31.05
N ALA C 323 16.01 13.35 -31.03
CA ALA C 323 17.35 13.86 -31.40
C ALA C 323 18.43 13.27 -30.49
N LEU C 324 18.21 13.30 -29.18
CA LEU C 324 19.23 12.79 -28.24
C LEU C 324 19.45 11.31 -28.47
N LEU C 325 18.39 10.54 -28.67
CA LEU C 325 18.54 9.08 -28.88
C LEU C 325 19.41 8.86 -30.13
N LYS C 326 19.13 9.59 -31.21
N LYS C 326 19.14 9.60 -31.21
CA LYS C 326 19.94 9.45 -32.45
CA LYS C 326 19.94 9.45 -32.45
C LYS C 326 21.40 9.84 -32.15
C LYS C 326 21.39 9.85 -32.16
N LEU C 327 21.62 11.01 -31.55
CA LEU C 327 23.00 11.52 -31.28
C LEU C 327 23.76 10.51 -30.40
N LEU C 328 23.10 9.90 -29.42
CA LEU C 328 23.85 9.01 -28.50
C LEU C 328 24.14 7.66 -29.16
N LEU C 329 23.27 7.14 -30.02
CA LEU C 329 23.38 5.72 -30.44
C LEU C 329 23.98 5.61 -31.84
N VAL C 330 23.74 6.58 -32.72
CA VAL C 330 24.26 6.42 -34.12
C VAL C 330 25.14 7.60 -34.50
N GLY C 331 25.04 8.70 -33.79
CA GLY C 331 25.96 9.85 -33.88
C GLY C 331 25.53 10.84 -34.96
N TRP C 332 26.50 11.63 -35.44
CA TRP C 332 26.38 12.66 -36.50
C TRP C 332 25.69 12.07 -37.75
N HIS D 8 7.75 27.18 49.30
CA HIS D 8 7.47 27.16 47.83
C HIS D 8 8.48 28.05 47.09
N HIS D 9 9.02 27.55 45.97
CA HIS D 9 9.85 28.30 44.97
C HIS D 9 9.28 28.00 43.58
N HIS D 10 9.35 28.93 42.63
CA HIS D 10 8.94 28.71 41.20
C HIS D 10 9.89 27.73 40.52
N SER D 12 11.98 28.21 38.14
CA SER D 12 12.84 29.43 38.18
C SER D 12 13.87 29.29 39.33
N GLY D 13 13.43 28.83 40.51
CA GLY D 13 14.15 28.96 41.78
C GLY D 13 13.84 30.28 42.49
N LEU D 14 13.06 31.17 41.85
CA LEU D 14 12.56 32.45 42.43
C LEU D 14 11.52 32.12 43.52
N GLU D 15 11.50 32.94 44.58
CA GLU D 15 10.57 32.79 45.74
C GLU D 15 9.14 33.15 45.28
N VAL D 16 8.15 32.36 45.69
CA VAL D 16 6.69 32.66 45.50
C VAL D 16 6.27 33.73 46.53
N LEU D 17 5.89 34.94 46.12
CA LEU D 17 5.30 35.99 47.01
C LEU D 17 3.80 35.71 47.23
N PHE D 18 3.16 35.09 46.24
CA PHE D 18 1.71 34.77 46.25
C PHE D 18 1.50 33.33 45.80
N GLN D 19 0.75 32.57 46.59
CA GLN D 19 0.24 31.21 46.28
C GLN D 19 -1.24 31.39 45.96
N GLY D 20 -1.59 31.06 44.75
CA GLY D 20 -2.98 30.99 44.31
C GLY D 20 -2.99 30.99 42.80
N PRO D 21 -4.17 30.91 42.20
CA PRO D 21 -4.31 30.91 40.74
C PRO D 21 -3.50 32.05 40.10
N HIS D 22 -2.97 31.79 38.91
CA HIS D 22 -2.35 32.81 38.05
C HIS D 22 -3.49 33.51 37.35
N MET D 23 -3.25 34.68 36.78
CA MET D 23 -4.38 35.47 36.26
C MET D 23 -4.86 34.95 34.90
N PHE D 24 -3.95 34.47 34.05
CA PHE D 24 -4.33 34.01 32.68
C PHE D 24 -5.19 32.74 32.74
N GLU D 25 -5.90 32.44 31.65
CA GLU D 25 -6.59 31.13 31.46
C GLU D 25 -6.25 30.59 30.06
N LEU D 26 -5.97 29.31 29.97
CA LEU D 26 -5.81 28.55 28.71
C LEU D 26 -7.18 27.97 28.37
N SER D 27 -7.69 28.14 27.15
N SER D 27 -7.70 28.22 27.17
CA SER D 27 -8.90 27.48 26.62
CA SER D 27 -8.89 27.56 26.58
C SER D 27 -8.58 26.57 25.44
C SER D 27 -8.44 26.44 25.64
N ASP D 28 -7.40 26.71 24.83
CA ASP D 28 -6.90 25.83 23.75
C ASP D 28 -5.38 25.99 23.76
N VAL D 29 -4.68 25.05 23.16
CA VAL D 29 -3.21 25.15 23.00
C VAL D 29 -2.94 24.99 21.51
N ILE D 30 -2.72 26.09 20.83
CA ILE D 30 -2.71 26.12 19.35
C ILE D 30 -1.39 26.67 18.82
N GLU D 31 -0.88 27.78 19.35
CA GLU D 31 0.30 28.43 18.73
C GLU D 31 1.20 29.06 19.81
N GLY D 32 2.51 29.12 19.51
CA GLY D 32 3.52 29.63 20.46
C GLY D 32 3.20 31.04 20.93
N LYS D 33 2.63 31.91 20.07
CA LYS D 33 2.26 33.32 20.35
C LYS D 33 1.27 33.42 21.50
N GLN D 34 0.52 32.37 21.78
CA GLN D 34 -0.35 32.41 22.98
C GLN D 34 0.49 32.67 24.22
N PHE D 35 1.76 32.24 24.27
CA PHE D 35 2.48 32.18 25.56
C PHE D 35 3.29 33.46 25.72
N ASP D 36 3.17 34.10 26.89
CA ASP D 36 4.13 35.13 27.35
C ASP D 36 4.99 34.52 28.45
N ARG D 37 5.98 35.28 28.89
CA ARG D 37 7.01 34.73 29.80
C ARG D 37 6.33 34.30 31.10
N GLU D 38 5.28 35.00 31.52
CA GLU D 38 4.60 34.63 32.79
C GLU D 38 3.77 33.34 32.64
N MET D 39 3.13 33.17 31.49
N MET D 39 3.12 33.10 31.51
CA MET D 39 2.42 31.93 31.08
CA MET D 39 2.44 31.79 31.32
C MET D 39 3.40 30.73 31.13
C MET D 39 3.48 30.66 31.25
N LEU D 40 4.60 30.88 30.56
CA LEU D 40 5.64 29.81 30.51
C LEU D 40 6.04 29.43 31.92
N SER D 41 6.40 30.42 32.74
N SER D 41 6.42 30.43 32.72
CA SER D 41 6.87 30.18 34.12
CA SER D 41 6.82 30.27 34.14
C SER D 41 5.82 29.39 34.91
C SER D 41 5.82 29.37 34.87
N ALA D 42 4.53 29.70 34.74
CA ALA D 42 3.43 29.03 35.46
C ALA D 42 3.26 27.58 34.98
N ILE D 43 3.27 27.40 33.65
CA ILE D 43 3.13 26.03 33.06
C ILE D 43 4.30 25.18 33.56
N PHE D 44 5.51 25.74 33.61
CA PHE D 44 6.72 25.00 34.06
C PHE D 44 6.59 24.65 35.55
N ASP D 45 6.07 25.57 36.37
CA ASP D 45 5.77 25.25 37.79
C ASP D 45 4.81 24.06 37.89
N VAL D 46 3.75 24.04 37.08
CA VAL D 46 2.75 22.96 37.14
C VAL D 46 3.43 21.65 36.67
N ALA D 47 4.32 21.73 35.67
CA ALA D 47 5.01 20.53 35.13
C ALA D 47 5.88 19.93 36.24
N ARG D 48 6.54 20.78 37.02
CA ARG D 48 7.32 20.34 38.21
C ARG D 48 6.41 19.57 39.17
N GLU D 49 5.18 20.03 39.43
CA GLU D 49 4.21 19.30 40.32
C GLU D 49 3.85 17.94 39.67
N MET D 50 3.62 17.95 38.36
CA MET D 50 3.20 16.73 37.62
C MET D 50 4.32 15.70 37.72
N GLU D 51 5.57 16.14 37.78
CA GLU D 51 6.72 15.21 37.93
C GLU D 51 6.55 14.47 39.28
N LYS D 52 6.07 15.15 40.33
CA LYS D 52 5.96 14.52 41.68
C LYS D 52 4.81 13.50 41.65
N ILE D 53 3.73 13.81 40.95
CA ILE D 53 2.59 12.87 40.79
C ILE D 53 3.07 11.63 40.04
N GLU D 54 3.78 11.78 38.91
CA GLU D 54 4.22 10.64 38.10
C GLU D 54 5.20 9.78 38.93
N LYS D 55 5.95 10.38 39.87
CA LYS D 55 6.95 9.66 40.73
C LYS D 55 6.27 8.92 41.89
N SER D 56 5.00 9.15 42.21
CA SER D 56 4.30 8.53 43.38
C SER D 56 3.62 7.22 42.99
N SER D 57 3.50 6.28 43.93
CA SER D 57 2.91 4.93 43.71
C SER D 57 1.38 5.05 43.66
N SER D 58 0.82 6.11 44.23
CA SER D 58 -0.65 6.36 44.29
C SER D 58 -1.12 6.89 42.94
N GLN D 59 -2.11 6.23 42.34
CA GLN D 59 -2.76 6.69 41.08
C GLN D 59 -3.48 8.01 41.34
N SER D 60 -3.09 9.09 40.68
CA SER D 60 -3.83 10.39 40.69
C SER D 60 -5.23 10.21 40.11
N GLU D 61 -6.20 11.01 40.59
CA GLU D 61 -7.61 11.01 40.08
C GLU D 61 -7.99 12.45 39.72
N ILE D 62 -7.01 13.31 39.52
CA ILE D 62 -7.27 14.72 39.13
C ILE D 62 -8.25 14.74 37.94
N LEU D 63 -8.06 13.85 36.93
CA LEU D 63 -8.85 13.89 35.68
C LEU D 63 -9.81 12.69 35.57
N LYS D 64 -10.07 12.01 36.70
CA LYS D 64 -11.12 10.97 36.79
C LYS D 64 -12.39 11.49 36.13
N GLY D 65 -12.98 10.72 35.22
CA GLY D 65 -14.22 11.14 34.56
C GLY D 65 -14.03 11.89 33.26
N TYR D 66 -12.82 12.35 32.93
CA TYR D 66 -12.56 13.10 31.67
C TYR D 66 -12.05 12.12 30.60
N LEU D 67 -12.52 12.36 29.39
CA LEU D 67 -12.21 11.58 28.16
C LEU D 67 -11.49 12.46 27.14
N MET D 68 -10.29 12.03 26.72
CA MET D 68 -9.53 12.68 25.63
C MET D 68 -9.80 11.89 24.35
N ALA D 69 -10.10 12.58 23.26
CA ALA D 69 -10.10 12.00 21.89
C ALA D 69 -8.81 12.42 21.18
N THR D 70 -8.02 11.45 20.69
CA THR D 70 -6.85 11.76 19.82
C THR D 70 -7.26 11.63 18.34
N LEU D 71 -6.72 12.51 17.51
CA LEU D 71 -6.90 12.50 16.05
C LEU D 71 -5.53 12.71 15.40
N PHE D 72 -4.82 11.61 15.14
CA PHE D 72 -3.49 11.60 14.48
C PHE D 72 -3.69 11.27 13.00
N TYR D 73 -3.60 12.29 12.16
CA TYR D 73 -3.63 12.17 10.69
C TYR D 73 -2.21 11.94 10.15
N GLU D 74 -1.17 12.10 10.96
CA GLU D 74 0.24 11.75 10.61
C GLU D 74 0.77 10.89 11.73
N PRO D 75 1.83 10.09 11.48
CA PRO D 75 2.43 9.21 12.47
C PRO D 75 3.10 9.99 13.62
N SER D 76 3.12 9.35 14.78
CA SER D 76 3.67 9.94 16.02
C SER D 76 4.02 8.82 16.95
N THR D 77 5.19 8.91 17.58
CA THR D 77 5.56 8.09 18.77
C THR D 77 5.45 8.99 20.01
N ARG D 78 6.26 10.05 20.08
CA ARG D 78 6.40 10.86 21.32
C ARG D 78 5.08 11.60 21.63
N THR D 79 4.52 12.30 20.66
CA THR D 79 3.40 13.26 20.91
C THR D 79 2.15 12.43 21.24
N ARG D 80 1.81 11.43 20.43
CA ARG D 80 0.63 10.56 20.65
C ARG D 80 0.74 9.85 22.01
N LEU D 81 1.82 9.14 22.31
CA LEU D 81 1.91 8.31 23.53
C LEU D 81 2.07 9.21 24.76
N SER D 82 2.78 10.32 24.65
CA SER D 82 2.99 11.24 25.83
C SER D 82 1.64 11.85 26.22
N PHE D 83 0.79 12.23 25.26
CA PHE D 83 -0.57 12.75 25.58
C PHE D 83 -1.41 11.67 26.23
N GLU D 84 -1.37 10.44 25.73
CA GLU D 84 -2.22 9.36 26.28
CA GLU D 84 -2.20 9.33 26.26
C GLU D 84 -1.70 8.97 27.66
N SER D 85 -0.38 8.83 27.81
CA SER D 85 0.25 8.56 29.12
C SER D 85 -0.15 9.69 30.10
N ALA D 86 -0.04 10.94 29.66
CA ALA D 86 -0.32 12.12 30.54
C ALA D 86 -1.76 11.99 31.08
N MET D 87 -2.72 11.69 30.20
CA MET D 87 -4.16 11.62 30.55
C MET D 87 -4.40 10.48 31.54
N LYS D 88 -3.80 9.32 31.31
CA LYS D 88 -3.98 8.12 32.15
C LYS D 88 -3.25 8.26 33.48
N ARG D 89 -2.07 8.84 33.50
CA ARG D 89 -1.33 9.11 34.75
C ARG D 89 -2.16 10.03 35.67
N LEU D 90 -3.05 10.86 35.12
CA LEU D 90 -3.92 11.78 35.91
C LEU D 90 -5.30 11.17 36.16
N GLY D 91 -5.55 9.94 35.73
CA GLY D 91 -6.81 9.23 36.00
C GLY D 91 -7.87 9.39 34.94
N GLY D 92 -7.57 10.05 33.82
CA GLY D 92 -8.53 10.18 32.72
C GLY D 92 -8.48 8.98 31.79
N GLU D 93 -9.37 8.95 30.81
N GLU D 93 -9.36 8.98 30.80
CA GLU D 93 -9.33 7.89 29.77
CA GLU D 93 -9.44 7.92 29.77
C GLU D 93 -9.18 8.55 28.40
C GLU D 93 -9.22 8.56 28.39
N VAL D 94 -8.97 7.72 27.39
CA VAL D 94 -8.58 8.14 26.04
C VAL D 94 -9.27 7.27 25.01
N LEU D 95 -9.83 7.93 24.02
CA LEU D 95 -10.39 7.34 22.79
C LEU D 95 -9.39 7.64 21.66
N THR D 96 -8.65 6.65 21.18
CA THR D 96 -7.61 6.91 20.16
C THR D 96 -8.21 6.79 18.75
N THR D 97 -7.74 7.65 17.85
CA THR D 97 -7.85 7.51 16.36
C THR D 97 -6.43 7.75 15.83
N GLU D 98 -5.68 6.68 15.61
CA GLU D 98 -4.20 6.79 15.41
C GLU D 98 -3.93 6.77 13.91
N ASN D 99 -4.95 6.55 13.09
CA ASN D 99 -4.89 6.77 11.62
C ASN D 99 -6.24 7.31 11.22
N ALA D 100 -6.44 8.62 11.36
CA ALA D 100 -7.67 9.35 11.02
C ALA D 100 -7.80 9.46 9.50
N ARG D 101 -6.68 9.39 8.77
CA ARG D 101 -6.65 9.39 7.27
C ARG D 101 -7.16 8.04 6.74
N GLU D 102 -6.80 6.91 7.40
CA GLU D 102 -7.08 5.51 6.95
C GLU D 102 -8.38 4.97 7.59
N PHE D 103 -8.53 5.06 8.93
CA PHE D 103 -9.72 4.60 9.70
C PHE D 103 -10.27 5.78 10.53
N GLY D 109 -14.06 13.12 1.29
CA GLY D 109 -14.07 12.80 2.72
C GLY D 109 -14.74 13.88 3.55
N GLU D 110 -15.16 13.52 4.77
CA GLU D 110 -15.76 14.40 5.78
C GLU D 110 -14.88 15.65 6.00
N THR D 111 -15.47 16.84 6.10
CA THR D 111 -14.73 18.07 6.49
C THR D 111 -14.15 17.87 7.89
N LEU D 112 -13.08 18.61 8.19
CA LEU D 112 -12.50 18.65 9.57
C LEU D 112 -13.56 19.15 10.56
N GLU D 113 -14.30 20.19 10.21
CA GLU D 113 -15.39 20.76 11.04
C GLU D 113 -16.41 19.67 11.45
N ASP D 114 -16.76 18.76 10.54
CA ASP D 114 -17.73 17.65 10.82
C ASP D 114 -17.09 16.64 11.77
N THR D 115 -15.81 16.30 11.56
CA THR D 115 -15.09 15.39 12.45
C THR D 115 -15.10 15.99 13.87
N ILE D 116 -14.80 17.27 14.00
CA ILE D 116 -14.60 17.88 15.35
C ILE D 116 -15.97 17.91 16.06
N ARG D 117 -17.01 18.35 15.38
CA ARG D 117 -18.39 18.40 15.95
C ARG D 117 -18.88 16.98 16.32
N THR D 118 -18.50 15.94 15.59
CA THR D 118 -18.83 14.53 15.92
C THR D 118 -18.06 14.09 17.16
N VAL D 119 -16.75 14.25 17.17
CA VAL D 119 -15.88 13.68 18.21
C VAL D 119 -16.17 14.38 19.54
N GLU D 120 -16.49 15.66 19.51
CA GLU D 120 -16.73 16.41 20.78
C GLU D 120 -17.94 15.83 21.52
N GLY D 121 -18.87 15.18 20.82
CA GLY D 121 -20.00 14.43 21.42
C GLY D 121 -19.54 13.32 22.33
N TYR D 122 -18.33 12.79 22.10
CA TYR D 122 -17.86 11.55 22.75
C TYR D 122 -16.81 11.85 23.81
N SER D 123 -16.36 13.11 23.87
CA SER D 123 -15.11 13.47 24.59
C SER D 123 -15.18 14.85 25.27
N ASP D 124 -14.17 15.12 26.10
CA ASP D 124 -14.05 16.37 26.87
C ASP D 124 -12.88 17.23 26.37
N ILE D 125 -11.95 16.64 25.61
CA ILE D 125 -10.78 17.37 25.07
C ILE D 125 -10.32 16.62 23.82
N ILE D 126 -9.95 17.37 22.79
CA ILE D 126 -9.38 16.83 21.52
C ILE D 126 -7.89 17.18 21.40
N VAL D 127 -7.08 16.17 21.07
CA VAL D 127 -5.63 16.28 20.78
C VAL D 127 -5.49 15.91 19.30
N MET D 128 -5.11 16.84 18.44
CA MET D 128 -5.06 16.59 16.99
C MET D 128 -3.66 16.90 16.40
N ARG D 129 -3.12 15.92 15.66
CA ARG D 129 -2.01 16.17 14.69
C ARG D 129 -2.57 16.06 13.28
N HIS D 130 -2.77 17.19 12.60
CA HIS D 130 -3.34 17.20 11.24
C HIS D 130 -2.21 17.21 10.20
N PHE D 131 -2.53 17.14 8.91
CA PHE D 131 -1.52 17.19 7.84
C PHE D 131 -1.48 18.58 7.19
N GLU D 132 -2.40 19.48 7.57
CA GLU D 132 -2.51 20.81 6.96
C GLU D 132 -2.32 21.92 8.01
N SER D 133 -1.51 22.93 7.70
CA SER D 133 -1.30 24.17 8.47
C SER D 133 -2.65 24.88 8.64
N GLY D 134 -2.97 25.39 9.84
CA GLY D 134 -4.27 26.04 10.10
C GLY D 134 -5.37 25.08 10.56
N ALA D 135 -5.20 23.76 10.50
CA ALA D 135 -6.26 22.84 10.98
C ALA D 135 -6.53 23.07 12.48
N ALA D 136 -5.50 23.17 13.33
CA ALA D 136 -5.70 23.25 14.80
C ALA D 136 -6.59 24.45 15.16
N ARG D 137 -6.34 25.59 14.52
CA ARG D 137 -7.05 26.87 14.74
C ARG D 137 -8.51 26.66 14.33
N LYS D 138 -8.76 26.02 13.17
CA LYS D 138 -10.14 25.70 12.72
C LYS D 138 -10.84 24.77 13.71
N ALA D 139 -10.19 23.70 14.17
CA ALA D 139 -10.75 22.80 15.19
C ALA D 139 -11.14 23.57 16.46
N ALA D 140 -10.25 24.43 16.97
CA ALA D 140 -10.49 25.22 18.20
C ALA D 140 -11.74 26.09 18.02
N ALA D 141 -11.85 26.76 16.88
CA ALA D 141 -12.97 27.69 16.62
C ALA D 141 -14.30 26.91 16.54
N THR D 142 -14.26 25.67 16.05
CA THR D 142 -15.43 24.77 15.87
C THR D 142 -15.86 24.16 17.20
N ALA D 143 -14.94 23.62 17.97
CA ALA D 143 -15.20 22.85 19.19
C ALA D 143 -15.63 23.78 20.32
N ASN D 144 -16.49 23.26 21.19
CA ASN D 144 -16.90 23.88 22.48
C ASN D 144 -16.20 23.14 23.62
N ILE D 145 -15.18 22.34 23.29
CA ILE D 145 -14.29 21.68 24.27
C ILE D 145 -12.86 22.11 23.87
N PRO D 146 -11.90 22.12 24.82
CA PRO D 146 -10.52 22.44 24.50
C PRO D 146 -9.93 21.54 23.40
N VAL D 147 -9.13 22.16 22.55
CA VAL D 147 -8.31 21.50 21.50
C VAL D 147 -6.84 21.77 21.79
N ILE D 148 -6.01 20.73 21.71
CA ILE D 148 -4.53 20.83 21.71
C ILE D 148 -4.01 20.41 20.33
N ASN D 149 -3.32 21.33 19.72
CA ASN D 149 -2.48 21.12 18.51
C ASN D 149 -1.26 20.24 18.85
N ALA D 150 -1.24 19.02 18.33
CA ALA D 150 -0.14 18.03 18.49
C ALA D 150 0.82 18.04 17.27
N GLY D 151 0.75 19.09 16.45
CA GLY D 151 1.57 19.26 15.24
C GLY D 151 0.65 19.52 14.05
N ASP D 152 0.72 20.71 13.49
CA ASP D 152 -0.27 21.22 12.53
C ASP D 152 0.29 21.04 11.11
N GLY D 153 0.54 19.81 10.69
CA GLY D 153 1.21 19.59 9.40
C GLY D 153 2.52 20.35 9.35
N PRO D 154 2.80 21.19 8.31
CA PRO D 154 4.04 21.96 8.26
C PRO D 154 3.99 23.23 9.14
N GLY D 155 2.93 23.39 9.93
CA GLY D 155 2.73 24.54 10.81
C GLY D 155 3.29 24.30 12.21
N GLU D 156 2.66 24.90 13.21
CA GLU D 156 3.15 24.89 14.61
C GLU D 156 3.00 23.53 15.30
N HIS D 157 3.93 23.30 16.22
CA HIS D 157 3.95 22.17 17.18
C HIS D 157 4.22 22.77 18.56
N PRO D 158 3.22 23.50 19.14
CA PRO D 158 3.46 24.31 20.33
C PRO D 158 3.87 23.55 21.59
N THR D 159 3.40 22.32 21.81
CA THR D 159 3.78 21.56 23.02
C THR D 159 5.23 21.07 22.91
N GLN D 160 5.74 20.89 21.70
CA GLN D 160 7.18 20.63 21.48
C GLN D 160 7.99 21.85 21.92
N ALA D 161 7.64 23.06 21.50
CA ALA D 161 8.33 24.30 21.90
C ALA D 161 8.29 24.46 23.44
N LEU D 162 7.14 24.22 24.05
CA LEU D 162 6.99 24.28 25.53
C LEU D 162 7.94 23.29 26.18
N LEU D 163 7.94 22.03 25.76
CA LEU D 163 8.76 21.04 26.47
C LEU D 163 10.24 21.34 26.19
N ASP D 164 10.56 21.90 25.04
CA ASP D 164 11.97 22.26 24.71
C ASP D 164 12.47 23.35 25.69
N VAL D 165 11.67 24.39 25.90
CA VAL D 165 12.05 25.50 26.84
C VAL D 165 12.09 24.95 28.26
N TYR D 166 11.12 24.13 28.65
CA TYR D 166 11.10 23.52 29.99
C TYR D 166 12.40 22.73 30.19
N THR D 167 12.83 21.99 29.17
CA THR D 167 13.99 21.08 29.29
C THR D 167 15.24 21.95 29.55
N ILE D 168 15.40 23.04 28.81
CA ILE D 168 16.55 23.98 28.99
C ILE D 168 16.53 24.49 30.45
N GLN D 169 15.40 24.97 30.93
CA GLN D 169 15.32 25.49 32.34
C GLN D 169 15.73 24.37 33.30
N SER D 170 15.16 23.19 33.09
CA SER D 170 15.39 21.99 33.90
C SER D 170 16.88 21.60 33.92
N GLU D 171 17.52 21.51 32.75
CA GLU D 171 18.92 21.00 32.64
C GLU D 171 19.92 22.09 33.02
N ILE D 172 19.70 23.34 32.61
CA ILE D 172 20.70 24.43 32.65
C ILE D 172 20.43 25.24 33.94
N GLY D 173 19.18 25.31 34.36
CA GLY D 173 18.77 26.01 35.60
C GLY D 173 18.47 27.47 35.36
N LYS D 174 18.49 27.94 34.11
CA LYS D 174 18.07 29.32 33.79
C LYS D 174 17.59 29.38 32.35
N LEU D 175 16.92 30.47 32.01
CA LEU D 175 16.55 30.81 30.62
C LEU D 175 17.10 32.20 30.29
N ASP D 176 17.11 33.15 31.23
CA ASP D 176 17.83 34.42 30.99
C ASP D 176 19.34 34.08 30.98
N GLY D 177 20.09 34.73 30.12
CA GLY D 177 21.57 34.68 30.06
C GLY D 177 22.08 33.41 29.37
N ILE D 178 21.28 32.73 28.57
CA ILE D 178 21.75 31.45 27.97
C ILE D 178 22.23 31.66 26.54
N SER D 179 23.02 30.69 26.10
CA SER D 179 23.53 30.54 24.72
C SER D 179 22.99 29.22 24.15
N VAL D 180 22.26 29.32 23.04
CA VAL D 180 21.62 28.15 22.41
C VAL D 180 22.07 28.13 20.95
N ALA D 181 22.55 26.99 20.52
CA ALA D 181 22.82 26.72 19.10
C ALA D 181 21.63 25.93 18.56
N LEU D 182 20.99 26.46 17.53
CA LEU D 182 19.90 25.82 16.76
C LEU D 182 20.60 25.28 15.50
N VAL D 183 20.65 23.97 15.38
CA VAL D 183 21.44 23.28 14.31
C VAL D 183 20.49 22.56 13.35
N GLY D 184 20.79 22.64 12.05
CA GLY D 184 20.23 21.73 11.04
C GLY D 184 19.49 22.52 9.99
N ASP D 185 18.28 22.09 9.67
CA ASP D 185 17.43 22.75 8.64
C ASP D 185 16.68 23.90 9.31
N LEU D 186 17.29 25.08 9.31
CA LEU D 186 16.73 26.25 10.00
C LEU D 186 15.65 26.86 9.12
N ALA D 187 15.90 26.86 7.81
CA ALA D 187 15.00 27.45 6.79
C ALA D 187 13.58 26.91 6.97
N ASN D 188 13.46 25.59 7.08
CA ASN D 188 12.18 24.85 6.98
C ASN D 188 11.89 24.22 8.34
N GLY D 189 12.67 24.53 9.38
CA GLY D 189 12.66 23.83 10.67
C GLY D 189 11.60 24.41 11.59
N ARG D 190 10.48 23.74 11.64
CA ARG D 190 9.33 24.02 12.52
C ARG D 190 9.82 24.13 13.98
N THR D 191 10.53 23.13 14.51
CA THR D 191 10.83 23.15 15.97
C THR D 191 11.85 24.26 16.28
N VAL D 192 12.83 24.53 15.42
CA VAL D 192 13.89 25.54 15.74
C VAL D 192 13.31 26.96 15.65
N ARG D 193 12.39 27.21 14.71
CA ARG D 193 11.71 28.52 14.59
C ARG D 193 10.91 28.79 15.87
N SER D 194 10.12 27.83 16.29
CA SER D 194 9.23 27.94 17.49
C SER D 194 10.06 28.09 18.77
N LEU D 195 11.16 27.36 18.88
CA LEU D 195 12.05 27.47 20.06
C LEU D 195 12.69 28.86 20.08
N ALA D 196 13.19 29.36 18.96
CA ALA D 196 13.71 30.74 18.87
C ALA D 196 12.63 31.73 19.29
N TYR D 197 11.40 31.56 18.77
CA TYR D 197 10.26 32.47 19.12
C TYR D 197 10.08 32.52 20.64
N LEU D 198 10.06 31.39 21.37
CA LEU D 198 9.83 31.42 22.85
C LEU D 198 11.07 31.95 23.58
N LEU D 199 12.28 31.58 23.16
CA LEU D 199 13.50 32.02 23.88
C LEU D 199 13.59 33.55 23.86
N ALA D 200 13.05 34.20 22.82
CA ALA D 200 13.14 35.66 22.64
C ALA D 200 12.34 36.40 23.73
N LYS D 201 11.52 35.68 24.49
CA LYS D 201 10.72 36.28 25.60
C LYS D 201 11.63 36.52 26.80
N PHE D 202 12.84 35.96 26.79
CA PHE D 202 13.80 36.04 27.91
C PHE D 202 14.87 37.10 27.64
N LYS D 203 15.67 37.38 28.67
CA LYS D 203 16.69 38.45 28.61
C LYS D 203 18.09 37.84 28.40
N ASP D 204 18.93 38.57 27.67
CA ASP D 204 20.38 38.27 27.52
C ASP D 204 20.55 36.88 26.86
N VAL D 205 19.67 36.58 25.92
CA VAL D 205 19.74 35.28 25.19
C VAL D 205 20.66 35.50 24.00
N LYS D 206 21.53 34.54 23.76
CA LYS D 206 22.24 34.56 22.49
C LYS D 206 21.90 33.27 21.74
N ILE D 207 21.60 33.43 20.46
CA ILE D 207 21.23 32.30 19.60
C ILE D 207 22.29 32.22 18.48
N TYR D 208 22.86 31.04 18.32
CA TYR D 208 23.69 30.70 17.15
C TYR D 208 22.84 29.85 16.19
N PHE D 209 22.73 30.31 14.96
CA PHE D 209 22.09 29.59 13.85
C PHE D 209 23.19 28.80 13.12
N VAL D 210 23.27 27.50 13.35
CA VAL D 210 24.36 26.63 12.82
C VAL D 210 23.78 25.79 11.69
N SER D 211 24.14 26.10 10.45
CA SER D 211 23.56 25.38 9.29
C SER D 211 24.42 25.64 8.06
N PRO D 212 24.27 24.80 7.03
CA PRO D 212 24.71 25.18 5.70
C PRO D 212 23.96 26.45 5.29
N GLU D 213 24.59 27.27 4.46
CA GLU D 213 24.04 28.56 3.99
C GLU D 213 22.71 28.27 3.29
N ILE D 214 22.59 27.14 2.58
CA ILE D 214 21.39 26.82 1.74
C ILE D 214 20.16 26.63 2.62
N VAL D 215 20.29 26.28 3.92
CA VAL D 215 19.09 26.11 4.81
C VAL D 215 19.21 27.06 6.01
N LYS D 216 19.70 28.27 5.79
CA LYS D 216 19.80 29.27 6.89
C LYS D 216 18.39 29.71 7.34
N MET D 217 18.33 30.24 8.55
CA MET D 217 17.09 30.71 9.18
C MET D 217 16.57 31.86 8.32
N LYS D 218 15.28 31.87 8.07
CA LYS D 218 14.62 32.93 7.28
C LYS D 218 14.68 34.27 8.04
N ASP D 219 14.42 35.34 7.29
CA ASP D 219 14.50 36.73 7.78
C ASP D 219 13.43 37.03 8.82
N ASP D 220 12.25 36.42 8.73
CA ASP D 220 11.16 36.73 9.71
C ASP D 220 11.65 36.46 11.14
N ILE D 221 12.30 35.31 11.39
CA ILE D 221 12.79 34.94 12.74
C ILE D 221 13.99 35.83 13.10
N LYS D 222 14.92 36.09 12.17
CA LYS D 222 16.07 36.99 12.43
C LYS D 222 15.57 38.38 12.86
N ASP D 223 14.60 38.93 12.14
CA ASP D 223 14.06 40.29 12.38
C ASP D 223 13.38 40.32 13.75
N TYR D 224 12.64 39.28 14.06
CA TYR D 224 11.88 39.16 15.32
C TYR D 224 12.90 39.13 16.46
N LEU D 225 13.98 38.36 16.31
CA LEU D 225 15.00 38.25 17.39
C LEU D 225 15.62 39.64 17.63
N THR D 226 16.04 40.31 16.57
CA THR D 226 16.64 41.66 16.62
C THR D 226 15.66 42.61 17.35
N SER D 227 14.39 42.62 16.95
CA SER D 227 13.35 43.49 17.59
C SER D 227 13.19 43.13 19.07
N SER D 228 13.40 41.86 19.44
CA SER D 228 13.23 41.36 20.83
C SER D 228 14.50 41.57 21.65
N GLY D 229 15.53 42.17 21.04
CA GLY D 229 16.86 42.40 21.66
C GLY D 229 17.61 41.10 21.91
N VAL D 230 17.38 40.07 21.10
CA VAL D 230 18.16 38.81 21.18
C VAL D 230 19.32 38.90 20.19
N GLU D 231 20.54 38.75 20.68
CA GLU D 231 21.79 38.66 19.92
C GLU D 231 21.75 37.32 19.17
N TRP D 232 22.07 37.33 17.88
CA TRP D 232 22.18 36.06 17.11
C TRP D 232 23.40 36.14 16.20
N GLU D 233 23.99 35.00 15.90
CA GLU D 233 25.11 34.88 14.92
C GLU D 233 24.79 33.67 14.05
N GLU D 234 25.08 33.73 12.76
CA GLU D 234 25.09 32.54 11.87
C GLU D 234 26.49 31.92 11.84
N SER D 235 26.57 30.60 11.75
CA SER D 235 27.85 29.87 11.64
C SER D 235 27.64 28.58 10.83
N SER D 236 28.67 28.15 10.11
CA SER D 236 28.74 26.78 9.55
C SER D 236 29.79 25.93 10.29
N ASP D 237 30.28 26.41 11.45
CA ASP D 237 31.37 25.81 12.28
C ASP D 237 30.78 25.32 13.61
N LEU D 238 30.26 24.09 13.65
CA LEU D 238 29.54 23.59 14.84
C LEU D 238 30.56 23.38 15.96
N MET D 239 31.79 22.95 15.62
CA MET D 239 32.90 22.83 16.61
C MET D 239 33.21 24.17 17.29
N GLU D 240 33.28 25.29 16.57
CA GLU D 240 33.55 26.62 17.24
C GLU D 240 32.38 26.96 18.17
N VAL D 241 31.17 26.80 17.65
CA VAL D 241 29.99 27.34 18.36
C VAL D 241 29.71 26.49 19.60
N ALA D 242 29.91 25.18 19.52
CA ALA D 242 29.45 24.25 20.57
C ALA D 242 30.21 24.54 21.86
N SER D 243 31.50 24.91 21.78
CA SER D 243 32.37 25.18 22.94
C SER D 243 31.83 26.35 23.77
N LYS D 244 31.05 27.25 23.15
CA LYS D 244 30.51 28.50 23.77
C LYS D 244 29.02 28.42 24.15
N CYS D 245 28.36 27.26 24.03
CA CYS D 245 26.89 27.15 24.18
C CYS D 245 26.52 26.40 25.45
N ASP D 246 25.39 26.76 26.05
CA ASP D 246 24.75 25.96 27.12
C ASP D 246 24.01 24.76 26.50
N VAL D 247 23.47 24.97 25.30
CA VAL D 247 22.56 24.02 24.60
C VAL D 247 22.96 23.93 23.12
N VAL D 248 23.08 22.70 22.65
CA VAL D 248 23.11 22.37 21.20
C VAL D 248 21.82 21.60 20.90
N TYR D 249 20.92 22.26 20.18
CA TYR D 249 19.61 21.76 19.75
C TYR D 249 19.76 21.33 18.28
N GLN D 250 19.82 20.02 18.12
CA GLN D 250 20.17 19.35 16.84
C GLN D 250 18.88 18.96 16.14
N THR D 251 18.85 19.10 14.81
CA THR D 251 17.75 18.62 13.94
C THR D 251 18.35 18.09 12.64
N ARG D 252 17.61 17.27 11.90
N ARG D 252 17.52 17.36 11.89
CA ARG D 252 18.18 16.65 10.68
CA ARG D 252 17.87 16.73 10.61
C ARG D 252 18.04 17.61 9.51
C ARG D 252 18.13 17.82 9.55
N ILE D 253 19.02 17.54 8.59
CA ILE D 253 18.98 18.23 7.29
C ILE D 253 18.66 17.15 6.26
N GLN D 254 17.51 17.20 5.64
CA GLN D 254 17.10 16.20 4.62
C GLN D 254 17.95 16.46 3.37
N ARG D 255 18.53 15.41 2.80
CA ARG D 255 19.38 15.51 1.56
C ARG D 255 18.62 16.25 0.45
N GLU D 256 17.32 16.04 0.36
CA GLU D 256 16.41 16.65 -0.64
C GLU D 256 16.54 18.18 -0.63
N ARG D 257 16.81 18.80 0.52
CA ARG D 257 16.98 20.28 0.63
C ARG D 257 18.08 20.83 -0.28
N PHE D 258 19.10 20.05 -0.61
CA PHE D 258 20.25 20.51 -1.42
C PHE D 258 19.89 20.52 -2.92
N GLY D 259 18.75 19.92 -3.30
CA GLY D 259 18.30 19.83 -4.69
C GLY D 259 19.40 19.22 -5.54
N GLU D 260 19.83 19.92 -6.60
CA GLU D 260 20.88 19.40 -7.50
C GLU D 260 22.24 19.76 -6.92
N ARG D 261 22.31 20.62 -5.89
CA ARG D 261 23.60 21.13 -5.35
C ARG D 261 24.26 20.05 -4.47
N LEU D 262 24.74 18.98 -5.11
CA LEU D 262 25.41 17.90 -4.38
C LEU D 262 26.82 18.34 -3.95
N ASP D 263 27.40 19.38 -4.57
CA ASP D 263 28.65 20.02 -4.09
C ASP D 263 28.43 20.58 -2.67
N LEU D 264 27.29 21.24 -2.44
CA LEU D 264 26.98 21.82 -1.10
C LEU D 264 26.69 20.70 -0.10
N TYR D 265 25.99 19.66 -0.53
CA TYR D 265 25.68 18.49 0.33
C TYR D 265 27.00 17.83 0.77
N GLU D 266 27.92 17.64 -0.18
CA GLU D 266 29.27 17.06 0.10
C GLU D 266 30.05 17.98 1.07
N ALA D 267 30.07 19.30 0.85
CA ALA D 267 30.78 20.28 1.72
C ALA D 267 30.14 20.31 3.13
N ALA D 268 28.86 19.90 3.28
CA ALA D 268 28.12 19.89 4.57
C ALA D 268 28.40 18.57 5.29
N ARG D 269 28.98 17.58 4.60
CA ARG D 269 28.96 16.17 5.07
C ARG D 269 29.82 16.13 6.34
N GLY D 270 29.27 15.59 7.42
CA GLY D 270 30.01 15.41 8.70
C GLY D 270 30.44 16.71 9.35
N LYS D 271 29.92 17.89 8.93
CA LYS D 271 30.17 19.23 9.53
C LYS D 271 29.03 19.62 10.50
N PHE D 272 27.87 18.96 10.49
CA PHE D 272 26.72 19.32 11.36
C PHE D 272 26.30 18.11 12.19
N ILE D 273 27.25 17.29 12.59
CA ILE D 273 26.98 16.04 13.34
C ILE D 273 27.30 16.34 14.79
N VAL D 274 26.51 15.81 15.71
CA VAL D 274 26.88 15.70 17.14
C VAL D 274 27.57 14.35 17.36
N ASP D 275 28.87 14.36 17.63
CA ASP D 275 29.61 13.09 17.91
C ASP D 275 30.44 13.29 19.16
N LYS D 276 31.24 12.29 19.53
CA LYS D 276 32.09 12.36 20.76
C LYS D 276 33.09 13.50 20.61
N ASP D 277 33.60 13.75 19.40
CA ASP D 277 34.52 14.89 19.16
C ASP D 277 33.84 16.21 19.55
N LEU D 278 32.59 16.43 19.15
CA LEU D 278 31.89 17.69 19.53
C LEU D 278 31.75 17.77 21.05
N LEU D 279 31.30 16.71 21.70
CA LEU D 279 31.11 16.64 23.17
C LEU D 279 32.47 16.95 23.83
N GLY D 280 33.57 16.50 23.23
CA GLY D 280 34.94 16.78 23.74
C GLY D 280 35.23 18.26 23.93
N VAL D 281 34.75 19.14 23.03
CA VAL D 281 35.00 20.61 23.07
C VAL D 281 33.92 21.34 23.88
N MET D 282 32.89 20.66 24.38
CA MET D 282 31.74 21.34 25.03
C MET D 282 31.96 21.38 26.53
N GLN D 283 31.35 22.36 27.17
N GLN D 283 31.39 22.38 27.19
CA GLN D 283 31.31 22.51 28.63
CA GLN D 283 31.45 22.56 28.67
C GLN D 283 30.66 21.27 29.23
C GLN D 283 30.60 21.46 29.32
N LYS D 284 31.05 20.92 30.46
CA LYS D 284 30.42 19.79 31.16
C LYS D 284 28.99 20.15 31.51
N LYS D 285 28.67 21.43 31.72
CA LYS D 285 27.30 21.88 32.12
C LYS D 285 26.38 21.99 30.88
N ALA D 286 26.90 21.81 29.68
CA ALA D 286 26.09 22.05 28.45
C ALA D 286 25.30 20.79 28.09
N ILE D 287 24.29 20.90 27.22
CA ILE D 287 23.48 19.69 26.90
C ILE D 287 23.34 19.55 25.38
N ILE D 288 23.01 18.34 24.98
CA ILE D 288 22.51 18.07 23.60
C ILE D 288 21.01 17.80 23.71
N MET D 289 20.26 18.48 22.85
CA MET D 289 18.81 18.27 22.69
C MET D 289 18.55 17.89 21.24
N HIS D 290 17.42 17.24 21.03
CA HIS D 290 16.89 16.81 19.72
C HIS D 290 15.43 16.53 19.93
N PRO D 291 14.51 17.10 19.12
CA PRO D 291 13.09 16.81 19.32
C PRO D 291 12.73 15.34 19.06
N LEU D 292 13.55 14.66 18.26
CA LEU D 292 13.39 13.25 17.85
C LEU D 292 12.23 13.14 16.86
N PRO D 293 12.24 12.13 15.96
CA PRO D 293 13.30 11.13 15.89
C PRO D 293 14.58 11.63 15.21
N ARG D 294 15.71 11.06 15.60
CA ARG D 294 17.02 11.26 14.96
C ARG D 294 17.31 10.12 13.97
N LEU D 295 18.19 10.39 13.01
CA LEU D 295 18.88 9.35 12.19
C LEU D 295 20.36 9.39 12.59
N ASP D 296 21.30 9.78 11.72
CA ASP D 296 22.76 9.70 12.02
C ASP D 296 23.34 11.04 12.50
N GLU D 297 22.52 12.09 12.64
CA GLU D 297 22.99 13.44 13.05
C GLU D 297 23.35 13.51 14.55
N ILE D 298 23.01 12.51 15.34
CA ILE D 298 23.64 12.31 16.67
C ILE D 298 24.10 10.87 16.72
N THR D 299 25.40 10.64 16.90
CA THR D 299 25.97 9.27 16.90
C THR D 299 25.54 8.58 18.20
N ALA D 300 25.38 7.26 18.14
CA ALA D 300 24.91 6.40 19.25
C ALA D 300 25.84 6.53 20.46
N ASP D 301 27.13 6.75 20.26
CA ASP D 301 28.11 6.76 21.38
C ASP D 301 27.97 8.06 22.17
N VAL D 302 27.26 9.09 21.66
CA VAL D 302 26.88 10.29 22.48
C VAL D 302 25.90 9.91 23.59
N ASP D 303 25.03 8.94 23.40
CA ASP D 303 23.92 8.61 24.35
C ASP D 303 24.47 8.36 25.76
N ALA D 304 25.69 7.81 25.89
CA ALA D 304 26.27 7.45 27.20
C ALA D 304 26.72 8.72 27.97
N ASP D 305 26.90 9.84 27.29
CA ASP D 305 27.31 11.10 27.96
C ASP D 305 26.12 11.61 28.77
N PRO D 306 26.34 12.04 30.03
CA PRO D 306 25.28 12.62 30.86
C PRO D 306 24.63 13.86 30.23
N ARG D 307 25.35 14.51 29.32
CA ARG D 307 24.90 15.74 28.61
C ARG D 307 23.91 15.43 27.47
N ALA D 308 23.76 14.15 27.09
CA ALA D 308 22.77 13.72 26.06
C ALA D 308 21.39 13.78 26.70
N ALA D 309 20.68 14.89 26.51
CA ALA D 309 19.41 15.22 27.22
C ALA D 309 18.15 14.85 26.41
N TYR D 310 18.25 14.24 25.21
CA TYR D 310 17.09 14.08 24.30
C TYR D 310 16.06 13.07 24.82
N PHE D 311 16.44 12.07 25.61
CA PHE D 311 15.42 11.14 26.16
C PHE D 311 14.80 11.75 27.44
N ARG D 312 15.59 12.44 28.25
CA ARG D 312 15.05 13.28 29.36
C ARG D 312 14.05 14.31 28.80
N GLN D 313 14.41 14.93 27.68
CA GLN D 313 13.59 15.93 26.98
C GLN D 313 12.25 15.29 26.61
N ALA D 314 12.24 14.12 25.95
CA ALA D 314 11.00 13.39 25.62
C ALA D 314 10.18 13.18 26.90
N LYS D 315 10.78 12.74 28.00
N LYS D 315 10.80 12.70 27.98
CA LYS D 315 10.00 12.47 29.24
CA LYS D 315 10.13 12.47 29.28
C LYS D 315 9.54 13.79 29.90
C LYS D 315 9.50 13.80 29.75
N ASN D 316 10.22 14.91 29.68
CA ASN D 316 9.71 16.23 30.10
C ASN D 316 8.43 16.57 29.34
N GLY D 317 8.23 16.01 28.15
CA GLY D 317 6.97 16.17 27.39
C GLY D 317 5.78 15.59 28.14
N LEU D 318 5.98 14.49 28.87
CA LEU D 318 4.88 13.90 29.64
C LEU D 318 4.43 14.92 30.71
N PHE D 319 5.37 15.52 31.43
CA PHE D 319 5.09 16.43 32.57
C PHE D 319 4.43 17.72 32.08
N ILE D 320 4.92 18.26 30.98
CA ILE D 320 4.33 19.45 30.31
C ILE D 320 2.91 19.14 29.83
N ARG D 321 2.69 17.97 29.21
CA ARG D 321 1.35 17.60 28.70
C ARG D 321 0.38 17.32 29.86
N MET D 322 0.83 16.65 30.92
CA MET D 322 0.02 16.51 32.17
C MET D 322 -0.42 17.92 32.65
N ALA D 323 0.52 18.86 32.69
CA ALA D 323 0.26 20.25 33.16
C ALA D 323 -0.80 20.89 32.27
N LEU D 324 -0.71 20.77 30.94
CA LEU D 324 -1.69 21.42 30.06
C LEU D 324 -3.07 20.75 30.19
N LEU D 325 -3.14 19.43 30.31
CA LEU D 325 -4.45 18.74 30.44
C LEU D 325 -5.09 19.21 31.75
N LYS D 326 -4.29 19.27 32.79
CA LYS D 326 -4.79 19.69 34.12
C LYS D 326 -5.35 21.10 33.96
N LEU D 327 -4.54 22.01 33.43
CA LEU D 327 -4.93 23.44 33.33
C LEU D 327 -6.17 23.60 32.45
N LEU D 328 -6.27 22.90 31.31
CA LEU D 328 -7.42 23.06 30.37
C LEU D 328 -8.70 22.40 30.95
N LEU D 329 -8.61 21.34 31.72
CA LEU D 329 -9.84 20.63 32.14
C LEU D 329 -10.28 21.02 33.55
N VAL D 330 -9.37 21.20 34.52
CA VAL D 330 -9.75 21.43 35.95
C VAL D 330 -9.20 22.78 36.45
N GLY D 331 -8.43 23.53 35.65
CA GLY D 331 -7.91 24.87 35.98
C GLY D 331 -6.84 24.82 37.07
N TRP D 332 -6.61 25.96 37.73
CA TRP D 332 -5.45 26.17 38.63
C TRP D 332 -5.72 25.42 39.93
N PRO E 21 6.93 -12.01 50.36
CA PRO E 21 6.73 -11.17 49.17
C PRO E 21 8.05 -10.53 48.69
N HIS E 22 8.68 -11.12 47.66
CA HIS E 22 10.04 -10.76 47.17
C HIS E 22 10.01 -10.42 45.67
N MET E 23 11.13 -9.91 45.17
CA MET E 23 11.28 -9.47 43.75
C MET E 23 11.28 -10.72 42.86
N PHE E 24 10.63 -10.65 41.69
CA PHE E 24 10.72 -11.68 40.64
C PHE E 24 12.19 -11.77 40.20
N GLU E 25 12.66 -13.00 39.93
CA GLU E 25 14.08 -13.27 39.63
C GLU E 25 14.38 -12.83 38.19
N LEU E 26 13.38 -12.66 37.34
CA LEU E 26 13.59 -12.17 35.94
C LEU E 26 13.28 -10.66 35.88
N SER E 27 14.12 -9.88 35.22
CA SER E 27 13.88 -8.43 35.00
CA SER E 27 13.91 -8.42 34.97
C SER E 27 13.11 -8.24 33.68
N ASP E 28 13.03 -9.28 32.84
CA ASP E 28 12.40 -9.27 31.51
C ASP E 28 12.01 -10.70 31.14
N VAL E 29 10.97 -10.89 30.32
CA VAL E 29 10.61 -12.23 29.77
C VAL E 29 10.85 -12.22 28.24
N ILE E 30 11.99 -12.80 27.83
CA ILE E 30 12.46 -12.69 26.42
C ILE E 30 12.68 -14.07 25.79
N GLU E 31 13.33 -14.98 26.51
CA GLU E 31 13.66 -16.32 25.95
C GLU E 31 13.23 -17.46 26.86
N GLY E 32 12.73 -18.53 26.23
CA GLY E 32 12.40 -19.81 26.87
C GLY E 32 13.46 -20.24 27.85
N LYS E 33 14.72 -20.03 27.52
CA LYS E 33 15.86 -20.51 28.33
C LYS E 33 15.97 -19.78 29.68
N GLN E 34 15.26 -18.68 29.89
CA GLN E 34 15.30 -17.93 31.18
C GLN E 34 14.63 -18.76 32.29
N PHE E 35 13.85 -19.78 31.96
CA PHE E 35 12.93 -20.51 32.86
C PHE E 35 13.50 -21.87 33.25
N ASP E 36 13.63 -22.08 34.57
CA ASP E 36 13.93 -23.40 35.15
C ASP E 36 12.64 -24.07 35.62
N ARG E 37 12.78 -25.37 35.92
CA ARG E 37 11.64 -26.20 36.34
C ARG E 37 10.91 -25.52 37.51
N GLU E 38 11.77 -25.12 38.47
N GLU E 38 11.52 -25.16 38.64
CA GLU E 38 11.47 -24.49 39.79
CA GLU E 38 10.65 -24.74 39.79
C GLU E 38 10.61 -23.25 39.50
C GLU E 38 10.00 -23.38 39.47
N MET E 39 11.04 -22.39 38.59
N MET E 39 10.74 -22.51 38.79
CA MET E 39 10.32 -21.15 38.20
CA MET E 39 10.22 -21.20 38.30
C MET E 39 9.01 -21.45 37.46
C MET E 39 8.97 -21.44 37.44
N LEU E 40 9.00 -22.40 36.52
CA LEU E 40 7.76 -22.75 35.75
C LEU E 40 6.67 -23.20 36.71
N SER E 41 6.95 -24.20 37.55
CA SER E 41 5.95 -24.70 38.53
C SER E 41 5.44 -23.51 39.34
N ALA E 42 6.34 -22.64 39.79
CA ALA E 42 5.96 -21.45 40.60
C ALA E 42 5.03 -20.55 39.79
N ILE E 43 5.34 -20.31 38.51
CA ILE E 43 4.48 -19.43 37.66
C ILE E 43 3.12 -20.05 37.43
N PHE E 44 3.05 -21.40 37.25
CA PHE E 44 1.76 -22.09 36.98
C PHE E 44 0.83 -21.92 38.20
N ASP E 45 1.41 -21.95 39.41
CA ASP E 45 0.65 -21.74 40.68
C ASP E 45 0.07 -20.31 40.65
N VAL E 46 0.88 -19.31 40.25
CA VAL E 46 0.40 -17.88 40.12
C VAL E 46 -0.69 -17.79 39.07
N ALA E 47 -0.57 -18.52 37.94
CA ALA E 47 -1.61 -18.53 36.91
C ALA E 47 -2.93 -19.06 37.45
N ARG E 48 -2.89 -20.13 38.25
CA ARG E 48 -4.13 -20.70 38.84
C ARG E 48 -4.78 -19.64 39.75
N GLU E 49 -3.99 -18.87 40.52
CA GLU E 49 -4.49 -17.72 41.33
C GLU E 49 -5.15 -16.70 40.41
N MET E 50 -4.51 -16.42 39.27
CA MET E 50 -5.01 -15.41 38.31
C MET E 50 -6.33 -15.88 37.71
N GLU E 51 -6.49 -17.17 37.45
CA GLU E 51 -7.78 -17.76 37.00
C GLU E 51 -8.89 -17.41 38.03
N LYS E 52 -8.58 -17.45 39.33
CA LYS E 52 -9.60 -17.19 40.38
C LYS E 52 -9.96 -15.69 40.33
N ILE E 53 -8.97 -14.81 40.24
CA ILE E 53 -9.20 -13.34 40.11
C ILE E 53 -10.04 -13.08 38.86
N GLU E 54 -9.71 -13.71 37.74
CA GLU E 54 -10.46 -13.46 36.47
C GLU E 54 -11.92 -13.94 36.58
N LYS E 55 -12.22 -15.01 37.33
CA LYS E 55 -13.62 -15.52 37.50
C LYS E 55 -14.38 -14.65 38.52
N SER E 56 -13.69 -13.87 39.37
CA SER E 56 -14.26 -12.99 40.42
C SER E 56 -15.16 -11.91 39.80
N SER E 57 -16.16 -11.43 40.54
CA SER E 57 -17.11 -10.37 40.12
C SER E 57 -16.56 -9.00 40.54
N SER E 58 -15.52 -9.01 41.39
CA SER E 58 -14.83 -7.82 41.95
C SER E 58 -13.62 -7.46 41.06
N GLN E 59 -13.55 -6.23 40.55
CA GLN E 59 -12.39 -5.69 39.75
C GLN E 59 -11.12 -5.70 40.61
N SER E 60 -10.10 -6.45 40.22
CA SER E 60 -8.77 -6.45 40.90
C SER E 60 -8.10 -5.07 40.74
N GLU E 61 -7.26 -4.69 41.69
CA GLU E 61 -6.49 -3.41 41.71
C GLU E 61 -5.02 -3.75 41.89
N ILE E 62 -4.62 -5.00 41.68
CA ILE E 62 -3.21 -5.40 41.96
C ILE E 62 -2.28 -4.48 41.18
N LEU E 63 -2.66 -4.12 39.95
CA LEU E 63 -1.77 -3.31 39.07
C LEU E 63 -2.39 -1.95 38.84
N LYS E 64 -3.19 -1.46 39.80
CA LYS E 64 -3.67 -0.07 39.78
C LYS E 64 -2.46 0.87 39.72
N GLY E 65 -2.53 1.89 38.89
CA GLY E 65 -1.47 2.90 38.73
C GLY E 65 -0.37 2.49 37.76
N TYR E 66 -0.32 1.21 37.32
CA TYR E 66 0.73 0.73 36.38
C TYR E 66 0.24 0.86 34.94
N LEU E 67 1.17 1.20 34.04
CA LEU E 67 0.90 1.48 32.61
C LEU E 67 1.79 0.58 31.75
N MET E 68 1.20 -0.24 30.89
N MET E 68 1.17 -0.26 30.93
CA MET E 68 1.88 -1.15 29.91
CA MET E 68 1.78 -1.08 29.86
C MET E 68 1.82 -0.52 28.52
C MET E 68 1.83 -0.27 28.57
N ALA E 69 2.96 -0.28 27.87
CA ALA E 69 2.99 0.18 26.46
C ALA E 69 3.14 -1.07 25.57
N THR E 70 2.26 -1.25 24.59
CA THR E 70 2.42 -2.32 23.55
C THR E 70 3.10 -1.76 22.32
N LEU E 71 3.92 -2.59 21.68
CA LEU E 71 4.55 -2.23 20.37
C LEU E 71 4.37 -3.44 19.45
N PHE E 72 3.29 -3.46 18.68
CA PHE E 72 3.00 -4.54 17.71
C PHE E 72 3.40 -4.06 16.31
N TYR E 73 4.40 -4.71 15.72
CA TYR E 73 4.90 -4.44 14.35
C TYR E 73 4.39 -5.50 13.36
N GLU E 74 3.74 -6.56 13.84
CA GLU E 74 3.11 -7.63 13.04
C GLU E 74 1.72 -7.87 13.57
N PRO E 75 0.81 -8.46 12.76
CA PRO E 75 -0.54 -8.76 13.20
C PRO E 75 -0.55 -9.75 14.38
N SER E 76 -1.60 -9.62 15.20
CA SER E 76 -1.85 -10.42 16.42
C SER E 76 -3.33 -10.33 16.79
N THR E 77 -3.95 -11.47 17.09
CA THR E 77 -5.21 -11.54 17.85
C THR E 77 -4.90 -11.99 19.28
N ARG E 78 -4.45 -13.22 19.47
CA ARG E 78 -4.38 -13.81 20.82
C ARG E 78 -3.39 -13.01 21.66
N THR E 79 -2.15 -12.80 21.18
CA THR E 79 -1.07 -12.28 22.05
C THR E 79 -1.41 -10.82 22.44
N ARG E 80 -1.74 -10.00 21.45
CA ARG E 80 -2.06 -8.56 21.65
C ARG E 80 -3.21 -8.41 22.63
N LEU E 81 -4.33 -9.06 22.35
CA LEU E 81 -5.57 -8.89 23.17
C LEU E 81 -5.39 -9.51 24.55
N SER E 82 -4.69 -10.65 24.70
CA SER E 82 -4.52 -11.33 25.99
C SER E 82 -3.62 -10.50 26.93
N PHE E 83 -2.57 -9.84 26.43
CA PHE E 83 -1.71 -8.95 27.24
C PHE E 83 -2.52 -7.75 27.75
N GLU E 84 -3.33 -7.18 26.88
CA GLU E 84 -4.10 -5.97 27.21
C GLU E 84 -5.20 -6.35 28.21
N SER E 85 -5.95 -7.42 27.92
CA SER E 85 -6.95 -7.99 28.85
C SER E 85 -6.31 -8.31 30.20
N ALA E 86 -5.18 -8.99 30.21
CA ALA E 86 -4.45 -9.33 31.46
C ALA E 86 -4.19 -8.05 32.25
N MET E 87 -3.73 -6.99 31.60
CA MET E 87 -3.30 -5.77 32.35
C MET E 87 -4.52 -5.14 33.01
N LYS E 88 -5.63 -5.11 32.27
CA LYS E 88 -6.88 -4.42 32.66
C LYS E 88 -7.66 -5.27 33.66
N ARG E 89 -7.68 -6.59 33.50
CA ARG E 89 -8.27 -7.46 34.55
C ARG E 89 -7.54 -7.21 35.88
N LEU E 90 -6.27 -6.79 35.87
CA LEU E 90 -5.50 -6.55 37.12
C LEU E 90 -5.59 -5.07 37.57
N GLY E 91 -6.43 -4.29 36.91
CA GLY E 91 -6.65 -2.86 37.20
C GLY E 91 -5.54 -1.94 36.67
N GLY E 92 -4.68 -2.45 35.79
CA GLY E 92 -3.63 -1.62 35.15
C GLY E 92 -4.17 -0.92 33.93
N GLU E 93 -3.35 -0.04 33.30
CA GLU E 93 -3.74 0.68 32.07
C GLU E 93 -2.81 0.29 30.91
N VAL E 94 -3.25 0.54 29.69
CA VAL E 94 -2.50 0.17 28.45
C VAL E 94 -2.43 1.36 27.49
N LEU E 95 -1.22 1.63 26.98
CA LEU E 95 -0.99 2.53 25.82
C LEU E 95 -0.64 1.67 24.60
N THR E 96 -1.48 1.61 23.60
CA THR E 96 -1.29 0.64 22.49
C THR E 96 -0.59 1.35 21.32
N THR E 97 0.31 0.63 20.65
CA THR E 97 0.84 1.01 19.32
C THR E 97 0.64 -0.24 18.46
N GLU E 98 -0.36 -0.23 17.59
CA GLU E 98 -0.99 -1.45 17.01
C GLU E 98 -0.32 -1.77 15.68
N ASN E 99 0.14 -0.74 14.96
CA ASN E 99 0.98 -0.93 13.75
C ASN E 99 2.14 0.06 13.84
N ALA E 100 3.20 -0.32 14.56
CA ALA E 100 4.34 0.57 14.84
C ALA E 100 5.07 0.88 13.53
N ARG E 101 4.99 -0.05 12.57
CA ARG E 101 5.70 0.05 11.27
C ARG E 101 5.20 1.30 10.50
N GLU E 102 3.88 1.54 10.50
CA GLU E 102 3.18 2.63 9.73
C GLU E 102 2.87 3.86 10.61
N PHE E 103 2.40 3.69 11.86
CA PHE E 103 1.67 4.76 12.63
C PHE E 103 2.50 5.34 13.80
N SER E 104 3.65 4.74 14.13
CA SER E 104 4.68 5.31 15.04
C SER E 104 5.81 5.96 14.20
N SER E 105 6.77 6.62 14.88
CA SER E 105 7.93 7.32 14.26
C SER E 105 9.03 6.34 13.84
N ALA E 106 8.78 5.01 14.01
CA ALA E 106 9.41 3.89 13.25
C ALA E 106 9.18 4.06 11.74
N ALA E 107 8.01 4.59 11.33
CA ALA E 107 7.68 4.97 9.94
C ALA E 107 8.76 5.91 9.34
N LYS E 108 9.49 6.68 10.18
CA LYS E 108 10.48 7.74 9.77
C LYS E 108 11.94 7.32 10.00
N GLY E 109 12.23 6.01 10.20
CA GLY E 109 13.58 5.43 10.30
C GLY E 109 14.10 5.33 11.74
N GLU E 110 13.29 5.65 12.74
CA GLU E 110 13.79 5.62 14.13
C GLU E 110 14.21 4.18 14.49
N THR E 111 15.40 4.04 15.10
CA THR E 111 15.93 2.76 15.65
C THR E 111 15.05 2.20 16.77
N LEU E 112 15.08 0.89 16.95
CA LEU E 112 14.39 0.20 18.08
C LEU E 112 14.81 0.83 19.40
N GLU E 113 16.10 1.01 19.60
CA GLU E 113 16.69 1.52 20.86
C GLU E 113 16.16 2.92 21.20
N ASP E 114 15.95 3.78 20.21
CA ASP E 114 15.37 5.13 20.40
C ASP E 114 13.89 5.00 20.75
N THR E 115 13.17 4.13 20.07
CA THR E 115 11.74 3.92 20.36
C THR E 115 11.63 3.44 21.82
N ILE E 116 12.42 2.46 22.21
CA ILE E 116 12.34 1.91 23.60
C ILE E 116 12.65 3.01 24.62
N ARG E 117 13.76 3.78 24.44
CA ARG E 117 14.20 4.80 25.43
C ARG E 117 13.21 5.97 25.45
N THR E 118 12.45 6.15 24.39
CA THR E 118 11.33 7.12 24.34
C THR E 118 10.12 6.58 25.14
N VAL E 119 9.63 5.39 24.79
CA VAL E 119 8.34 4.81 25.28
C VAL E 119 8.48 4.50 26.79
N GLU E 120 9.67 4.17 27.27
CA GLU E 120 9.82 3.84 28.72
C GLU E 120 9.54 5.11 29.56
N GLY E 121 9.68 6.32 29.00
CA GLY E 121 9.35 7.56 29.71
C GLY E 121 7.87 7.62 30.07
N TYR E 122 7.04 6.89 29.34
CA TYR E 122 5.55 7.00 29.39
C TYR E 122 4.94 5.79 30.09
N SER E 123 5.73 4.80 30.46
CA SER E 123 5.16 3.48 30.83
C SER E 123 6.00 2.77 31.88
N ASP E 124 5.46 1.68 32.41
CA ASP E 124 6.11 0.89 33.48
C ASP E 124 6.55 -0.46 32.93
N ILE E 125 5.98 -0.88 31.81
CA ILE E 125 6.34 -2.20 31.20
C ILE E 125 6.07 -2.10 29.69
N ILE E 126 6.92 -2.72 28.89
CA ILE E 126 6.75 -2.73 27.41
C ILE E 126 6.53 -4.19 27.00
N VAL E 127 5.50 -4.41 26.21
CA VAL E 127 5.23 -5.70 25.51
C VAL E 127 5.41 -5.47 24.01
N MET E 128 6.28 -6.25 23.37
CA MET E 128 6.60 -5.92 21.96
C MET E 128 6.63 -7.20 21.12
N ARG E 129 5.91 -7.18 19.99
CA ARG E 129 6.00 -8.14 18.87
C ARG E 129 6.68 -7.40 17.71
N HIS E 130 7.98 -7.61 17.56
CA HIS E 130 8.78 -6.98 16.49
C HIS E 130 8.70 -7.84 15.23
N PHE E 131 9.18 -7.30 14.10
CA PHE E 131 9.31 -7.99 12.79
C PHE E 131 10.70 -8.58 12.67
N GLU E 132 11.65 -8.13 13.47
CA GLU E 132 13.04 -8.57 13.33
C GLU E 132 13.44 -9.40 14.54
N SER E 133 13.91 -10.61 14.30
CA SER E 133 14.51 -11.49 15.34
C SER E 133 15.62 -10.75 16.09
N GLY E 134 15.67 -10.95 17.41
CA GLY E 134 16.67 -10.28 18.26
C GLY E 134 16.18 -8.97 18.88
N ALA E 135 15.07 -8.40 18.40
CA ALA E 135 14.63 -7.06 18.83
C ALA E 135 14.32 -7.10 20.33
N ALA E 136 13.66 -8.16 20.80
CA ALA E 136 13.14 -8.21 22.19
C ALA E 136 14.29 -8.09 23.16
N ARG E 137 15.38 -8.83 22.94
CA ARG E 137 16.56 -8.81 23.83
C ARG E 137 17.30 -7.46 23.77
N LYS E 138 17.41 -6.84 22.60
CA LYS E 138 17.99 -5.48 22.47
C LYS E 138 17.16 -4.47 23.30
N ALA E 139 15.83 -4.59 23.21
CA ALA E 139 14.87 -3.74 23.95
C ALA E 139 15.05 -3.97 25.47
N ALA E 140 15.15 -5.23 25.91
CA ALA E 140 15.41 -5.53 27.34
C ALA E 140 16.71 -4.87 27.77
N ALA E 141 17.77 -4.96 26.96
CA ALA E 141 19.10 -4.48 27.36
C ALA E 141 19.11 -2.94 27.43
N THR E 142 18.32 -2.27 26.60
CA THR E 142 18.23 -0.78 26.55
C THR E 142 17.34 -0.21 27.65
N ALA E 143 16.21 -0.85 27.92
CA ALA E 143 15.13 -0.33 28.79
C ALA E 143 15.52 -0.51 30.27
N ASN E 144 15.10 0.42 31.12
CA ASN E 144 15.27 0.36 32.59
C ASN E 144 13.95 -0.07 33.25
N ILE E 145 12.97 -0.46 32.44
CA ILE E 145 11.69 -1.06 32.87
C ILE E 145 11.65 -2.44 32.25
N PRO E 146 10.80 -3.32 32.78
CA PRO E 146 10.67 -4.64 32.17
C PRO E 146 10.13 -4.64 30.74
N VAL E 147 10.63 -5.58 29.94
CA VAL E 147 10.16 -5.86 28.56
C VAL E 147 9.65 -7.29 28.49
N ILE E 148 8.52 -7.49 27.82
CA ILE E 148 8.05 -8.87 27.53
C ILE E 148 8.03 -9.03 26.02
N ASN E 149 8.63 -10.12 25.55
CA ASN E 149 8.68 -10.50 24.12
C ASN E 149 7.36 -11.18 23.80
N ALA E 150 6.54 -10.56 22.93
CA ALA E 150 5.23 -11.05 22.46
C ALA E 150 5.35 -11.77 21.10
N GLY E 151 6.55 -12.17 20.71
CA GLY E 151 6.82 -12.78 19.39
C GLY E 151 7.84 -11.98 18.64
N ASP E 152 9.04 -12.53 18.51
CA ASP E 152 10.22 -11.76 18.09
C ASP E 152 10.43 -11.92 16.59
N GLY E 153 9.46 -11.51 15.79
CA GLY E 153 9.42 -11.80 14.34
C GLY E 153 9.53 -13.29 14.10
N PRO E 154 10.49 -13.76 13.28
CA PRO E 154 10.67 -15.20 13.05
C PRO E 154 11.37 -15.89 14.21
N GLY E 155 11.65 -15.15 15.27
CA GLY E 155 12.27 -15.71 16.46
C GLY E 155 11.19 -16.30 17.34
N GLU E 156 11.47 -16.30 18.61
CA GLU E 156 10.68 -17.04 19.60
C GLU E 156 9.66 -16.15 20.30
N HIS E 157 8.78 -16.87 20.99
CA HIS E 157 7.48 -16.44 21.55
C HIS E 157 7.38 -17.07 22.95
N PRO E 158 8.17 -16.59 23.93
CA PRO E 158 8.35 -17.30 25.21
C PRO E 158 7.04 -17.48 25.95
N THR E 159 6.14 -16.52 25.85
CA THR E 159 4.87 -16.57 26.61
C THR E 159 3.97 -17.59 25.94
N GLN E 160 4.15 -17.87 24.64
CA GLN E 160 3.39 -18.98 24.00
C GLN E 160 3.91 -20.30 24.56
N ALA E 161 5.23 -20.41 24.71
CA ALA E 161 5.86 -21.63 25.23
C ALA E 161 5.36 -21.84 26.67
N LEU E 162 5.39 -20.76 27.49
CA LEU E 162 4.87 -20.82 28.89
C LEU E 162 3.43 -21.30 28.90
N LEU E 163 2.53 -20.69 28.14
CA LEU E 163 1.12 -21.07 28.17
C LEU E 163 0.93 -22.51 27.67
N ASP E 164 1.77 -22.95 26.75
CA ASP E 164 1.66 -24.32 26.20
C ASP E 164 1.93 -25.34 27.34
N VAL E 165 3.03 -25.18 28.05
CA VAL E 165 3.50 -26.07 29.12
C VAL E 165 2.46 -26.00 30.25
N TYR E 166 1.99 -24.79 30.57
CA TYR E 166 0.91 -24.59 31.57
C TYR E 166 -0.29 -25.41 31.15
N THR E 167 -0.69 -25.31 29.88
CA THR E 167 -1.93 -25.95 29.34
C THR E 167 -1.80 -27.48 29.42
N ILE E 168 -0.61 -28.04 29.20
CA ILE E 168 -0.38 -29.50 29.36
C ILE E 168 -0.51 -29.86 30.87
N GLN E 169 0.14 -29.12 31.75
CA GLN E 169 0.10 -29.40 33.22
C GLN E 169 -1.36 -29.41 33.67
N SER E 170 -2.15 -28.49 33.13
CA SER E 170 -3.54 -28.23 33.51
C SER E 170 -4.47 -29.31 32.94
N GLU E 171 -4.19 -29.82 31.73
CA GLU E 171 -5.16 -30.66 30.98
C GLU E 171 -4.88 -32.14 31.28
N ILE E 172 -3.62 -32.49 31.47
CA ILE E 172 -3.13 -33.87 31.70
C ILE E 172 -2.88 -34.06 33.20
N GLY E 173 -2.56 -32.99 33.95
CA GLY E 173 -2.41 -33.00 35.41
C GLY E 173 -0.99 -33.28 35.83
N LYS E 174 -0.09 -33.58 34.90
CA LYS E 174 1.36 -33.72 35.17
C LYS E 174 2.17 -33.26 33.95
N LEU E 175 3.48 -33.13 34.15
CA LEU E 175 4.50 -32.88 33.09
C LEU E 175 5.60 -33.95 33.13
N ASP E 176 5.98 -34.45 34.33
CA ASP E 176 6.85 -35.65 34.45
C ASP E 176 6.13 -36.81 33.79
N GLY E 177 6.85 -37.60 33.00
CA GLY E 177 6.33 -38.88 32.48
C GLY E 177 5.25 -38.74 31.41
N ILE E 178 5.13 -37.62 30.70
CA ILE E 178 4.09 -37.49 29.64
C ILE E 178 4.71 -37.74 28.27
N SER E 179 3.83 -38.08 27.34
CA SER E 179 4.12 -38.33 25.92
C SER E 179 3.57 -37.16 25.11
N VAL E 180 4.44 -36.45 24.37
CA VAL E 180 3.94 -35.31 23.55
C VAL E 180 4.36 -35.52 22.09
N ALA E 181 3.42 -35.41 21.18
CA ALA E 181 3.68 -35.39 19.73
C ALA E 181 3.72 -33.94 19.27
N LEU E 182 4.86 -33.53 18.71
CA LEU E 182 5.01 -32.20 18.06
C LEU E 182 4.88 -32.43 16.55
N VAL E 183 3.86 -31.84 15.96
CA VAL E 183 3.42 -32.17 14.59
C VAL E 183 3.55 -30.93 13.70
N GLY E 184 4.11 -31.13 12.52
CA GLY E 184 4.06 -30.14 11.44
C GLY E 184 5.43 -29.75 10.93
N ASP E 185 5.58 -28.45 10.70
CA ASP E 185 6.88 -27.90 10.23
C ASP E 185 7.83 -27.86 11.43
N LEU E 186 8.60 -28.90 11.65
CA LEU E 186 9.50 -29.00 12.82
C LEU E 186 10.79 -28.29 12.46
N ALA E 187 11.25 -28.33 11.21
CA ALA E 187 12.56 -27.75 10.82
C ALA E 187 12.60 -26.25 11.15
N ASN E 188 11.57 -25.48 10.81
N ASN E 188 11.47 -25.61 10.87
CA ASN E 188 11.58 -24.01 11.02
CA ASN E 188 11.28 -24.16 10.67
C ASN E 188 10.38 -23.62 11.88
C ASN E 188 10.34 -23.66 11.79
N GLY E 189 10.02 -24.52 12.77
CA GLY E 189 8.88 -24.32 13.67
C GLY E 189 9.31 -23.71 15.01
N ARG E 190 9.13 -22.40 15.19
CA ARG E 190 9.64 -21.78 16.45
C ARG E 190 8.78 -22.26 17.64
N THR E 191 7.45 -22.44 17.53
CA THR E 191 6.63 -22.82 18.71
C THR E 191 6.95 -24.25 19.10
N VAL E 192 7.16 -25.17 18.15
CA VAL E 192 7.41 -26.59 18.56
C VAL E 192 8.83 -26.67 19.13
N ARG E 193 9.78 -25.91 18.60
CA ARG E 193 11.16 -25.93 19.14
C ARG E 193 11.13 -25.40 20.60
N SER E 194 10.44 -24.31 20.86
CA SER E 194 10.41 -23.68 22.23
C SER E 194 9.67 -24.60 23.21
N LEU E 195 8.59 -25.27 22.80
CA LEU E 195 7.85 -26.26 23.64
C LEU E 195 8.75 -27.43 24.01
N ALA E 196 9.46 -28.00 23.05
CA ALA E 196 10.46 -29.07 23.30
C ALA E 196 11.47 -28.58 24.33
N TYR E 197 11.94 -27.35 24.17
CA TYR E 197 12.97 -26.74 25.05
C TYR E 197 12.48 -26.78 26.50
N LEU E 198 11.27 -26.33 26.78
CA LEU E 198 10.76 -26.24 28.19
C LEU E 198 10.39 -27.65 28.69
N LEU E 199 9.82 -28.52 27.85
CA LEU E 199 9.42 -29.88 28.31
C LEU E 199 10.67 -30.60 28.81
N ALA E 200 11.84 -30.36 28.20
CA ALA E 200 13.08 -31.08 28.54
C ALA E 200 13.54 -30.75 29.97
N LYS E 201 12.93 -29.77 30.62
CA LYS E 201 13.30 -29.39 32.02
C LYS E 201 12.62 -30.33 33.01
N PHE E 202 11.68 -31.16 32.55
CA PHE E 202 10.94 -32.16 33.35
C PHE E 202 11.56 -33.55 33.13
N LYS E 203 11.04 -34.56 33.83
CA LYS E 203 11.67 -35.92 33.85
C LYS E 203 10.80 -36.92 33.11
N ASP E 204 11.44 -37.91 32.48
CA ASP E 204 10.76 -39.06 31.82
C ASP E 204 9.76 -38.52 30.79
N VAL E 205 10.10 -37.43 30.11
CA VAL E 205 9.23 -36.97 28.98
C VAL E 205 9.71 -37.71 27.74
N LYS E 206 8.74 -38.16 26.95
CA LYS E 206 8.98 -38.70 25.61
C LYS E 206 8.42 -37.67 24.60
N ILE E 207 9.23 -37.34 23.62
CA ILE E 207 8.74 -36.47 22.51
C ILE E 207 8.74 -37.26 21.20
N TYR E 208 7.60 -37.23 20.50
CA TYR E 208 7.45 -37.74 19.12
C TYR E 208 7.50 -36.55 18.14
N PHE E 209 8.41 -36.60 17.18
CA PHE E 209 8.58 -35.56 16.13
C PHE E 209 7.86 -36.11 14.91
N VAL E 210 6.66 -35.63 14.65
CA VAL E 210 5.80 -36.12 13.54
C VAL E 210 5.82 -35.11 12.40
N SER E 211 6.44 -35.46 11.30
CA SER E 211 6.50 -34.54 10.14
C SER E 211 6.84 -35.34 8.89
N PRO E 212 6.66 -34.72 7.71
CA PRO E 212 7.42 -35.12 6.54
C PRO E 212 8.92 -35.13 6.89
N GLU E 213 9.67 -36.09 6.37
CA GLU E 213 11.12 -36.21 6.65
C GLU E 213 11.85 -34.93 6.20
N ILE E 214 11.39 -34.28 5.15
CA ILE E 214 12.14 -33.11 4.59
C ILE E 214 12.02 -31.89 5.50
N VAL E 215 11.07 -31.86 6.44
CA VAL E 215 10.94 -30.75 7.43
C VAL E 215 11.08 -31.32 8.87
N LYS E 216 11.95 -32.32 9.02
CA LYS E 216 12.25 -32.93 10.35
C LYS E 216 12.92 -31.90 11.27
N MET E 217 12.83 -32.13 12.57
CA MET E 217 13.43 -31.24 13.58
C MET E 217 14.95 -31.16 13.37
N LYS E 218 15.53 -29.97 13.55
CA LYS E 218 16.99 -29.75 13.42
C LYS E 218 17.75 -30.41 14.57
N ASP E 219 19.02 -30.61 14.30
CA ASP E 219 19.96 -31.41 15.12
C ASP E 219 20.24 -30.69 16.43
N ASP E 220 20.10 -29.36 16.49
CA ASP E 220 20.39 -28.57 17.72
C ASP E 220 19.39 -28.96 18.80
N ILE E 221 18.11 -29.00 18.47
CA ILE E 221 17.06 -29.42 19.41
C ILE E 221 17.20 -30.92 19.74
N LYS E 222 17.52 -31.77 18.77
CA LYS E 222 17.70 -33.22 19.03
C LYS E 222 18.81 -33.42 20.05
N ASP E 223 19.97 -32.80 19.80
CA ASP E 223 21.18 -32.92 20.65
C ASP E 223 20.82 -32.42 22.05
N TYR E 224 20.06 -31.35 22.13
CA TYR E 224 19.63 -30.74 23.40
C TYR E 224 18.73 -31.71 24.17
N LEU E 225 17.75 -32.30 23.50
CA LEU E 225 16.84 -33.27 24.16
C LEU E 225 17.69 -34.46 24.63
N THR E 226 18.54 -35.02 23.79
CA THR E 226 19.38 -36.17 24.21
C THR E 226 20.19 -35.80 25.47
N SER E 227 20.93 -34.69 25.47
CA SER E 227 21.76 -34.16 26.59
C SER E 227 20.90 -33.84 27.81
N SER E 228 19.59 -33.60 27.61
CA SER E 228 18.61 -33.39 28.69
C SER E 228 18.05 -34.71 29.20
N GLY E 229 18.47 -35.85 28.67
CA GLY E 229 17.88 -37.17 29.02
C GLY E 229 16.41 -37.25 28.65
N VAL E 230 15.99 -36.62 27.56
CA VAL E 230 14.62 -36.76 27.00
C VAL E 230 14.67 -37.79 25.88
N GLU E 231 13.77 -38.77 25.93
CA GLU E 231 13.62 -39.77 24.86
C GLU E 231 12.89 -39.08 23.70
N TRP E 232 13.35 -39.25 22.48
CA TRP E 232 12.59 -38.71 21.31
C TRP E 232 12.59 -39.75 20.19
N GLU E 233 11.53 -39.73 19.40
CA GLU E 233 11.43 -40.58 18.19
C GLU E 233 10.88 -39.72 17.03
N GLU E 234 11.35 -39.97 15.81
CA GLU E 234 10.81 -39.33 14.60
C GLU E 234 9.85 -40.27 13.89
N SER E 235 8.79 -39.72 13.32
CA SER E 235 7.78 -40.50 12.57
C SER E 235 7.11 -39.60 11.52
N SER E 236 6.71 -40.18 10.38
N SER E 236 6.70 -40.18 10.40
CA SER E 236 5.80 -39.58 9.39
CA SER E 236 5.79 -39.56 9.40
C SER E 236 4.39 -40.18 9.53
C SER E 236 4.41 -40.22 9.51
N ASP E 237 4.17 -40.96 10.60
CA ASP E 237 2.90 -41.72 10.80
C ASP E 237 2.10 -41.14 11.97
N LEU E 238 1.32 -40.09 11.71
CA LEU E 238 0.53 -39.37 12.75
C LEU E 238 -0.50 -40.32 13.42
N MET E 239 -1.20 -41.17 12.64
CA MET E 239 -2.20 -42.14 13.20
C MET E 239 -1.52 -43.06 14.23
N GLU E 240 -0.37 -43.64 13.91
CA GLU E 240 0.36 -44.54 14.86
C GLU E 240 0.82 -43.77 16.10
N VAL E 241 1.34 -42.55 15.94
CA VAL E 241 1.89 -41.78 17.11
C VAL E 241 0.75 -41.32 18.03
N ALA E 242 -0.31 -40.76 17.45
CA ALA E 242 -1.40 -40.09 18.20
C ALA E 242 -2.03 -41.07 19.20
N SER E 243 -2.01 -42.38 18.89
CA SER E 243 -2.60 -43.44 19.74
C SER E 243 -1.83 -43.58 21.06
N LYS E 244 -0.57 -43.19 21.12
CA LYS E 244 0.31 -43.46 22.28
C LYS E 244 0.65 -42.18 23.06
N CYS E 245 0.02 -41.05 22.77
CA CYS E 245 0.42 -39.72 23.30
C CYS E 245 -0.64 -39.13 24.22
N ASP E 246 -0.19 -38.42 25.24
CA ASP E 246 -1.07 -37.56 26.09
C ASP E 246 -1.48 -36.32 25.31
N VAL E 247 -0.56 -35.79 24.49
CA VAL E 247 -0.72 -34.47 23.82
C VAL E 247 -0.34 -34.61 22.34
N VAL E 248 -1.23 -34.23 21.46
CA VAL E 248 -0.92 -33.92 20.04
C VAL E 248 -0.98 -32.39 19.86
N TYR E 249 0.19 -31.82 19.68
CA TYR E 249 0.43 -30.37 19.46
C TYR E 249 0.63 -30.14 17.95
N GLN E 250 -0.40 -29.60 17.31
CA GLN E 250 -0.48 -29.45 15.84
C GLN E 250 0.00 -28.06 15.43
N THR E 251 0.64 -27.97 14.26
CA THR E 251 1.06 -26.70 13.62
C THR E 251 0.93 -26.90 12.11
N ARG E 252 0.80 -25.78 11.39
N ARG E 252 0.81 -25.79 11.37
CA ARG E 252 0.74 -25.76 9.90
CA ARG E 252 0.65 -25.82 9.90
C ARG E 252 2.08 -26.21 9.32
C ARG E 252 1.99 -26.04 9.21
N ILE E 253 2.01 -26.82 8.13
CA ILE E 253 3.15 -26.90 7.20
C ILE E 253 2.82 -25.99 6.01
N GLN E 254 3.43 -24.85 5.91
CA GLN E 254 3.23 -23.96 4.74
C GLN E 254 3.72 -24.69 3.49
N ARG E 255 2.99 -24.62 2.39
CA ARG E 255 3.43 -25.22 1.09
C ARG E 255 4.86 -24.79 0.72
N GLU E 256 5.23 -23.54 1.00
N GLU E 256 5.21 -23.53 0.99
CA GLU E 256 6.55 -22.94 0.66
CA GLU E 256 6.52 -22.92 0.70
C GLU E 256 7.68 -23.73 1.31
C GLU E 256 7.67 -23.74 1.30
N ARG E 257 7.46 -24.39 2.44
CA ARG E 257 8.52 -25.20 3.11
C ARG E 257 9.00 -26.37 2.23
N PHE E 258 8.22 -26.79 1.25
CA PHE E 258 8.62 -27.89 0.33
C PHE E 258 9.43 -27.35 -0.86
N GLY E 259 9.44 -26.04 -1.08
CA GLY E 259 10.25 -25.47 -2.18
C GLY E 259 9.79 -26.05 -3.51
N GLU E 260 10.75 -26.57 -4.25
CA GLU E 260 10.57 -27.17 -5.60
C GLU E 260 10.20 -28.63 -5.47
N ARG E 261 10.18 -29.19 -4.24
CA ARG E 261 9.86 -30.61 -4.04
C ARG E 261 8.36 -30.76 -3.96
N LEU E 262 7.65 -30.54 -5.07
CA LEU E 262 6.19 -30.72 -5.11
C LEU E 262 5.84 -32.19 -4.91
N ASP E 263 6.72 -33.11 -5.32
CA ASP E 263 6.54 -34.55 -5.06
C ASP E 263 6.39 -34.79 -3.55
N LEU E 264 7.19 -34.11 -2.71
CA LEU E 264 7.16 -34.33 -1.24
C LEU E 264 5.92 -33.67 -0.65
N TYR E 265 5.55 -32.53 -1.22
CA TYR E 265 4.29 -31.86 -0.87
C TYR E 265 3.13 -32.81 -1.15
N GLU E 266 3.07 -33.41 -2.35
CA GLU E 266 1.98 -34.36 -2.71
C GLU E 266 1.98 -35.56 -1.78
N ALA E 267 3.14 -36.14 -1.47
CA ALA E 267 3.23 -37.32 -0.60
C ALA E 267 2.69 -36.97 0.79
N ALA E 268 2.74 -35.70 1.21
CA ALA E 268 2.35 -35.31 2.59
C ALA E 268 0.86 -34.96 2.66
N ARG E 269 0.20 -34.74 1.52
CA ARG E 269 -1.21 -34.29 1.41
C ARG E 269 -2.10 -35.23 2.21
N GLY E 270 -2.85 -34.71 3.17
CA GLY E 270 -3.84 -35.47 3.96
C GLY E 270 -3.23 -36.33 5.06
N LYS E 271 -1.90 -36.29 5.29
CA LYS E 271 -1.24 -37.22 6.22
C LYS E 271 -0.89 -36.54 7.56
N PHE E 272 -1.08 -35.22 7.69
CA PHE E 272 -0.67 -34.43 8.89
C PHE E 272 -1.85 -33.57 9.33
N ILE E 273 -3.06 -34.13 9.23
CA ILE E 273 -4.34 -33.44 9.55
C ILE E 273 -4.92 -34.02 10.84
N VAL E 274 -5.35 -33.16 11.76
CA VAL E 274 -6.15 -33.57 12.95
C VAL E 274 -7.61 -33.56 12.53
N ASP E 275 -8.21 -34.75 12.40
CA ASP E 275 -9.63 -34.92 11.98
C ASP E 275 -10.30 -35.96 12.90
N LYS E 276 -11.59 -36.27 12.68
CA LYS E 276 -12.38 -37.19 13.57
C LYS E 276 -11.74 -38.59 13.58
N ASP E 277 -11.15 -39.00 12.46
CA ASP E 277 -10.48 -40.32 12.34
C ASP E 277 -9.25 -40.33 13.27
N LEU E 278 -8.49 -39.23 13.39
CA LEU E 278 -7.32 -39.24 14.31
C LEU E 278 -7.84 -39.29 15.75
N LEU E 279 -8.86 -38.50 16.05
CA LEU E 279 -9.42 -38.45 17.43
C LEU E 279 -9.89 -39.87 17.78
N GLY E 280 -10.48 -40.58 16.80
CA GLY E 280 -10.88 -41.99 16.81
C GLY E 280 -9.85 -42.92 17.39
N VAL E 281 -8.54 -42.71 17.20
CA VAL E 281 -7.50 -43.68 17.67
C VAL E 281 -6.83 -43.17 18.96
N MET E 282 -7.21 -41.99 19.43
CA MET E 282 -6.50 -41.33 20.55
C MET E 282 -7.12 -41.79 21.86
N GLN E 283 -6.33 -41.86 22.93
CA GLN E 283 -6.78 -42.24 24.28
C GLN E 283 -7.84 -41.23 24.76
N LYS E 284 -8.65 -41.60 25.76
CA LYS E 284 -9.80 -40.78 26.22
C LYS E 284 -9.29 -39.49 26.86
N LYS E 285 -8.17 -39.54 27.59
CA LYS E 285 -7.64 -38.41 28.39
C LYS E 285 -6.50 -37.66 27.65
N ALA E 286 -6.35 -37.88 26.34
CA ALA E 286 -5.34 -37.16 25.52
C ALA E 286 -5.99 -35.85 25.03
N ILE E 287 -5.18 -34.90 24.54
CA ILE E 287 -5.65 -33.56 24.07
C ILE E 287 -4.99 -33.21 22.74
N ILE E 288 -5.73 -32.42 21.97
CA ILE E 288 -5.29 -31.64 20.76
C ILE E 288 -4.98 -30.21 21.21
N MET E 289 -3.76 -29.77 20.96
CA MET E 289 -3.32 -28.38 21.16
C MET E 289 -2.89 -27.80 19.80
N HIS E 290 -2.98 -26.48 19.68
CA HIS E 290 -2.55 -25.72 18.47
C HIS E 290 -2.32 -24.28 18.94
N PRO E 291 -1.17 -23.64 18.71
CA PRO E 291 -1.00 -22.26 19.18
C PRO E 291 -1.95 -21.24 18.54
N LEU E 292 -2.52 -21.58 17.37
CA LEU E 292 -3.47 -20.78 16.55
C LEU E 292 -2.76 -19.56 15.94
N PRO E 293 -3.24 -18.97 14.81
CA PRO E 293 -4.45 -19.43 14.12
C PRO E 293 -4.23 -20.75 13.38
N ARG E 294 -5.32 -21.49 13.17
CA ARG E 294 -5.34 -22.75 12.37
C ARG E 294 -6.03 -22.44 11.06
N LEU E 295 -5.69 -23.18 10.00
CA LEU E 295 -6.47 -23.19 8.75
C LEU E 295 -7.20 -24.54 8.66
N ASP E 296 -6.74 -25.49 7.83
CA ASP E 296 -7.48 -26.75 7.54
C ASP E 296 -6.79 -27.91 8.26
N GLU E 297 -5.68 -27.66 8.97
CA GLU E 297 -4.86 -28.72 9.58
C GLU E 297 -5.53 -29.29 10.85
N ILE E 298 -6.56 -28.64 11.37
CA ILE E 298 -7.51 -29.23 12.36
C ILE E 298 -8.93 -28.98 11.81
N THR E 299 -9.68 -30.04 11.49
CA THR E 299 -11.03 -29.90 10.86
C THR E 299 -11.98 -29.35 11.91
N ALA E 300 -12.92 -28.50 11.49
CA ALA E 300 -13.92 -27.83 12.36
C ALA E 300 -14.63 -28.88 13.24
N ASP E 301 -14.95 -30.05 12.70
CA ASP E 301 -15.79 -31.02 13.44
C ASP E 301 -14.99 -31.64 14.61
N VAL E 302 -13.68 -31.37 14.75
CA VAL E 302 -12.90 -31.84 15.93
C VAL E 302 -13.29 -30.97 17.14
N ASP E 303 -13.75 -29.73 16.90
CA ASP E 303 -13.93 -28.71 17.97
C ASP E 303 -14.91 -29.21 19.04
N ALA E 304 -15.92 -30.01 18.69
CA ALA E 304 -16.97 -30.48 19.61
C ALA E 304 -16.39 -31.50 20.60
N ASP E 305 -15.33 -32.21 20.23
CA ASP E 305 -14.70 -33.23 21.12
C ASP E 305 -14.12 -32.50 22.33
N PRO E 306 -14.37 -33.00 23.55
CA PRO E 306 -13.77 -32.39 24.74
C PRO E 306 -12.24 -32.43 24.81
N ARG E 307 -11.57 -33.28 24.03
CA ARG E 307 -10.06 -33.34 23.99
C ARG E 307 -9.49 -32.21 23.11
N ALA E 308 -10.33 -31.51 22.34
CA ALA E 308 -10.01 -30.29 21.57
C ALA E 308 -9.72 -29.13 22.53
N ALA E 309 -8.45 -28.98 22.92
CA ALA E 309 -7.98 -28.11 24.03
C ALA E 309 -7.49 -26.75 23.53
N TYR E 310 -7.51 -26.44 22.22
CA TYR E 310 -6.83 -25.25 21.63
C TYR E 310 -7.49 -23.93 22.07
N PHE E 311 -8.80 -23.90 22.30
CA PHE E 311 -9.47 -22.64 22.74
C PHE E 311 -9.28 -22.45 24.25
N ARG E 312 -9.17 -23.54 25.01
CA ARG E 312 -8.81 -23.46 26.46
C ARG E 312 -7.35 -23.03 26.58
N GLN E 313 -6.47 -23.56 25.73
CA GLN E 313 -5.05 -23.15 25.62
C GLN E 313 -4.97 -21.62 25.52
N ALA E 314 -5.70 -21.05 24.56
CA ALA E 314 -5.70 -19.60 24.26
C ALA E 314 -6.17 -18.86 25.52
N LYS E 315 -7.26 -19.31 26.13
CA LYS E 315 -7.74 -18.72 27.41
C LYS E 315 -6.62 -18.79 28.45
N ASN E 316 -5.89 -19.91 28.59
CA ASN E 316 -4.80 -20.03 29.58
C ASN E 316 -3.71 -18.97 29.34
N GLY E 317 -3.58 -18.46 28.09
CA GLY E 317 -2.71 -17.29 27.81
C GLY E 317 -3.01 -16.09 28.72
N LEU E 318 -4.28 -15.82 28.97
CA LEU E 318 -4.75 -14.68 29.81
C LEU E 318 -4.17 -14.85 31.21
N PHE E 319 -4.30 -16.06 31.77
CA PHE E 319 -3.87 -16.35 33.15
C PHE E 319 -2.34 -16.26 33.22
N ILE E 320 -1.62 -16.75 32.21
CA ILE E 320 -0.15 -16.76 32.25
C ILE E 320 0.37 -15.33 32.15
N ARG E 321 -0.23 -14.56 31.28
CA ARG E 321 0.18 -13.15 31.02
C ARG E 321 -0.16 -12.27 32.25
N MET E 322 -1.33 -12.48 32.85
N MET E 322 -1.32 -12.44 32.87
CA MET E 322 -1.71 -11.87 34.15
CA MET E 322 -1.60 -11.78 34.18
C MET E 322 -0.61 -12.14 35.18
C MET E 322 -0.48 -12.12 35.15
N ALA E 323 -0.21 -13.42 35.32
CA ALA E 323 0.86 -13.88 36.22
C ALA E 323 2.15 -13.15 35.91
N LEU E 324 2.57 -13.00 34.64
CA LEU E 324 3.91 -12.44 34.38
C LEU E 324 3.87 -10.92 34.68
N LEU E 325 2.80 -10.24 34.31
CA LEU E 325 2.69 -8.78 34.52
C LEU E 325 2.80 -8.55 36.04
N LYS E 326 2.08 -9.35 36.81
CA LYS E 326 2.01 -9.17 38.27
C LYS E 326 3.42 -9.39 38.80
N LEU E 327 4.09 -10.48 38.40
CA LEU E 327 5.42 -10.78 38.95
C LEU E 327 6.41 -9.69 38.58
N LEU E 328 6.42 -9.23 37.33
CA LEU E 328 7.47 -8.25 36.91
C LEU E 328 7.26 -6.90 37.61
N LEU E 329 6.01 -6.53 37.92
CA LEU E 329 5.67 -5.17 38.40
C LEU E 329 5.61 -5.14 39.94
N VAL E 330 5.06 -6.15 40.60
CA VAL E 330 4.90 -6.13 42.10
C VAL E 330 5.52 -7.35 42.77
N GLY E 331 6.07 -8.30 42.04
CA GLY E 331 6.79 -9.43 42.63
C GLY E 331 5.87 -10.52 43.13
N TRP E 332 6.46 -11.48 43.83
CA TRP E 332 5.75 -12.69 44.30
C TRP E 332 4.81 -12.33 45.46
N HIS F 22 -35.41 -7.79 35.43
CA HIS F 22 -33.94 -8.00 35.58
C HIS F 22 -33.34 -8.24 34.17
N MET F 23 -32.86 -9.44 33.86
CA MET F 23 -32.10 -9.75 32.60
C MET F 23 -32.82 -9.21 31.36
N PHE F 24 -32.06 -8.68 30.41
CA PHE F 24 -32.52 -8.15 29.10
C PHE F 24 -33.02 -9.32 28.23
N GLU F 25 -34.06 -9.07 27.43
CA GLU F 25 -34.79 -10.08 26.63
C GLU F 25 -33.94 -10.47 25.42
N LEU F 26 -33.02 -9.60 25.01
CA LEU F 26 -32.05 -9.90 23.92
C LEU F 26 -30.77 -10.45 24.54
N SER F 27 -30.16 -11.45 23.87
CA SER F 27 -28.83 -11.98 24.23
C SER F 27 -27.77 -11.28 23.36
N ASP F 28 -28.20 -10.66 22.25
CA ASP F 28 -27.34 -10.04 21.21
C ASP F 28 -28.16 -8.96 20.52
N VAL F 29 -27.51 -7.93 19.98
CA VAL F 29 -28.19 -6.91 19.13
C VAL F 29 -27.65 -7.00 17.70
N ILE F 30 -28.47 -7.58 16.82
CA ILE F 30 -28.03 -8.07 15.47
C ILE F 30 -28.91 -7.48 14.39
N GLU F 31 -30.23 -7.44 14.56
CA GLU F 31 -31.11 -6.97 13.45
C GLU F 31 -32.38 -6.33 14.01
N GLY F 32 -32.96 -5.42 13.24
CA GLY F 32 -34.14 -4.63 13.60
C GLY F 32 -35.32 -5.51 14.00
N LYS F 33 -35.46 -6.70 13.41
CA LYS F 33 -36.65 -7.56 13.65
C LYS F 33 -36.62 -8.13 15.09
N GLN F 34 -35.52 -7.99 15.82
CA GLN F 34 -35.49 -8.41 17.26
C GLN F 34 -36.36 -7.47 18.12
N PHE F 35 -36.82 -6.34 17.57
CA PHE F 35 -37.37 -5.18 18.33
C PHE F 35 -38.86 -4.99 18.01
N ASP F 36 -39.70 -5.05 19.05
CA ASP F 36 -41.13 -4.60 18.98
C ASP F 36 -41.23 -3.19 19.57
N ARG F 37 -42.38 -2.55 19.40
CA ARG F 37 -42.56 -1.12 19.78
C ARG F 37 -42.44 -0.97 21.30
N GLU F 38 -42.80 -1.98 22.11
CA GLU F 38 -42.64 -1.94 23.59
C GLU F 38 -41.15 -1.98 23.97
N MET F 39 -40.33 -2.77 23.27
CA MET F 39 -38.88 -2.89 23.56
C MET F 39 -38.19 -1.57 23.22
N LEU F 40 -38.54 -0.99 22.07
CA LEU F 40 -38.00 0.30 21.58
C LEU F 40 -38.28 1.38 22.64
N SER F 41 -39.53 1.48 23.08
CA SER F 41 -39.95 2.49 24.08
C SER F 41 -39.14 2.33 25.34
N ALA F 42 -38.97 1.10 25.85
CA ALA F 42 -38.22 0.81 27.10
C ALA F 42 -36.75 1.19 26.92
N ILE F 43 -36.17 0.84 25.78
CA ILE F 43 -34.74 1.17 25.49
C ILE F 43 -34.54 2.70 25.47
N PHE F 44 -35.44 3.44 24.85
CA PHE F 44 -35.44 4.91 24.73
C PHE F 44 -35.47 5.59 26.11
N ASP F 45 -36.21 5.02 27.06
CA ASP F 45 -36.21 5.54 28.46
C ASP F 45 -34.85 5.22 29.12
N VAL F 46 -34.25 4.07 28.81
CA VAL F 46 -32.90 3.79 29.34
C VAL F 46 -31.92 4.83 28.74
N ALA F 47 -32.08 5.18 27.48
CA ALA F 47 -31.17 6.13 26.79
C ALA F 47 -31.25 7.46 27.53
N ARG F 48 -32.47 7.85 27.91
CA ARG F 48 -32.70 9.10 28.69
C ARG F 48 -31.98 9.05 30.05
N GLU F 49 -31.92 7.89 30.73
CA GLU F 49 -31.16 7.72 32.00
C GLU F 49 -29.65 7.80 31.73
N MET F 50 -29.20 7.24 30.60
CA MET F 50 -27.77 7.31 30.21
C MET F 50 -27.40 8.77 29.90
N GLU F 51 -28.27 9.55 29.26
CA GLU F 51 -28.02 10.99 29.01
C GLU F 51 -27.80 11.73 30.35
N LYS F 52 -28.60 11.43 31.38
CA LYS F 52 -28.41 11.99 32.74
C LYS F 52 -27.05 11.59 33.29
N ILE F 53 -26.64 10.31 33.16
CA ILE F 53 -25.31 9.84 33.65
C ILE F 53 -24.23 10.61 32.90
N GLU F 54 -24.41 10.86 31.60
CA GLU F 54 -23.33 11.46 30.78
C GLU F 54 -23.15 12.94 31.16
N LYS F 55 -24.22 13.63 31.56
CA LYS F 55 -24.16 15.08 31.91
C LYS F 55 -23.60 15.22 33.32
N SER F 56 -23.75 14.19 34.14
CA SER F 56 -23.30 14.14 35.54
C SER F 56 -21.79 14.40 35.63
N SER F 57 -21.36 14.92 36.77
CA SER F 57 -19.95 15.29 37.09
C SER F 57 -19.19 14.09 37.64
N SER F 58 -19.87 13.16 38.33
CA SER F 58 -19.26 11.93 38.89
C SER F 58 -19.11 10.87 37.79
N GLN F 59 -18.08 10.03 37.90
CA GLN F 59 -17.80 8.93 36.95
C GLN F 59 -18.66 7.73 37.34
N SER F 60 -19.51 7.25 36.43
CA SER F 60 -20.37 6.05 36.61
C SER F 60 -19.48 4.82 36.72
N GLU F 61 -19.92 3.86 37.53
CA GLU F 61 -19.21 2.60 37.80
C GLU F 61 -20.16 1.43 37.49
N ILE F 62 -21.19 1.68 36.70
CA ILE F 62 -22.21 0.65 36.37
C ILE F 62 -21.53 -0.54 35.67
N LEU F 63 -20.58 -0.27 34.77
CA LEU F 63 -19.90 -1.35 34.00
C LEU F 63 -18.44 -1.52 34.44
N LYS F 64 -18.11 -1.10 35.67
CA LYS F 64 -16.77 -1.34 36.27
C LYS F 64 -16.53 -2.86 36.25
N GLY F 65 -15.36 -3.27 35.77
CA GLY F 65 -14.95 -4.68 35.71
C GLY F 65 -15.33 -5.35 34.40
N TYR F 66 -16.16 -4.74 33.56
CA TYR F 66 -16.56 -5.33 32.26
C TYR F 66 -15.61 -4.85 31.16
N LEU F 67 -15.22 -5.78 30.28
CA LEU F 67 -14.32 -5.52 29.12
C LEU F 67 -15.14 -5.73 27.86
N MET F 68 -15.08 -4.77 26.94
N MET F 68 -15.22 -4.71 27.01
CA MET F 68 -15.72 -4.80 25.62
CA MET F 68 -15.70 -4.79 25.61
C MET F 68 -14.65 -4.86 24.51
C MET F 68 -14.49 -5.07 24.72
N ALA F 69 -14.68 -5.90 23.69
CA ALA F 69 -13.70 -6.11 22.59
C ALA F 69 -14.35 -5.57 21.33
N THR F 70 -13.68 -4.65 20.60
CA THR F 70 -14.12 -4.18 19.28
C THR F 70 -13.40 -4.94 18.15
N LEU F 71 -14.12 -5.18 17.07
CA LEU F 71 -13.66 -5.86 15.83
C LEU F 71 -14.18 -5.06 14.64
N PHE F 72 -13.41 -4.06 14.22
CA PHE F 72 -13.77 -3.20 13.07
C PHE F 72 -13.00 -3.72 11.85
N TYR F 73 -13.70 -4.40 10.95
CA TYR F 73 -13.13 -4.96 9.69
C TYR F 73 -13.27 -3.93 8.59
N GLU F 74 -14.05 -2.89 8.87
CA GLU F 74 -14.24 -1.73 7.96
C GLU F 74 -14.03 -0.46 8.77
N PRO F 75 -13.69 0.66 8.10
CA PRO F 75 -13.54 1.94 8.79
C PRO F 75 -14.83 2.49 9.42
N SER F 76 -14.68 3.22 10.52
CA SER F 76 -15.75 3.81 11.35
C SER F 76 -15.17 5.00 12.13
N THR F 77 -15.89 6.11 12.17
CA THR F 77 -15.65 7.19 13.15
C THR F 77 -16.76 7.19 14.24
N ARG F 78 -18.01 7.44 13.86
CA ARG F 78 -19.14 7.57 14.84
C ARG F 78 -19.37 6.25 15.60
N THR F 79 -19.49 5.13 14.89
CA THR F 79 -19.91 3.88 15.55
C THR F 79 -18.80 3.42 16.48
N ARG F 80 -17.59 3.34 15.94
CA ARG F 80 -16.39 2.98 16.71
C ARG F 80 -16.25 3.87 17.97
N LEU F 81 -16.23 5.18 17.83
CA LEU F 81 -15.87 6.06 18.99
C LEU F 81 -17.08 6.13 19.96
N SER F 82 -18.31 6.09 19.46
CA SER F 82 -19.49 6.14 20.37
C SER F 82 -19.53 4.89 21.24
N PHE F 83 -19.22 3.70 20.70
CA PHE F 83 -19.23 2.46 21.50
C PHE F 83 -18.19 2.57 22.58
N GLU F 84 -17.01 3.08 22.21
CA GLU F 84 -15.86 3.06 23.14
C GLU F 84 -16.15 4.09 24.24
N SER F 85 -16.64 5.24 23.83
CA SER F 85 -17.02 6.34 24.76
C SER F 85 -18.14 5.83 25.68
N ALA F 86 -19.15 5.17 25.12
CA ALA F 86 -20.27 4.56 25.90
C ALA F 86 -19.76 3.67 27.01
N MET F 87 -18.83 2.75 26.70
CA MET F 87 -18.28 1.80 27.69
C MET F 87 -17.53 2.58 28.78
N LYS F 88 -16.71 3.58 28.40
CA LYS F 88 -15.82 4.28 29.35
C LYS F 88 -16.63 5.22 30.28
N ARG F 89 -17.65 5.87 29.74
CA ARG F 89 -18.60 6.71 30.52
C ARG F 89 -19.27 5.84 31.59
N LEU F 90 -19.50 4.54 31.31
CA LEU F 90 -20.15 3.62 32.28
C LEU F 90 -19.10 2.97 33.16
N GLY F 91 -17.81 3.37 33.06
CA GLY F 91 -16.72 2.86 33.90
C GLY F 91 -16.17 1.52 33.44
N GLY F 92 -16.57 1.05 32.27
CA GLY F 92 -16.06 -0.22 31.69
C GLY F 92 -14.75 0.01 30.92
N GLU F 93 -14.12 -1.06 30.41
CA GLU F 93 -12.85 -0.94 29.65
C GLU F 93 -13.06 -1.50 28.24
N VAL F 94 -12.14 -1.13 27.34
CA VAL F 94 -12.28 -1.49 25.90
C VAL F 94 -10.95 -2.06 25.43
N LEU F 95 -11.05 -3.11 24.64
CA LEU F 95 -9.92 -3.77 23.94
C LEU F 95 -10.18 -3.53 22.46
N THR F 96 -9.45 -2.61 21.84
CA THR F 96 -9.79 -2.22 20.44
C THR F 96 -9.03 -3.10 19.43
N THR F 97 -9.73 -3.46 18.37
CA THR F 97 -9.13 -3.99 17.12
C THR F 97 -9.75 -3.17 15.99
N GLU F 98 -9.05 -2.11 15.59
CA GLU F 98 -9.50 -0.95 14.76
C GLU F 98 -9.33 -1.29 13.29
N ASN F 99 -8.47 -2.24 12.92
CA ASN F 99 -8.44 -2.72 11.51
C ASN F 99 -8.12 -4.22 11.45
N ALA F 100 -9.15 -5.06 11.60
CA ALA F 100 -9.05 -6.52 11.85
C ALA F 100 -8.55 -7.26 10.61
N ARG F 101 -8.85 -6.78 9.41
CA ARG F 101 -8.41 -7.42 8.14
C ARG F 101 -6.87 -7.39 8.02
N GLU F 102 -6.21 -6.35 8.55
CA GLU F 102 -4.74 -6.09 8.43
C GLU F 102 -4.03 -6.35 9.78
N PHE F 103 -4.54 -5.89 10.94
CA PHE F 103 -3.83 -5.85 12.26
C PHE F 103 -4.17 -7.08 13.17
N SER F 104 -5.20 -7.88 12.82
CA SER F 104 -5.57 -9.14 13.54
C SER F 104 -5.08 -10.37 12.75
N SER F 105 -5.25 -11.58 13.30
CA SER F 105 -4.90 -12.89 12.67
C SER F 105 -5.89 -13.27 11.56
N ALA F 106 -6.99 -12.51 11.42
CA ALA F 106 -7.83 -12.50 10.21
C ALA F 106 -6.96 -12.18 8.97
N ALA F 107 -5.86 -11.42 9.13
CA ALA F 107 -4.84 -11.15 8.07
C ALA F 107 -4.12 -12.44 7.65
N LYS F 108 -4.15 -13.49 8.47
CA LYS F 108 -3.54 -14.82 8.19
C LYS F 108 -4.63 -15.87 7.85
N GLY F 109 -5.88 -15.50 7.54
CA GLY F 109 -6.96 -16.42 7.04
C GLY F 109 -7.79 -17.13 8.14
N GLU F 110 -7.60 -16.76 9.40
CA GLU F 110 -8.44 -17.24 10.54
C GLU F 110 -9.93 -16.98 10.25
N THR F 111 -10.78 -17.99 10.43
CA THR F 111 -12.24 -17.83 10.24
C THR F 111 -12.80 -16.88 11.33
N LEU F 112 -13.92 -16.27 11.00
CA LEU F 112 -14.67 -15.41 11.94
C LEU F 112 -14.97 -16.20 13.21
N GLU F 113 -15.43 -17.45 13.09
CA GLU F 113 -15.79 -18.31 14.24
C GLU F 113 -14.60 -18.45 15.19
N ASP F 114 -13.38 -18.66 14.65
CA ASP F 114 -12.17 -18.87 15.49
C ASP F 114 -11.79 -17.54 16.16
N THR F 115 -11.99 -16.42 15.45
CA THR F 115 -11.76 -15.05 15.98
C THR F 115 -12.73 -14.82 17.15
N ILE F 116 -14.02 -15.12 16.97
CA ILE F 116 -15.01 -14.89 18.06
C ILE F 116 -14.67 -15.76 19.28
N ARG F 117 -14.37 -17.06 19.11
CA ARG F 117 -14.10 -17.95 20.26
C ARG F 117 -12.84 -17.48 20.98
N THR F 118 -11.85 -16.99 20.23
CA THR F 118 -10.58 -16.51 20.83
C THR F 118 -10.87 -15.24 21.69
N VAL F 119 -11.52 -14.27 21.09
CA VAL F 119 -11.72 -12.91 21.68
C VAL F 119 -12.62 -13.00 22.93
N GLU F 120 -13.59 -13.93 22.94
CA GLU F 120 -14.53 -14.07 24.08
C GLU F 120 -13.74 -14.52 25.32
N GLY F 121 -12.58 -15.14 25.14
CA GLY F 121 -11.65 -15.47 26.22
C GLY F 121 -11.22 -14.25 27.03
N TYR F 122 -11.24 -13.07 26.43
CA TYR F 122 -10.46 -11.89 26.92
C TYR F 122 -11.41 -10.78 27.34
N SER F 123 -12.69 -10.97 27.06
CA SER F 123 -13.71 -9.90 26.99
C SER F 123 -15.08 -10.41 27.49
N ASP F 124 -16.02 -9.50 27.74
CA ASP F 124 -17.36 -9.83 28.32
C ASP F 124 -18.42 -9.50 27.29
N ILE F 125 -18.11 -8.65 26.30
CA ILE F 125 -19.04 -8.27 25.20
C ILE F 125 -18.21 -7.94 23.94
N ILE F 126 -18.73 -8.27 22.77
CA ILE F 126 -18.01 -8.08 21.47
C ILE F 126 -18.84 -7.12 20.62
N VAL F 127 -18.22 -6.04 20.12
CA VAL F 127 -18.84 -5.11 19.15
C VAL F 127 -18.11 -5.28 17.81
N MET F 128 -18.83 -5.62 16.75
CA MET F 128 -18.17 -6.00 15.46
C MET F 128 -18.82 -5.28 14.32
N ARG F 129 -17.98 -4.64 13.49
CA ARG F 129 -18.38 -4.17 12.15
C ARG F 129 -17.64 -5.04 11.14
N HIS F 130 -18.34 -5.91 10.44
CA HIS F 130 -17.72 -6.87 9.48
C HIS F 130 -17.92 -6.31 8.07
N PHE F 131 -17.34 -6.96 7.06
CA PHE F 131 -17.46 -6.54 5.64
C PHE F 131 -18.49 -7.41 4.91
N GLU F 132 -18.97 -8.49 5.51
CA GLU F 132 -19.91 -9.47 4.89
C GLU F 132 -21.22 -9.56 5.69
N SER F 133 -22.34 -9.44 4.99
CA SER F 133 -23.72 -9.66 5.50
C SER F 133 -23.87 -11.08 6.04
N GLY F 134 -24.33 -11.23 7.27
CA GLY F 134 -24.47 -12.52 7.97
C GLY F 134 -23.36 -12.76 8.99
N ALA F 135 -22.28 -11.97 9.00
CA ALA F 135 -21.20 -12.14 9.98
C ALA F 135 -21.72 -11.99 11.43
N ALA F 136 -22.47 -10.92 11.71
CA ALA F 136 -22.94 -10.62 13.09
C ALA F 136 -23.75 -11.80 13.64
N ARG F 137 -24.70 -12.31 12.87
CA ARG F 137 -25.52 -13.50 13.25
C ARG F 137 -24.61 -14.70 13.51
N LYS F 138 -23.64 -14.95 12.62
CA LYS F 138 -22.67 -16.07 12.82
C LYS F 138 -21.92 -15.82 14.13
N ALA F 139 -21.49 -14.59 14.41
CA ALA F 139 -20.71 -14.29 15.64
C ALA F 139 -21.57 -14.53 16.89
N ALA F 140 -22.80 -14.05 16.89
CA ALA F 140 -23.79 -14.26 17.99
C ALA F 140 -23.97 -15.76 18.26
N ALA F 141 -24.18 -16.56 17.21
CA ALA F 141 -24.34 -18.04 17.33
C ALA F 141 -23.08 -18.65 17.95
N THR F 142 -21.88 -18.21 17.56
CA THR F 142 -20.61 -18.76 18.07
C THR F 142 -20.35 -18.37 19.52
N ALA F 143 -20.52 -17.10 19.90
CA ALA F 143 -20.03 -16.58 21.20
C ALA F 143 -20.99 -16.97 22.34
N ASN F 144 -20.47 -17.22 23.54
CA ASN F 144 -21.31 -17.39 24.75
C ASN F 144 -21.25 -16.10 25.58
N ILE F 145 -21.01 -14.97 24.91
CA ILE F 145 -21.09 -13.61 25.49
C ILE F 145 -21.85 -12.81 24.46
N PRO F 146 -22.46 -11.67 24.84
CA PRO F 146 -23.24 -10.89 23.88
C PRO F 146 -22.36 -10.27 22.78
N VAL F 147 -22.96 -10.19 21.61
CA VAL F 147 -22.40 -9.59 20.38
C VAL F 147 -23.32 -8.44 20.00
N ILE F 148 -22.74 -7.28 19.74
CA ILE F 148 -23.47 -6.17 19.08
C ILE F 148 -22.90 -5.99 17.68
N ASN F 149 -23.81 -6.02 16.72
CA ASN F 149 -23.61 -5.70 15.29
C ASN F 149 -23.47 -4.20 15.06
N ALA F 150 -22.25 -3.74 14.76
CA ALA F 150 -21.88 -2.32 14.50
C ALA F 150 -21.90 -1.98 12.99
N GLY F 151 -22.50 -2.83 12.17
CA GLY F 151 -22.62 -2.63 10.70
C GLY F 151 -22.12 -3.87 9.99
N ASP F 152 -22.99 -4.54 9.25
CA ASP F 152 -22.78 -5.95 8.85
C ASP F 152 -22.48 -5.93 7.36
N GLY F 153 -21.38 -5.26 6.98
CA GLY F 153 -21.04 -4.99 5.57
C GLY F 153 -22.21 -4.32 4.85
N PRO F 154 -22.75 -4.88 3.75
CA PRO F 154 -23.93 -4.28 3.13
C PRO F 154 -25.24 -4.74 3.80
N GLY F 155 -25.17 -5.48 4.90
CA GLY F 155 -26.34 -5.88 5.73
C GLY F 155 -26.78 -4.82 6.75
N GLU F 156 -27.21 -5.25 7.93
CA GLU F 156 -27.89 -4.36 8.90
C GLU F 156 -26.89 -3.57 9.75
N HIS F 157 -27.28 -2.34 10.09
CA HIS F 157 -26.64 -1.47 11.11
C HIS F 157 -27.70 -1.15 12.16
N PRO F 158 -28.06 -2.11 13.06
CA PRO F 158 -29.23 -1.92 13.91
C PRO F 158 -29.08 -0.75 14.90
N THR F 159 -27.89 -0.53 15.50
CA THR F 159 -27.72 0.58 16.48
C THR F 159 -27.92 1.94 15.78
N GLN F 160 -27.66 2.03 14.47
CA GLN F 160 -27.94 3.25 13.70
C GLN F 160 -29.46 3.42 13.61
N ALA F 161 -30.19 2.33 13.40
CA ALA F 161 -31.65 2.37 13.27
C ALA F 161 -32.25 2.85 14.59
N LEU F 162 -31.79 2.27 15.71
CA LEU F 162 -32.25 2.59 17.08
C LEU F 162 -31.97 4.06 17.38
N LEU F 163 -30.75 4.57 17.12
CA LEU F 163 -30.39 5.98 17.41
C LEU F 163 -31.19 6.89 16.48
N ASP F 164 -31.51 6.46 15.26
CA ASP F 164 -32.30 7.34 14.35
C ASP F 164 -33.74 7.45 14.88
N VAL F 165 -34.34 6.33 15.27
CA VAL F 165 -35.72 6.34 15.83
C VAL F 165 -35.70 7.13 17.15
N TYR F 166 -34.74 6.86 18.01
CA TYR F 166 -34.61 7.56 19.31
C TYR F 166 -34.53 9.07 19.08
N THR F 167 -33.82 9.49 18.03
CA THR F 167 -33.58 10.92 17.72
C THR F 167 -34.95 11.53 17.37
N ILE F 168 -35.75 10.82 16.56
CA ILE F 168 -37.09 11.34 16.14
C ILE F 168 -37.96 11.48 17.39
N GLN F 169 -37.95 10.48 18.29
CA GLN F 169 -38.74 10.51 19.55
C GLN F 169 -38.34 11.73 20.35
N SER F 170 -37.03 11.98 20.45
N SER F 170 -37.03 11.99 20.44
CA SER F 170 -36.42 13.05 21.28
CA SER F 170 -36.42 13.06 21.29
C SER F 170 -36.79 14.44 20.74
C SER F 170 -36.77 14.45 20.74
N GLU F 171 -36.72 14.62 19.42
CA GLU F 171 -36.84 15.95 18.78
C GLU F 171 -38.31 16.29 18.49
N ILE F 172 -39.11 15.32 18.05
CA ILE F 172 -40.53 15.55 17.64
C ILE F 172 -41.45 15.26 18.83
N GLY F 173 -41.02 14.47 19.81
CA GLY F 173 -41.76 14.23 21.06
C GLY F 173 -42.62 12.98 21.01
N LYS F 174 -42.74 12.39 19.82
CA LYS F 174 -43.62 11.22 19.54
C LYS F 174 -43.11 10.47 18.29
N LEU F 175 -43.51 9.20 18.16
CA LEU F 175 -43.33 8.35 16.95
C LEU F 175 -44.70 8.05 16.32
N ASP F 176 -45.75 7.79 17.13
CA ASP F 176 -47.13 7.56 16.59
C ASP F 176 -47.55 8.87 15.94
N GLY F 177 -47.95 8.83 14.67
CA GLY F 177 -48.63 9.93 13.96
C GLY F 177 -47.70 10.97 13.36
N ILE F 178 -46.52 10.57 12.86
CA ILE F 178 -45.51 11.52 12.31
C ILE F 178 -45.39 11.33 10.80
N SER F 179 -44.89 12.34 10.11
CA SER F 179 -44.49 12.29 8.69
C SER F 179 -42.95 12.31 8.62
N VAL F 180 -42.33 11.33 7.95
CA VAL F 180 -40.84 11.23 7.74
C VAL F 180 -40.56 11.11 6.25
N ALA F 181 -39.71 11.98 5.70
CA ALA F 181 -39.14 11.86 4.34
C ALA F 181 -37.77 11.17 4.41
N LEU F 182 -37.64 10.04 3.70
CA LEU F 182 -36.36 9.31 3.49
C LEU F 182 -35.85 9.69 2.12
N VAL F 183 -34.68 10.30 2.04
CA VAL F 183 -34.20 11.01 0.81
C VAL F 183 -32.85 10.41 0.39
N GLY F 184 -32.60 10.28 -0.93
CA GLY F 184 -31.31 9.87 -1.50
C GLY F 184 -31.40 8.50 -2.20
N ASP F 185 -30.42 7.63 -1.96
CA ASP F 185 -30.33 6.29 -2.58
C ASP F 185 -31.21 5.32 -1.80
N LEU F 186 -32.49 5.24 -2.13
CA LEU F 186 -33.42 4.40 -1.31
C LEU F 186 -33.24 2.93 -1.69
N ALA F 187 -32.96 2.63 -2.95
CA ALA F 187 -32.83 1.27 -3.50
C ALA F 187 -31.80 0.48 -2.69
N ASN F 188 -30.64 1.11 -2.49
CA ASN F 188 -29.41 0.47 -1.96
C ASN F 188 -29.20 0.96 -0.52
N GLY F 189 -30.09 1.81 0.01
CA GLY F 189 -29.81 2.56 1.26
C GLY F 189 -30.07 1.74 2.49
N ARG F 190 -29.03 1.26 3.17
CA ARG F 190 -29.14 0.37 4.34
C ARG F 190 -29.86 1.11 5.49
N THR F 191 -29.53 2.37 5.74
CA THR F 191 -30.03 3.14 6.91
C THR F 191 -31.51 3.51 6.65
N VAL F 192 -31.86 3.95 5.44
CA VAL F 192 -33.26 4.36 5.12
C VAL F 192 -34.20 3.13 5.18
N ARG F 193 -33.73 1.96 4.74
CA ARG F 193 -34.50 0.68 4.79
C ARG F 193 -34.72 0.29 6.25
N SER F 194 -33.69 0.36 7.08
CA SER F 194 -33.80 -0.06 8.50
C SER F 194 -34.66 0.96 9.26
N LEU F 195 -34.63 2.22 8.85
CA LEU F 195 -35.43 3.27 9.52
C LEU F 195 -36.91 3.05 9.18
N ALA F 196 -37.25 2.82 7.92
CA ALA F 196 -38.64 2.47 7.51
C ALA F 196 -39.08 1.24 8.31
N TYR F 197 -38.21 0.23 8.44
CA TYR F 197 -38.59 -1.04 9.11
C TYR F 197 -39.06 -0.71 10.53
N LEU F 198 -38.29 0.06 11.31
CA LEU F 198 -38.60 0.30 12.74
C LEU F 198 -39.80 1.26 12.86
N LEU F 199 -39.92 2.26 11.99
CA LEU F 199 -41.02 3.25 12.06
C LEU F 199 -42.38 2.54 11.88
N ALA F 200 -42.44 1.49 11.07
CA ALA F 200 -43.72 0.84 10.72
C ALA F 200 -44.28 0.09 11.96
N LYS F 201 -43.55 0.09 13.07
CA LYS F 201 -44.04 -0.53 14.31
C LYS F 201 -44.91 0.47 15.11
N PHE F 202 -45.06 1.71 14.63
CA PHE F 202 -45.84 2.79 15.30
C PHE F 202 -47.08 3.07 14.46
N LYS F 203 -48.05 3.79 15.05
CA LYS F 203 -49.40 4.04 14.46
C LYS F 203 -49.37 5.30 13.60
N ASP F 204 -50.11 5.30 12.50
CA ASP F 204 -50.44 6.53 11.74
C ASP F 204 -49.16 7.24 11.32
N VAL F 205 -48.12 6.49 10.95
CA VAL F 205 -46.87 7.06 10.36
C VAL F 205 -47.10 7.16 8.85
N LYS F 206 -46.79 8.30 8.25
CA LYS F 206 -46.67 8.45 6.77
C LYS F 206 -45.17 8.56 6.46
N ILE F 207 -44.70 7.81 5.45
CA ILE F 207 -43.30 7.85 4.93
C ILE F 207 -43.34 8.34 3.49
N TYR F 208 -42.57 9.37 3.17
CA TYR F 208 -42.32 9.86 1.80
C TYR F 208 -40.96 9.31 1.36
N PHE F 209 -40.96 8.56 0.27
CA PHE F 209 -39.73 8.06 -0.41
C PHE F 209 -39.35 9.09 -1.47
N VAL F 210 -38.32 9.92 -1.21
CA VAL F 210 -37.89 11.01 -2.13
C VAL F 210 -36.55 10.64 -2.75
N SER F 211 -36.50 10.53 -4.08
CA SER F 211 -35.33 9.98 -4.80
C SER F 211 -35.52 10.13 -6.30
N PRO F 212 -34.43 10.12 -7.11
CA PRO F 212 -34.60 9.89 -8.53
C PRO F 212 -35.26 8.51 -8.67
N GLU F 213 -35.99 8.31 -9.76
N GLU F 213 -35.98 8.28 -9.76
CA GLU F 213 -36.64 7.03 -10.18
CA GLU F 213 -36.65 6.98 -10.07
C GLU F 213 -35.61 5.89 -10.15
C GLU F 213 -35.59 5.86 -10.11
N ILE F 214 -34.40 6.14 -10.68
CA ILE F 214 -33.32 5.11 -10.84
C ILE F 214 -32.92 4.51 -9.50
N VAL F 215 -33.04 5.22 -8.36
CA VAL F 215 -32.73 4.64 -7.02
C VAL F 215 -33.96 4.66 -6.09
N LYS F 216 -35.18 4.52 -6.63
CA LYS F 216 -36.40 4.42 -5.78
C LYS F 216 -36.34 3.20 -4.85
N MET F 217 -37.09 3.26 -3.76
CA MET F 217 -37.18 2.19 -2.75
C MET F 217 -37.69 0.89 -3.41
N LYS F 218 -37.19 -0.25 -2.96
CA LYS F 218 -37.52 -1.58 -3.54
C LYS F 218 -38.90 -2.00 -3.03
N ASP F 219 -39.52 -2.95 -3.72
CA ASP F 219 -40.90 -3.40 -3.44
C ASP F 219 -40.96 -4.04 -2.04
N ASP F 220 -39.91 -4.72 -1.59
CA ASP F 220 -39.98 -5.51 -0.35
C ASP F 220 -40.34 -4.58 0.83
N ILE F 221 -39.81 -3.34 0.86
CA ILE F 221 -40.07 -2.37 1.97
C ILE F 221 -41.45 -1.70 1.75
N LYS F 222 -41.78 -1.33 0.52
CA LYS F 222 -43.15 -0.82 0.21
C LYS F 222 -44.23 -1.82 0.66
N ASP F 223 -44.09 -3.11 0.28
CA ASP F 223 -45.06 -4.18 0.61
C ASP F 223 -45.18 -4.31 2.11
N TYR F 224 -44.06 -4.34 2.84
CA TYR F 224 -44.03 -4.46 4.33
C TYR F 224 -44.76 -3.27 4.96
N LEU F 225 -44.63 -2.08 4.35
CA LEU F 225 -45.22 -0.83 4.88
C LEU F 225 -46.75 -0.95 4.73
N THR F 226 -47.23 -1.12 3.49
CA THR F 226 -48.63 -1.49 3.15
C THR F 226 -49.13 -2.52 4.18
N SER F 227 -48.50 -3.69 4.28
CA SER F 227 -48.90 -4.78 5.22
C SER F 227 -48.95 -4.26 6.67
N SER F 228 -48.05 -3.34 7.04
CA SER F 228 -47.95 -2.81 8.42
C SER F 228 -48.98 -1.69 8.65
N GLY F 229 -49.76 -1.33 7.61
CA GLY F 229 -50.71 -0.20 7.65
C GLY F 229 -49.99 1.13 7.75
N VAL F 230 -48.79 1.24 7.16
CA VAL F 230 -48.09 2.53 7.03
C VAL F 230 -48.45 3.13 5.68
N GLU F 231 -48.92 4.37 5.67
CA GLU F 231 -49.13 5.14 4.42
C GLU F 231 -47.76 5.52 3.87
N TRP F 232 -47.63 5.51 2.55
CA TRP F 232 -46.37 5.88 1.86
C TRP F 232 -46.68 6.45 0.49
N GLU F 233 -45.80 7.34 0.04
CA GLU F 233 -45.85 8.08 -1.24
C GLU F 233 -44.41 8.14 -1.78
N GLU F 234 -44.25 8.00 -3.11
CA GLU F 234 -42.99 8.21 -3.87
C GLU F 234 -43.03 9.59 -4.50
N SER F 235 -41.88 10.27 -4.50
CA SER F 235 -41.72 11.57 -5.16
C SER F 235 -40.27 11.77 -5.59
N SER F 236 -40.07 12.55 -6.64
CA SER F 236 -38.76 13.14 -7.01
C SER F 236 -38.76 14.66 -6.74
N ASP F 237 -39.74 15.18 -5.99
CA ASP F 237 -39.84 16.63 -5.65
C ASP F 237 -39.56 16.83 -4.15
N LEU F 238 -38.35 17.21 -3.79
CA LEU F 238 -37.95 17.27 -2.36
C LEU F 238 -38.57 18.52 -1.73
N MET F 239 -38.63 19.60 -2.51
CA MET F 239 -39.23 20.91 -2.11
C MET F 239 -40.70 20.72 -1.68
N GLU F 240 -41.49 19.97 -2.46
CA GLU F 240 -42.92 19.68 -2.20
C GLU F 240 -43.06 18.84 -0.91
N VAL F 241 -42.27 17.76 -0.79
CA VAL F 241 -42.37 16.82 0.37
C VAL F 241 -41.92 17.52 1.67
N ALA F 242 -40.78 18.20 1.66
CA ALA F 242 -40.12 18.72 2.89
C ALA F 242 -41.09 19.60 3.69
N SER F 243 -41.95 20.36 3.01
CA SER F 243 -42.95 21.27 3.63
C SER F 243 -44.02 20.50 4.42
N LYS F 244 -44.18 19.18 4.23
CA LYS F 244 -45.26 18.35 4.84
C LYS F 244 -44.73 17.45 5.96
N CYS F 245 -43.42 17.40 6.21
CA CYS F 245 -42.79 16.38 7.09
C CYS F 245 -42.30 16.96 8.42
N ASP F 246 -42.43 16.15 9.48
CA ASP F 246 -41.75 16.32 10.79
C ASP F 246 -40.23 16.09 10.64
N VAL F 247 -39.82 15.14 9.81
CA VAL F 247 -38.39 14.70 9.70
C VAL F 247 -38.00 14.66 8.22
N VAL F 248 -36.82 15.19 7.91
CA VAL F 248 -36.17 14.99 6.60
C VAL F 248 -34.86 14.23 6.86
N TYR F 249 -34.84 12.94 6.51
CA TYR F 249 -33.70 12.04 6.73
C TYR F 249 -32.94 11.93 5.42
N GLN F 250 -31.74 12.52 5.39
CA GLN F 250 -30.96 12.74 4.16
C GLN F 250 -29.83 11.71 4.13
N THR F 251 -29.56 11.18 2.95
CA THR F 251 -28.43 10.27 2.62
C THR F 251 -27.91 10.62 1.22
N ARG F 252 -26.70 10.17 0.91
CA ARG F 252 -25.98 10.47 -0.34
C ARG F 252 -26.53 9.59 -1.48
N ILE F 253 -26.46 10.11 -2.71
CA ILE F 253 -26.58 9.36 -3.99
C ILE F 253 -25.22 9.40 -4.68
N GLN F 254 -24.54 8.26 -4.78
CA GLN F 254 -23.24 8.17 -5.48
C GLN F 254 -23.53 8.20 -6.99
N ARG F 255 -22.74 8.97 -7.74
CA ARG F 255 -22.78 9.01 -9.23
C ARG F 255 -22.72 7.59 -9.82
N GLU F 256 -21.99 6.65 -9.22
CA GLU F 256 -21.88 5.23 -9.68
C GLU F 256 -23.28 4.63 -9.93
N ARG F 257 -24.30 4.96 -9.11
CA ARG F 257 -25.68 4.38 -9.20
C ARG F 257 -26.35 4.73 -10.53
N PHE F 258 -25.92 5.77 -11.22
CA PHE F 258 -26.48 6.15 -12.54
C PHE F 258 -25.86 5.32 -13.68
N GLY F 259 -24.79 4.56 -13.43
CA GLY F 259 -24.16 3.75 -14.50
C GLY F 259 -23.82 4.61 -15.70
N GLU F 260 -24.24 4.21 -16.90
CA GLU F 260 -24.02 5.01 -18.14
C GLU F 260 -25.12 6.06 -18.31
N ARG F 261 -26.13 6.11 -17.44
CA ARG F 261 -27.31 7.01 -17.62
C ARG F 261 -26.95 8.41 -17.10
N LEU F 262 -26.13 9.13 -17.87
CA LEU F 262 -25.60 10.46 -17.45
C LEU F 262 -26.66 11.53 -17.72
N ASP F 263 -27.63 11.24 -18.60
CA ASP F 263 -28.84 12.08 -18.80
C ASP F 263 -29.63 12.14 -17.49
N LEU F 264 -29.78 11.02 -16.78
CA LEU F 264 -30.54 10.93 -15.51
C LEU F 264 -29.74 11.52 -14.34
N TYR F 265 -28.41 11.39 -14.37
CA TYR F 265 -27.51 12.03 -13.38
C TYR F 265 -27.68 13.56 -13.46
N GLU F 266 -27.59 14.14 -14.65
CA GLU F 266 -27.83 15.59 -14.91
C GLU F 266 -29.22 16.01 -14.41
N ALA F 267 -30.26 15.28 -14.80
CA ALA F 267 -31.66 15.51 -14.35
C ALA F 267 -31.72 15.63 -12.82
N ALA F 268 -30.98 14.81 -12.05
CA ALA F 268 -31.05 14.80 -10.57
C ALA F 268 -30.21 15.94 -9.95
N ARG F 269 -29.35 16.59 -10.74
CA ARG F 269 -28.32 17.53 -10.22
C ARG F 269 -29.02 18.68 -9.48
N GLY F 270 -28.75 18.84 -8.17
CA GLY F 270 -29.22 19.95 -7.33
C GLY F 270 -30.68 19.79 -6.91
N LYS F 271 -31.25 18.58 -7.04
CA LYS F 271 -32.68 18.31 -6.79
C LYS F 271 -32.84 17.52 -5.50
N PHE F 272 -31.75 16.96 -4.94
CA PHE F 272 -31.84 16.13 -3.71
C PHE F 272 -30.85 16.64 -2.66
N ILE F 273 -30.76 17.97 -2.54
CA ILE F 273 -29.82 18.72 -1.65
C ILE F 273 -30.63 19.33 -0.50
N VAL F 274 -30.18 19.19 0.74
CA VAL F 274 -30.71 20.04 1.85
C VAL F 274 -29.87 21.31 1.90
N ASP F 275 -30.48 22.45 1.49
CA ASP F 275 -29.85 23.79 1.51
C ASP F 275 -30.79 24.76 2.23
N LYS F 276 -30.45 26.04 2.29
CA LYS F 276 -31.24 27.09 3.01
C LYS F 276 -32.64 27.19 2.40
N ASP F 277 -32.74 27.12 1.06
CA ASP F 277 -34.04 27.17 0.32
C ASP F 277 -34.96 26.04 0.81
N LEU F 278 -34.45 24.82 1.02
CA LEU F 278 -35.32 23.70 1.48
C LEU F 278 -35.81 24.00 2.90
N LEU F 279 -34.90 24.44 3.76
CA LEU F 279 -35.23 24.85 5.15
C LEU F 279 -36.32 25.93 5.10
N GLY F 280 -36.18 26.84 4.12
CA GLY F 280 -37.11 27.94 3.81
C GLY F 280 -38.55 27.47 3.71
N VAL F 281 -38.80 26.22 3.30
CA VAL F 281 -40.20 25.75 3.07
C VAL F 281 -40.60 24.78 4.15
N MET F 282 -39.68 24.45 5.07
CA MET F 282 -39.96 23.42 6.11
C MET F 282 -40.69 24.08 7.30
N GLN F 283 -41.49 23.30 8.03
CA GLN F 283 -42.16 23.75 9.28
C GLN F 283 -41.07 24.12 10.30
N LYS F 284 -41.39 25.04 11.21
CA LYS F 284 -40.49 25.56 12.28
C LYS F 284 -39.94 24.43 13.15
N LYS F 285 -40.75 23.39 13.41
CA LYS F 285 -40.40 22.34 14.41
C LYS F 285 -40.10 21.00 13.71
N ALA F 286 -39.77 21.04 12.41
CA ALA F 286 -39.27 19.86 11.65
C ALA F 286 -37.74 19.80 11.81
N ILE F 287 -37.13 18.63 11.59
CA ILE F 287 -35.66 18.40 11.74
C ILE F 287 -35.08 17.86 10.45
N ILE F 288 -33.82 18.19 10.20
CA ILE F 288 -32.91 17.53 9.23
C ILE F 288 -32.11 16.48 10.00
N MET F 289 -32.15 15.22 9.55
CA MET F 289 -31.32 14.13 10.07
C MET F 289 -30.39 13.64 8.94
N HIS F 290 -29.30 13.01 9.32
CA HIS F 290 -28.28 12.42 8.39
C HIS F 290 -27.44 11.46 9.22
N PRO F 291 -27.29 10.17 8.81
CA PRO F 291 -26.52 9.22 9.61
C PRO F 291 -25.03 9.62 9.72
N LEU F 292 -24.56 10.41 8.77
CA LEU F 292 -23.17 10.90 8.58
C LEU F 292 -22.25 9.73 8.17
N PRO F 293 -21.10 9.99 7.50
CA PRO F 293 -20.68 11.34 7.13
C PRO F 293 -21.48 11.91 5.96
N ARG F 294 -21.56 13.22 5.85
CA ARG F 294 -22.15 13.94 4.69
C ARG F 294 -21.05 14.61 3.89
N LEU F 295 -21.26 14.72 2.59
CA LEU F 295 -20.50 15.60 1.68
C LEU F 295 -21.38 16.79 1.35
N ASP F 296 -21.64 17.06 0.08
CA ASP F 296 -22.31 18.30 -0.38
C ASP F 296 -23.85 18.16 -0.36
N GLU F 297 -24.42 17.04 0.11
CA GLU F 297 -25.90 16.82 0.10
C GLU F 297 -26.60 17.60 1.23
N ILE F 298 -25.87 18.04 2.27
CA ILE F 298 -26.34 19.09 3.21
C ILE F 298 -25.30 20.21 3.19
N THR F 299 -25.66 21.40 2.70
CA THR F 299 -24.73 22.56 2.61
C THR F 299 -24.39 23.03 4.03
N ALA F 300 -23.22 23.64 4.21
CA ALA F 300 -22.66 23.94 5.54
C ALA F 300 -23.52 24.97 6.28
N ASP F 301 -24.25 25.82 5.54
CA ASP F 301 -25.00 26.96 6.13
C ASP F 301 -26.30 26.45 6.75
N VAL F 302 -26.66 25.19 6.55
CA VAL F 302 -27.85 24.60 7.22
C VAL F 302 -27.44 24.34 8.69
N ASP F 303 -26.14 24.14 8.96
CA ASP F 303 -25.66 23.74 10.31
C ASP F 303 -26.17 24.68 11.39
N ALA F 304 -26.23 25.98 11.10
CA ALA F 304 -26.57 27.02 12.11
C ALA F 304 -28.06 26.98 12.46
N ASP F 305 -28.92 26.41 11.61
CA ASP F 305 -30.39 26.36 11.84
C ASP F 305 -30.70 25.40 13.00
N PRO F 306 -31.54 25.80 13.99
CA PRO F 306 -31.85 24.93 15.14
C PRO F 306 -32.38 23.55 14.75
N ARG F 307 -32.90 23.44 13.54
CA ARG F 307 -33.56 22.23 12.99
C ARG F 307 -32.53 21.23 12.46
N ALA F 308 -31.29 21.64 12.21
CA ALA F 308 -30.20 20.72 11.83
C ALA F 308 -29.91 19.82 13.03
N ALA F 309 -30.42 18.58 13.03
CA ALA F 309 -30.34 17.67 14.19
C ALA F 309 -29.20 16.64 14.06
N TYR F 310 -28.44 16.64 12.96
CA TYR F 310 -27.51 15.51 12.65
C TYR F 310 -26.37 15.41 13.68
N PHE F 311 -25.91 16.50 14.29
CA PHE F 311 -24.85 16.40 15.33
C PHE F 311 -25.48 15.97 16.66
N ARG F 312 -26.72 16.38 16.95
CA ARG F 312 -27.42 15.87 18.18
C ARG F 312 -27.71 14.37 17.99
N GLN F 313 -28.00 14.00 16.74
CA GLN F 313 -28.28 12.61 16.31
C GLN F 313 -27.05 11.75 16.63
N ALA F 314 -25.89 12.18 16.17
CA ALA F 314 -24.62 11.46 16.46
C ALA F 314 -24.44 11.35 17.98
N LYS F 315 -24.68 12.42 18.75
CA LYS F 315 -24.53 12.33 20.24
C LYS F 315 -25.55 11.34 20.81
N ASN F 316 -26.79 11.32 20.30
CA ASN F 316 -27.81 10.32 20.75
C ASN F 316 -27.31 8.88 20.56
N GLY F 317 -26.49 8.64 19.52
CA GLY F 317 -25.80 7.33 19.40
C GLY F 317 -25.07 6.97 20.66
N LEU F 318 -24.43 7.94 21.32
CA LEU F 318 -23.70 7.65 22.58
C LEU F 318 -24.67 7.08 23.64
N PHE F 319 -25.84 7.72 23.84
CA PHE F 319 -26.82 7.36 24.90
C PHE F 319 -27.43 5.97 24.61
N ILE F 320 -27.77 5.74 23.36
CA ILE F 320 -28.37 4.48 22.86
C ILE F 320 -27.38 3.36 23.10
N ARG F 321 -26.09 3.59 22.80
CA ARG F 321 -25.09 2.51 22.91
C ARG F 321 -24.78 2.29 24.39
N MET F 322 -24.81 3.35 25.18
N MET F 322 -24.81 3.34 25.20
CA MET F 322 -24.72 3.25 26.66
CA MET F 322 -24.69 3.20 26.68
C MET F 322 -25.83 2.31 27.15
C MET F 322 -25.84 2.28 27.16
N ALA F 323 -27.05 2.50 26.66
CA ALA F 323 -28.25 1.73 27.04
C ALA F 323 -28.05 0.24 26.71
N LEU F 324 -27.62 -0.03 25.48
CA LEU F 324 -27.47 -1.43 24.98
C LEU F 324 -26.38 -2.13 25.76
N LEU F 325 -25.25 -1.47 26.03
CA LEU F 325 -24.16 -2.13 26.79
C LEU F 325 -24.71 -2.41 28.19
N LYS F 326 -25.42 -1.44 28.77
CA LYS F 326 -25.87 -1.61 30.18
C LYS F 326 -26.89 -2.77 30.20
N LEU F 327 -27.83 -2.78 29.28
CA LEU F 327 -28.90 -3.82 29.27
C LEU F 327 -28.28 -5.20 29.06
N LEU F 328 -27.33 -5.34 28.13
CA LEU F 328 -26.76 -6.67 27.79
C LEU F 328 -25.91 -7.18 28.93
N LEU F 329 -25.24 -6.33 29.68
CA LEU F 329 -24.28 -6.84 30.70
C LEU F 329 -24.92 -6.98 32.11
N VAL F 330 -25.79 -6.06 32.52
CA VAL F 330 -26.27 -5.98 33.94
C VAL F 330 -27.79 -6.00 34.04
N GLY F 331 -28.53 -5.87 32.95
CA GLY F 331 -29.99 -6.03 32.89
C GLY F 331 -30.70 -4.71 33.08
N TRP F 332 -32.05 -4.73 33.05
CA TRP F 332 -32.95 -3.56 33.31
C TRP F 332 -32.70 -3.00 34.73
#